data_6F0K
#
_entry.id   6F0K
#
_cell.length_a   1.0
_cell.length_b   1.0
_cell.length_c   1.0
_cell.angle_alpha   90.00
_cell.angle_beta   90.00
_cell.angle_gamma   90.00
#
_symmetry.space_group_name_H-M   'P 1'
#
loop_
_entity.id
_entity.type
_entity.pdbx_description
1 polymer 'Cytochrome c family protein'
2 polymer 'Fe-S-cluster-containing hydrogenase'
3 polymer 'Polysulphide reductase NrfD'
4 polymer ActD
5 polymer 'Quinol:cytochrome c oxidoreductase monoheme cytochrome subunit'
6 polymer ActF
7 polymer ActH
8 non-polymer 'HEME C'
9 non-polymer 'FE3-S4 CLUSTER'
10 non-polymer 'IRON/SULFUR CLUSTER'
#
loop_
_entity_poly.entity_id
_entity_poly.type
_entity_poly.pdbx_seq_one_letter_code
_entity_poly.pdbx_strand_id
1 'polypeptide(L)'
;MPQIFSRKTNRLPALSLAGSVFGGVLAVFLVWYYFSPEFYEVGYAPPYSHRIHVGKLGLDCRYCHNWVEVSDKANIPPTQ
TCINCHSQILTDSPRLQAVRDSWATDRSIEWVKVHHLPDYAHFSHASHVNNGVGCETCHGRIDQMDVVRLVEPLSMGWCL
ECHRQPELYLRPQSEITTMGYQPPADYIERNLERIRKEGIRPPTNCSACHY
;
A
2 'polypeptide(L)'
;MIELPVVNPDGAETPGSGKRLWRSTADLRRDPEWVKLAHDEFMPGVAEPPSGTSRRQFLQIMGASMALAGLTACRRPVEK
ILPYVRQPEEIIPGIPLYYATAMPFRGSVRPLLVESHEGRPTKIEGNPDHPLSRGATGVFEQASLLNLYDPDRSQQVLRK
GEPASWGDFVQFARSLAAEAGTKRLAVLCEPSSSPTLAALRRELERRYAQVRWVTYRPEGDDHEALGLQQAFGRPVRARY
RFSEARVIVSLDADFLGPTDRNFVENTREFAASRRMERPEDEISRLYVIESTYTVTGGMADHRLRLRAGDIPAFAAALAA
ELGVGELREAGARFAGHPYVVEIARDLRAAGARGVVLAGETQPPAVHALCAVINDLLGSLGRTVILHALDEPATAQHAAL
AELVQAMQAGAVDALLLLNVNPVYDAPAALGFAEALAQVPEVIHLGLHVDETARRSTWHLPSTHYLEAWGDGRAYDGTLS
VIQPLIAPLYEAAHSPLEVLALLATGEEQSAYDLVRNTWRRLLAGRGAFEQAWQRVLHDGFLPDSGYPTVSLRPNRQALA
DWPQAAEGGLEVVFRLDPTVLDGSFANNAWAQELPDPITKIVWDNVAILSPKTAAALGVKAEYHKGVYIADVIELSLDGR
AVELPVWVLPGHPDDSITVYLGYGREITSTRPERKTPFFDLDDYTDIYGHGAIATGVGVNVAPLRRPDNTWVAYGAQVRK
TGRTYKIVTTQDHGSMVGRPLVRLATVEEFRKNPDFAKEAEPPLEGLEPWDQYPTLWEENHPSKQPAFQDSDYYRNQWAM
VIDLNACTGCNACIVACDSENNIPMVGKNEVGRGREMHWLRIDRYFVSDEAHADDPQIVVQPVPCMHCENAPCESVCPVA
ATVHSPDGLNEMVYNRCIGTRYCSNNCPYKVRRFNWFNWVKTLPIQVQMAQNPDVTVRFRGVMEKCTYCVQRIREAQRQA
NIEKRPLRDGEVKTACQQACPAEAITFGDLNDPNNAVVKQRQNARRYEMLAALNVKPRTSYLARITNPNPRLLEQEPVA
;
B
3 'polypeptide(L)'
;MAHATKDLSALARTDEEVLVQGGLTFHDITELVAQHTEKKTPKAWWAAFSVAFLGMLTLVAMLAYQVWNGVGVWGNNIPV
GWGWPIVNFVFWVGIGHAGTLISAILFLFRQRWRTSINRAAEAMTIFAVICALIFPTFHVGRVWAIYWTLPIPNQMEMWP
QFKSPLLWDVFAVSSYFIVSLVFWYVGLIPDLATLRDRAALMGRRLRAKILGFFALGWCGANRHWRNYEKVYMLLAGLAT
PLVLSVHSVVSFDFAVSIIPGWHTTIFPPYFVAGAIFSGFAMVVTLMVIARKAYGLENVITIDHLEKMNIIMLVTGTMVG
FAYITEFFIAWYSGVPYEQYAFINRATGPYAWAYWTMMSCNLIFPQFFWIKKLRRNIPFMFIASIVVNIGMWFERFVITI
TSLHRDYLPSSWDYFVPTWVDVLTLIGSFGLFFTLFLLFLRFVPMVAIAEVKGVLPEADPHFYETHGDGHSRPAEVQVNR
GRSS
;
C
4 'polypeptide(L)'
;MLKELLRSLKASMGIYEARDGSIYGLLAEFSDPAALLHAARQVRKAGYRHFDAHSPFPIHGMDEAMGLGNSKVAFITFFT
GTIAGFALAWWMQWWMGAVDYPLNISGKPFFALPPSVPIIFELTILFSALAGVATMLALNGLPRPYNPLFYSKNFMRVTD
DGFFLFVAASDPKFDPTATRQLLEQLGGYNIEVIEDRGEEDVTPATAPAAEAAVTTS
;
D
5 'polypeptide(L)'
;MQNITAMPRTIWTGLLLGLLLAGCRGMISSKPPVHPNLNMDFQEKFEAQELNPFFADRRAMRPPVPGTVPRGLLKEDTPF
YFGKTADGAYVERIPVAVTPELVARGRERYNIYCAVCHGQAGDGQGIIMRGNYGYTPAPSFHDDRLRNVEDGYIFDVISH
GVRNMPAYGHQIPVADRWAIVAYVRALQRSQHATAADVPEEVRARLQGE
;
E
6 'polypeptide(L)'
;MAEVKANGFPGWLLDPLRPTREKAEPRYRLPEDVRIWAVPLAIGVGLLIVSLVGWAIDARQFYFSYLVGWTFCLTLALGS
LFFVMIQHLTRAQWVVAVRRLPEALVWTFPVLIVLFIPILFGLHDLYHWTHHELYDPSSPEYDPILAGKHAYLNVPFFLV
RIAFYFFIWTLLAYKLYTLSVRQDVDPDPSIPAQQRKVSAWGMPLYGVTVAFASYDFLMSLDPHWYSTIFGVYFFAGSFF
VALGFITTCYAILVRRGTLQGIVRAPHFQDLGKLMFGFTAFWAYIAFSQYMLIWYGNLPEETLWYRHRLEHGWEVLSQVL
IWGHFVLPFLILLPWAAKRTPVLVGTMGIWFAIIHWIDLFWVAMPVLHTEHMTFHWLDVTCWLGLFGVVVGLFFYRISRH
SLVPQNDPYLARSLALH
;
F
7 'polypeptide(L)'
;MKRYPGLIGLLVVLVSVAGCRFYGYPGGVALTLAQIEAASEQVAQDLEQALAELEALRLLARRDETLAPYVAQYEAILEA
HQQAVLEFEHWKEQVAAHPGDYRRANRTLGAITARHEALLQQYADVAWAVAQHVNPALLARAYTSSGPRFFFYVVPPQYA
RQVNEQAVPPLQVVRYLAAQLS
;
H
#
# COMPACT_ATOMS: atom_id res chain seq x y z
N PHE A 5 -4.35 -61.20 -5.12
CA PHE A 5 -4.91 -59.87 -4.97
C PHE A 5 -6.10 -59.67 -5.93
N SER A 6 -5.80 -59.34 -7.18
CA SER A 6 -6.81 -59.17 -8.21
C SER A 6 -6.12 -59.16 -9.57
N ARG A 7 -6.76 -59.77 -10.56
CA ARG A 7 -6.07 -60.13 -11.80
C ARG A 7 -6.25 -59.11 -12.91
N LYS A 8 -7.35 -58.34 -12.92
CA LYS A 8 -7.64 -57.44 -14.03
C LYS A 8 -7.70 -56.00 -13.55
N THR A 9 -6.69 -55.59 -12.81
CA THR A 9 -6.43 -54.17 -12.57
C THR A 9 -5.54 -53.55 -13.64
N ASN A 10 -5.33 -54.25 -14.76
CA ASN A 10 -4.81 -53.58 -15.95
C ASN A 10 -5.79 -52.55 -16.46
N ARG A 11 -7.09 -52.76 -16.19
CA ARG A 11 -8.13 -51.78 -16.47
C ARG A 11 -8.08 -50.59 -15.50
N LEU A 12 -7.33 -50.70 -14.39
CA LEU A 12 -7.37 -49.69 -13.35
C LEU A 12 -6.59 -48.43 -13.74
N PRO A 13 -5.45 -48.55 -14.43
CA PRO A 13 -4.86 -47.33 -15.01
C PRO A 13 -5.78 -46.61 -15.98
N ALA A 14 -6.73 -47.29 -16.61
CA ALA A 14 -7.65 -46.59 -17.50
C ALA A 14 -8.55 -45.63 -16.72
N LEU A 15 -9.32 -46.15 -15.77
CA LEU A 15 -10.17 -45.26 -14.97
C LEU A 15 -9.34 -44.26 -14.17
N SER A 16 -8.09 -44.61 -13.81
CA SER A 16 -7.20 -43.64 -13.21
C SER A 16 -6.81 -42.56 -14.21
N LEU A 17 -6.41 -42.96 -15.42
CA LEU A 17 -5.97 -42.02 -16.44
C LEU A 17 -7.16 -41.28 -17.03
N ALA A 18 -8.07 -42.02 -17.66
CA ALA A 18 -9.21 -41.43 -18.34
C ALA A 18 -10.03 -40.56 -17.40
N GLY A 19 -10.49 -41.09 -16.26
CA GLY A 19 -11.26 -40.26 -15.35
C GLY A 19 -10.48 -39.05 -14.86
N SER A 20 -9.15 -39.15 -14.78
CA SER A 20 -8.37 -37.96 -14.53
C SER A 20 -8.32 -37.03 -15.75
N VAL A 21 -8.23 -37.59 -16.96
CA VAL A 21 -8.29 -36.79 -18.18
C VAL A 21 -9.65 -36.13 -18.30
N PHE A 22 -10.71 -36.88 -18.02
CA PHE A 22 -12.05 -36.31 -18.00
C PHE A 22 -12.16 -35.24 -16.93
N GLY A 23 -11.36 -35.32 -15.87
CA GLY A 23 -11.31 -34.23 -14.89
C GLY A 23 -10.98 -32.89 -15.53
N GLY A 24 -10.10 -32.90 -16.53
CA GLY A 24 -9.80 -31.69 -17.27
C GLY A 24 -10.90 -31.34 -18.26
N VAL A 25 -11.42 -32.37 -18.94
CA VAL A 25 -12.46 -32.14 -19.93
C VAL A 25 -13.71 -31.57 -19.28
N LEU A 26 -14.14 -32.16 -18.17
CA LEU A 26 -15.29 -31.67 -17.44
C LEU A 26 -15.01 -30.33 -16.80
N ALA A 27 -13.73 -29.99 -16.58
CA ALA A 27 -13.43 -28.70 -15.99
C ALA A 27 -13.64 -27.57 -16.99
N VAL A 28 -13.05 -27.68 -18.17
CA VAL A 28 -12.96 -26.53 -19.06
C VAL A 28 -14.13 -26.43 -20.04
N PHE A 29 -14.75 -27.56 -20.43
CA PHE A 29 -15.95 -27.53 -21.24
C PHE A 29 -17.22 -27.47 -20.39
N LEU A 30 -17.11 -26.95 -19.17
CA LEU A 30 -18.24 -26.75 -18.27
C LEU A 30 -18.29 -25.35 -17.66
N VAL A 31 -17.25 -24.53 -17.85
CA VAL A 31 -17.05 -23.34 -17.02
C VAL A 31 -18.22 -22.36 -17.18
N TRP A 32 -18.37 -21.80 -18.38
CA TRP A 32 -19.37 -20.78 -18.69
C TRP A 32 -19.62 -19.81 -17.53
N TYR A 33 -18.51 -19.25 -17.01
CA TYR A 33 -18.51 -18.67 -15.67
C TYR A 33 -19.27 -17.35 -15.59
N TYR A 34 -19.13 -16.47 -16.58
CA TYR A 34 -19.90 -15.23 -16.63
C TYR A 34 -20.84 -15.21 -17.82
N PHE A 35 -21.33 -16.37 -18.23
CA PHE A 35 -22.39 -16.49 -19.21
C PHE A 35 -23.60 -17.23 -18.70
N SER A 36 -23.43 -18.19 -17.80
CA SER A 36 -24.56 -18.85 -17.18
C SER A 36 -25.14 -18.03 -16.03
N PRO A 37 -24.33 -17.53 -15.05
CA PRO A 37 -24.86 -16.72 -13.95
C PRO A 37 -24.85 -15.22 -14.23
N GLU A 38 -25.36 -14.82 -15.39
CA GLU A 38 -25.58 -13.41 -15.66
C GLU A 38 -26.99 -13.08 -16.14
N PHE A 39 -27.50 -13.83 -17.11
CA PHE A 39 -28.58 -13.36 -17.95
C PHE A 39 -29.93 -13.70 -17.31
N TYR A 40 -30.84 -12.73 -17.28
CA TYR A 40 -32.13 -12.96 -16.66
C TYR A 40 -33.14 -11.91 -17.12
N GLU A 41 -34.41 -12.31 -17.09
CA GLU A 41 -35.54 -11.47 -17.47
C GLU A 41 -36.40 -11.22 -16.22
N VAL A 42 -36.03 -10.19 -15.48
CA VAL A 42 -36.66 -9.91 -14.19
C VAL A 42 -38.07 -9.37 -14.41
N GLY A 43 -38.92 -9.61 -13.41
CA GLY A 43 -40.27 -9.07 -13.42
C GLY A 43 -40.33 -7.71 -12.74
N TYR A 44 -40.57 -6.69 -13.54
CA TYR A 44 -40.62 -5.33 -13.03
C TYR A 44 -41.88 -5.11 -12.20
N ALA A 45 -42.04 -3.88 -11.70
CA ALA A 45 -43.31 -3.49 -11.09
C ALA A 45 -44.37 -3.28 -12.16
N PRO A 46 -44.24 -2.32 -13.08
CA PRO A 46 -44.95 -2.42 -14.35
C PRO A 46 -44.03 -2.95 -15.44
N PRO A 47 -44.55 -3.66 -16.46
CA PRO A 47 -43.72 -3.97 -17.63
C PRO A 47 -43.62 -2.79 -18.59
N TYR A 48 -42.43 -2.22 -18.72
CA TYR A 48 -42.20 -1.10 -19.62
C TYR A 48 -42.44 -1.49 -21.06
N SER A 49 -41.88 -2.62 -21.47
CA SER A 49 -41.99 -3.10 -22.85
C SER A 49 -41.37 -2.11 -23.83
N HIS A 50 -40.04 -2.03 -23.76
CA HIS A 50 -39.26 -1.28 -24.74
C HIS A 50 -39.67 -1.57 -26.18
N ARG A 51 -40.15 -2.79 -26.45
CA ARG A 51 -40.77 -3.13 -27.72
C ARG A 51 -41.66 -2.03 -28.23
N ILE A 52 -42.53 -1.54 -27.38
CA ILE A 52 -43.63 -0.71 -27.84
C ILE A 52 -43.22 0.74 -27.94
N HIS A 53 -42.54 1.25 -26.92
CA HIS A 53 -42.07 2.61 -26.94
C HIS A 53 -41.03 2.85 -28.02
N VAL A 54 -40.31 1.80 -28.46
CA VAL A 54 -39.29 1.92 -29.47
C VAL A 54 -39.72 1.27 -30.77
N GLY A 55 -40.03 -0.02 -30.74
CA GLY A 55 -40.23 -0.81 -31.94
C GLY A 55 -41.41 -0.39 -32.77
N LYS A 56 -42.41 0.25 -32.18
CA LYS A 56 -43.54 0.76 -32.94
C LYS A 56 -44.01 2.13 -32.50
N LEU A 57 -43.22 2.84 -31.67
CA LEU A 57 -43.44 4.25 -31.43
C LEU A 57 -42.27 5.12 -31.86
N GLY A 58 -41.15 4.53 -32.24
CA GLY A 58 -40.10 5.29 -32.91
C GLY A 58 -39.41 6.30 -32.05
N LEU A 59 -39.34 6.07 -30.74
CA LEU A 59 -38.58 6.95 -29.87
C LEU A 59 -37.14 6.50 -29.83
N ASP A 60 -36.24 7.45 -29.98
CA ASP A 60 -34.85 7.22 -29.68
C ASP A 60 -34.67 7.23 -28.18
N CYS A 61 -33.44 6.99 -27.74
CA CYS A 61 -33.20 6.61 -26.38
C CYS A 61 -32.94 7.79 -25.47
N ARG A 62 -32.58 8.93 -26.03
CA ARG A 62 -32.28 10.10 -25.20
C ARG A 62 -33.53 10.73 -24.59
N TYR A 63 -34.73 10.27 -24.97
CA TYR A 63 -35.94 10.88 -24.45
C TYR A 63 -36.03 10.72 -22.95
N CYS A 64 -36.20 9.48 -22.50
CA CYS A 64 -36.40 9.18 -21.10
C CYS A 64 -35.17 8.63 -20.41
N HIS A 65 -34.17 8.19 -21.17
CA HIS A 65 -32.85 7.95 -20.61
C HIS A 65 -31.96 9.15 -20.83
N ASN A 66 -32.44 10.29 -20.39
CA ASN A 66 -31.69 11.52 -20.49
C ASN A 66 -30.44 11.42 -19.62
N TRP A 67 -29.53 12.34 -19.85
CA TRP A 67 -28.26 12.36 -19.15
C TRP A 67 -27.53 11.04 -19.33
N VAL A 68 -27.46 10.61 -20.58
CA VAL A 68 -26.50 9.61 -21.00
C VAL A 68 -25.44 10.19 -21.92
N GLU A 69 -25.70 11.36 -22.49
CA GLU A 69 -24.71 12.07 -23.30
C GLU A 69 -23.75 12.89 -22.47
N VAL A 70 -24.11 13.23 -21.24
CA VAL A 70 -23.35 14.19 -20.44
C VAL A 70 -23.00 13.68 -19.07
N SER A 71 -23.66 12.66 -18.56
CA SER A 71 -23.47 12.17 -17.21
C SER A 71 -22.74 10.85 -17.23
N ASP A 72 -22.50 10.35 -16.02
CA ASP A 72 -22.02 9.00 -15.78
C ASP A 72 -23.10 8.27 -14.99
N LYS A 73 -23.28 7.00 -15.31
CA LYS A 73 -24.36 6.20 -14.73
C LYS A 73 -25.70 6.86 -15.01
N ALA A 74 -26.02 6.90 -16.31
CA ALA A 74 -27.20 7.59 -16.80
C ALA A 74 -28.45 7.08 -16.12
N ASN A 75 -29.44 7.95 -16.02
CA ASN A 75 -30.58 7.69 -15.16
C ASN A 75 -31.66 6.91 -15.89
N ILE A 76 -32.22 5.95 -15.17
CA ILE A 76 -33.58 5.52 -15.40
C ILE A 76 -34.46 6.74 -15.28
N PRO A 77 -35.52 6.92 -16.06
CA PRO A 77 -36.29 8.14 -15.99
C PRO A 77 -36.99 8.30 -14.66
N PRO A 78 -37.45 9.51 -14.34
CA PRO A 78 -38.40 9.66 -13.25
C PRO A 78 -39.77 9.15 -13.65
N THR A 79 -40.75 9.29 -12.75
CA THR A 79 -42.13 9.04 -13.12
C THR A 79 -42.68 10.12 -14.04
N GLN A 80 -42.11 11.32 -13.95
CA GLN A 80 -42.62 12.46 -14.68
C GLN A 80 -42.66 12.21 -16.18
N THR A 81 -41.74 11.40 -16.68
CA THR A 81 -41.69 11.17 -18.12
C THR A 81 -42.94 10.47 -18.61
N CYS A 82 -43.39 9.45 -17.87
CA CYS A 82 -44.64 8.81 -18.23
C CYS A 82 -45.79 9.78 -18.13
N ILE A 83 -45.71 10.72 -17.19
CA ILE A 83 -46.77 11.70 -17.05
C ILE A 83 -46.79 12.71 -18.18
N ASN A 84 -45.74 12.75 -19.00
CA ASN A 84 -45.82 13.58 -20.20
C ASN A 84 -46.97 13.13 -21.11
N CYS A 85 -47.15 11.83 -21.24
CA CYS A 85 -48.08 11.24 -22.19
C CYS A 85 -49.10 10.33 -21.52
N HIS A 86 -48.70 9.55 -20.51
CA HIS A 86 -49.64 8.67 -19.81
C HIS A 86 -50.39 9.36 -18.71
N SER A 87 -50.47 10.69 -18.76
CA SER A 87 -51.47 11.40 -18.00
C SER A 87 -52.78 11.44 -18.75
N GLN A 88 -52.73 11.48 -20.08
CA GLN A 88 -53.90 11.73 -20.90
C GLN A 88 -53.93 10.95 -22.21
N ILE A 89 -53.18 9.85 -22.33
CA ILE A 89 -53.22 9.02 -23.53
C ILE A 89 -54.04 7.75 -23.31
N LEU A 90 -53.91 7.13 -22.14
CA LEU A 90 -54.50 5.83 -21.88
C LEU A 90 -55.53 5.89 -20.76
N THR A 91 -55.13 6.32 -19.57
CA THR A 91 -56.01 6.58 -18.41
C THR A 91 -56.98 5.42 -18.12
N ASP A 92 -56.64 4.20 -18.52
CA ASP A 92 -57.56 3.06 -18.41
C ASP A 92 -56.92 1.83 -17.78
N SER A 93 -55.65 1.56 -18.04
CA SER A 93 -55.11 0.23 -17.85
C SER A 93 -55.05 -0.15 -16.38
N PRO A 94 -55.30 -1.45 -16.03
CA PRO A 94 -54.89 -1.98 -14.72
C PRO A 94 -53.45 -2.51 -14.74
N ARG A 95 -52.54 -1.71 -15.31
CA ARG A 95 -51.13 -2.09 -15.42
C ARG A 95 -50.19 -1.05 -14.82
N LEU A 96 -50.60 0.21 -14.77
CA LEU A 96 -49.74 1.30 -14.31
C LEU A 96 -50.47 2.21 -13.35
N GLN A 97 -51.41 1.66 -12.58
CA GLN A 97 -52.02 2.43 -11.51
C GLN A 97 -51.00 2.79 -10.44
N ALA A 98 -49.90 2.05 -10.36
CA ALA A 98 -48.75 2.50 -9.58
C ALA A 98 -48.23 3.82 -10.11
N VAL A 99 -48.19 3.98 -11.43
CA VAL A 99 -47.63 5.20 -12.01
C VAL A 99 -48.51 6.40 -11.70
N ARG A 100 -49.79 6.32 -12.07
CA ARG A 100 -50.71 7.42 -11.84
C ARG A 100 -50.77 7.78 -10.36
N ASP A 101 -50.83 6.76 -9.49
CA ASP A 101 -50.79 7.06 -8.07
C ASP A 101 -49.47 7.67 -7.66
N SER A 102 -48.36 7.23 -8.27
CA SER A 102 -47.06 7.72 -7.88
C SER A 102 -46.90 9.20 -8.20
N TRP A 103 -47.37 9.62 -9.36
CA TRP A 103 -47.41 11.06 -9.65
C TRP A 103 -48.36 11.76 -8.71
N ALA A 104 -49.49 11.12 -8.39
CA ALA A 104 -50.41 11.66 -7.41
C ALA A 104 -49.96 11.44 -5.98
N THR A 105 -48.79 10.84 -5.77
CA THR A 105 -48.23 10.63 -4.44
C THR A 105 -46.74 10.91 -4.54
N ASP A 106 -45.96 10.41 -3.58
CA ASP A 106 -44.52 10.61 -3.54
C ASP A 106 -43.70 9.33 -3.62
N ARG A 107 -44.31 8.16 -3.45
CA ARG A 107 -43.58 6.91 -3.59
C ARG A 107 -43.21 6.72 -5.04
N SER A 108 -41.92 6.82 -5.35
CA SER A 108 -41.50 6.67 -6.73
C SER A 108 -41.68 5.23 -7.18
N ILE A 109 -41.53 5.04 -8.48
CA ILE A 109 -41.82 3.75 -9.08
C ILE A 109 -40.74 2.78 -8.69
N GLU A 110 -41.15 1.62 -8.18
CA GLU A 110 -40.24 0.64 -7.60
C GLU A 110 -39.57 -0.10 -8.74
N TRP A 111 -38.53 0.54 -9.30
CA TRP A 111 -37.80 -0.02 -10.43
C TRP A 111 -36.69 -0.94 -9.95
N VAL A 112 -36.69 -2.17 -10.45
CA VAL A 112 -35.54 -3.05 -10.36
C VAL A 112 -34.59 -2.61 -11.45
N LYS A 113 -33.36 -3.12 -11.41
CA LYS A 113 -32.37 -2.80 -12.43
C LYS A 113 -31.64 -4.05 -12.85
N VAL A 114 -30.85 -3.89 -13.90
CA VAL A 114 -29.98 -4.90 -14.43
C VAL A 114 -28.63 -4.26 -14.72
N HIS A 115 -27.70 -5.06 -15.22
CA HIS A 115 -26.36 -4.61 -15.57
C HIS A 115 -25.58 -4.08 -14.36
N HIS A 116 -26.04 -4.36 -13.15
CA HIS A 116 -25.46 -3.75 -11.96
C HIS A 116 -24.10 -4.37 -11.70
N LEU A 117 -23.13 -3.91 -12.47
CA LEU A 117 -21.75 -4.13 -12.09
C LEU A 117 -21.54 -3.48 -10.73
N PRO A 118 -20.55 -3.93 -9.96
CA PRO A 118 -20.44 -3.47 -8.59
C PRO A 118 -20.10 -2.00 -8.53
N ASP A 119 -20.35 -1.43 -7.35
CA ASP A 119 -20.09 -0.02 -7.11
C ASP A 119 -18.70 0.22 -6.56
N TYR A 120 -17.75 -0.67 -6.88
CA TYR A 120 -16.33 -0.39 -6.77
C TYR A 120 -15.65 -0.33 -8.12
N ALA A 121 -16.42 -0.32 -9.20
CA ALA A 121 -15.87 -0.25 -10.55
C ALA A 121 -16.78 0.71 -11.30
N HIS A 122 -16.43 1.98 -11.25
CA HIS A 122 -17.30 3.00 -11.78
C HIS A 122 -17.27 3.00 -13.30
N PHE A 123 -18.06 3.88 -13.89
CA PHE A 123 -18.41 3.81 -15.29
C PHE A 123 -19.02 5.13 -15.68
N SER A 124 -18.97 5.43 -16.97
CA SER A 124 -19.51 6.68 -17.48
C SER A 124 -19.94 6.46 -18.92
N HIS A 125 -21.24 6.56 -19.18
CA HIS A 125 -21.71 6.42 -20.54
C HIS A 125 -21.19 7.55 -21.39
N ALA A 126 -21.22 8.77 -20.88
CA ALA A 126 -20.83 9.92 -21.69
C ALA A 126 -19.40 9.80 -22.16
N SER A 127 -18.55 9.22 -21.33
CA SER A 127 -17.16 8.98 -21.71
C SER A 127 -17.09 8.04 -22.90
N HIS A 128 -18.08 7.17 -23.06
CA HIS A 128 -18.15 6.27 -24.20
C HIS A 128 -18.97 6.85 -25.35
N VAL A 129 -20.22 7.21 -25.06
CA VAL A 129 -21.17 7.61 -26.08
C VAL A 129 -20.64 8.78 -26.88
N ASN A 130 -20.14 9.82 -26.20
CA ASN A 130 -19.59 10.95 -26.92
C ASN A 130 -18.45 10.54 -27.83
N ASN A 131 -17.75 9.46 -27.47
CA ASN A 131 -16.65 8.95 -28.26
C ASN A 131 -17.04 7.80 -29.17
N GLY A 132 -18.34 7.58 -29.36
CA GLY A 132 -18.78 6.69 -30.41
C GLY A 132 -18.89 5.22 -30.07
N VAL A 133 -19.71 4.88 -29.08
CA VAL A 133 -20.04 3.50 -28.77
C VAL A 133 -21.54 3.39 -28.63
N GLY A 134 -22.09 2.31 -29.15
CA GLY A 134 -23.53 2.16 -29.27
C GLY A 134 -24.13 1.15 -28.32
N CYS A 135 -25.43 1.20 -28.18
CA CYS A 135 -26.12 0.39 -27.20
C CYS A 135 -26.36 -1.02 -27.69
N GLU A 136 -26.38 -1.21 -29.01
CA GLU A 136 -26.42 -2.56 -29.58
C GLU A 136 -25.26 -3.38 -29.07
N THR A 137 -24.08 -2.77 -28.97
CA THR A 137 -22.89 -3.51 -28.58
C THR A 137 -22.98 -3.99 -27.14
N CYS A 138 -23.48 -3.14 -26.25
CA CYS A 138 -23.27 -3.31 -24.81
C CYS A 138 -24.55 -3.64 -24.07
N HIS A 139 -25.64 -2.95 -24.31
CA HIS A 139 -26.92 -3.22 -23.67
C HIS A 139 -27.84 -4.08 -24.52
N GLY A 140 -27.39 -4.52 -25.67
CA GLY A 140 -28.17 -5.42 -26.48
C GLY A 140 -29.18 -4.69 -27.34
N ARG A 141 -29.69 -5.41 -28.32
CA ARG A 141 -30.68 -4.86 -29.24
C ARG A 141 -32.00 -4.83 -28.50
N ILE A 142 -32.36 -3.65 -27.99
CA ILE A 142 -33.53 -3.50 -27.13
C ILE A 142 -34.82 -3.32 -27.92
N ASP A 143 -34.74 -2.98 -29.22
CA ASP A 143 -35.91 -2.59 -29.98
C ASP A 143 -37.03 -3.64 -29.96
N GLN A 144 -36.66 -4.90 -29.80
CA GLN A 144 -37.63 -5.99 -29.63
C GLN A 144 -37.23 -6.69 -28.34
N MET A 145 -37.68 -6.14 -27.22
CA MET A 145 -37.32 -6.68 -25.91
C MET A 145 -38.38 -6.24 -24.90
N ASP A 146 -39.33 -7.13 -24.62
CA ASP A 146 -40.41 -6.79 -23.69
C ASP A 146 -39.89 -6.59 -22.29
N VAL A 147 -38.89 -7.38 -21.90
CA VAL A 147 -38.19 -7.22 -20.64
C VAL A 147 -36.74 -7.57 -20.89
N VAL A 148 -35.87 -7.06 -20.03
CA VAL A 148 -34.46 -6.97 -20.36
C VAL A 148 -33.79 -8.32 -20.16
N ARG A 149 -33.12 -8.80 -21.20
CA ARG A 149 -32.33 -10.03 -21.14
C ARG A 149 -30.92 -9.79 -20.62
N LEU A 150 -30.43 -8.56 -20.68
CA LEU A 150 -29.01 -8.22 -20.52
C LEU A 150 -28.12 -9.22 -21.25
N VAL A 151 -28.35 -9.29 -22.56
CA VAL A 151 -27.70 -10.29 -23.40
C VAL A 151 -26.18 -10.22 -23.34
N GLU A 152 -25.61 -9.08 -22.93
CA GLU A 152 -24.19 -8.99 -22.66
C GLU A 152 -23.92 -9.18 -21.17
N PRO A 153 -22.77 -9.73 -20.76
CA PRO A 153 -22.56 -9.94 -19.33
C PRO A 153 -22.34 -8.67 -18.56
N LEU A 154 -21.61 -7.73 -19.14
CA LEU A 154 -21.07 -6.57 -18.44
C LEU A 154 -20.24 -7.02 -17.24
N SER A 155 -19.24 -7.82 -17.58
CA SER A 155 -18.15 -8.15 -16.70
C SER A 155 -16.84 -7.63 -17.29
N MET A 156 -15.80 -7.73 -16.49
CA MET A 156 -14.54 -7.10 -16.86
C MET A 156 -13.92 -7.75 -18.08
N GLY A 157 -13.86 -9.07 -18.10
CA GLY A 157 -13.19 -9.76 -19.17
C GLY A 157 -13.76 -9.44 -20.53
N TRP A 158 -15.04 -9.08 -20.58
CA TRP A 158 -15.66 -8.59 -21.80
C TRP A 158 -15.64 -7.08 -21.87
N CYS A 159 -15.76 -6.40 -20.73
CA CYS A 159 -15.62 -4.95 -20.71
C CYS A 159 -14.30 -4.52 -21.31
N LEU A 160 -13.26 -5.32 -21.16
CA LEU A 160 -11.92 -4.95 -21.53
C LEU A 160 -11.56 -5.32 -22.97
N GLU A 161 -12.30 -6.24 -23.60
CA GLU A 161 -11.99 -6.61 -24.97
C GLU A 161 -12.10 -5.42 -25.90
N CYS A 162 -12.95 -4.47 -25.56
CA CYS A 162 -13.05 -3.26 -26.37
C CYS A 162 -11.89 -2.33 -26.08
N HIS A 163 -11.46 -2.25 -24.84
CA HIS A 163 -10.36 -1.35 -24.53
C HIS A 163 -9.02 -1.90 -24.99
N ARG A 164 -8.97 -3.15 -25.45
CA ARG A 164 -7.80 -3.68 -26.14
C ARG A 164 -8.02 -3.79 -27.64
N GLN A 165 -9.24 -4.11 -28.06
CA GLN A 165 -9.62 -4.23 -29.47
C GLN A 165 -10.83 -3.35 -29.70
N PRO A 166 -10.66 -2.03 -29.67
CA PRO A 166 -11.83 -1.15 -29.81
C PRO A 166 -12.41 -1.10 -31.19
N GLU A 167 -11.59 -0.99 -32.22
CA GLU A 167 -12.09 -0.57 -33.52
C GLU A 167 -13.02 -1.59 -34.17
N LEU A 168 -13.21 -2.75 -33.57
CA LEU A 168 -14.22 -3.68 -34.02
C LEU A 168 -15.64 -3.23 -33.68
N TYR A 169 -15.81 -2.23 -32.81
CA TYR A 169 -17.09 -1.91 -32.20
C TYR A 169 -17.55 -0.48 -32.42
N LEU A 170 -16.66 0.50 -32.34
CA LEU A 170 -17.05 1.89 -32.16
C LEU A 170 -17.82 2.42 -33.36
N ARG A 171 -18.78 3.30 -33.09
CA ARG A 171 -19.68 3.85 -34.07
C ARG A 171 -19.23 5.24 -34.52
N PRO A 172 -19.68 5.70 -35.70
CA PRO A 172 -19.23 7.00 -36.19
C PRO A 172 -19.88 8.20 -35.52
N GLN A 173 -20.77 7.99 -34.54
CA GLN A 173 -21.48 9.00 -33.77
C GLN A 173 -22.63 9.62 -34.55
N SER A 174 -22.76 9.33 -35.84
CA SER A 174 -23.92 9.79 -36.61
C SER A 174 -25.05 8.81 -36.36
N GLU A 175 -26.05 9.23 -35.58
CA GLU A 175 -27.20 8.40 -35.24
C GLU A 175 -26.71 7.12 -34.53
N ILE A 176 -26.12 7.33 -33.37
CA ILE A 176 -25.51 6.24 -32.62
C ILE A 176 -26.58 5.28 -32.10
N THR A 177 -27.72 5.80 -31.68
CA THR A 177 -28.79 4.98 -31.13
C THR A 177 -29.67 4.52 -32.28
N THR A 178 -29.17 3.52 -33.00
CA THR A 178 -29.88 2.91 -34.11
C THR A 178 -29.72 1.40 -34.00
N MET A 179 -30.74 0.75 -33.47
CA MET A 179 -30.67 -0.69 -33.24
C MET A 179 -30.57 -1.47 -34.54
N GLY A 180 -31.17 -0.97 -35.61
CA GLY A 180 -31.07 -1.60 -36.91
C GLY A 180 -29.88 -1.10 -37.71
N TYR A 181 -28.70 -1.12 -37.10
CA TYR A 181 -27.48 -0.58 -37.69
C TYR A 181 -26.57 -1.73 -38.12
N GLN A 182 -26.47 -1.94 -39.41
CA GLN A 182 -25.36 -2.70 -39.98
C GLN A 182 -24.23 -1.72 -40.30
N PRO A 183 -23.00 -1.93 -39.83
CA PRO A 183 -21.95 -0.98 -40.17
C PRO A 183 -21.56 -1.11 -41.64
N PRO A 184 -20.78 -0.17 -42.16
CA PRO A 184 -20.39 -0.23 -43.56
C PRO A 184 -19.29 -1.27 -43.80
N ALA A 185 -18.97 -1.47 -45.08
CA ALA A 185 -17.77 -2.21 -45.43
C ALA A 185 -16.57 -1.28 -45.35
N ASP A 186 -15.38 -1.87 -45.25
CA ASP A 186 -14.17 -1.14 -44.89
C ASP A 186 -14.39 -0.38 -43.59
N TYR A 187 -15.07 -1.05 -42.66
CA TYR A 187 -15.42 -0.43 -41.38
C TYR A 187 -14.18 -0.05 -40.58
N ILE A 188 -13.25 -0.99 -40.45
CA ILE A 188 -12.15 -0.84 -39.52
C ILE A 188 -11.26 0.33 -39.94
N GLU A 189 -10.75 0.30 -41.17
CA GLU A 189 -9.91 1.38 -41.64
C GLU A 189 -10.64 2.71 -41.66
N ARG A 190 -11.97 2.69 -41.81
CA ARG A 190 -12.74 3.91 -41.68
C ARG A 190 -12.80 4.40 -40.24
N ASN A 191 -12.46 3.53 -39.28
CA ASN A 191 -12.51 3.87 -37.87
C ASN A 191 -11.16 4.33 -37.31
N LEU A 192 -10.10 3.59 -37.65
CA LEU A 192 -8.78 3.91 -37.11
C LEU A 192 -8.35 5.31 -37.49
N GLU A 193 -8.83 5.83 -38.62
CA GLU A 193 -8.57 7.21 -38.98
C GLU A 193 -9.19 8.17 -37.96
N ARG A 194 -10.18 7.71 -37.20
CA ARG A 194 -10.68 8.54 -36.12
C ARG A 194 -9.84 8.39 -34.88
N ILE A 195 -9.38 7.20 -34.55
CA ILE A 195 -8.51 7.09 -33.37
C ILE A 195 -7.20 7.84 -33.58
N ARG A 196 -6.74 7.90 -34.83
CA ARG A 196 -5.58 8.73 -35.15
C ARG A 196 -5.91 10.21 -35.00
N LYS A 197 -7.14 10.61 -35.29
CA LYS A 197 -7.53 12.02 -35.23
C LYS A 197 -8.19 12.40 -33.90
N GLU A 198 -9.31 11.76 -33.59
CA GLU A 198 -10.02 11.96 -32.34
C GLU A 198 -9.15 11.66 -31.13
N GLY A 199 -8.20 10.75 -31.28
CA GLY A 199 -7.26 10.46 -30.20
C GLY A 199 -7.94 9.99 -28.94
N ILE A 200 -8.58 8.83 -29.00
CA ILE A 200 -9.40 8.37 -27.90
C ILE A 200 -8.55 7.67 -26.84
N ARG A 201 -7.68 6.75 -27.25
CA ARG A 201 -6.72 6.12 -26.35
C ARG A 201 -7.41 5.45 -25.16
N PRO A 202 -8.09 4.32 -25.36
CA PRO A 202 -8.86 3.71 -24.28
C PRO A 202 -7.98 3.32 -23.12
N PRO A 203 -8.56 3.07 -21.94
CA PRO A 203 -7.76 2.73 -20.77
C PRO A 203 -7.58 1.23 -20.58
N THR A 204 -6.40 0.88 -20.09
CA THR A 204 -6.02 -0.50 -19.84
C THR A 204 -5.71 -0.74 -18.36
N ASN A 205 -5.79 0.29 -17.54
CA ASN A 205 -5.14 0.31 -16.25
C ASN A 205 -6.13 0.01 -15.13
N CYS A 206 -5.66 0.15 -13.90
CA CYS A 206 -6.51 0.05 -12.72
C CYS A 206 -7.17 1.33 -12.34
N SER A 207 -6.65 2.42 -12.85
CA SER A 207 -7.09 3.71 -12.40
C SER A 207 -8.43 4.10 -13.00
N ALA A 208 -8.83 3.46 -14.09
CA ALA A 208 -9.95 3.96 -14.88
C ALA A 208 -11.26 3.82 -14.13
N CYS A 209 -11.65 2.60 -13.83
CA CYS A 209 -12.95 2.31 -13.23
C CYS A 209 -12.88 1.80 -11.80
N HIS A 210 -11.87 1.02 -11.45
CA HIS A 210 -11.80 0.51 -10.08
C HIS A 210 -11.42 1.57 -9.07
N TYR A 211 -10.84 2.68 -9.50
CA TYR A 211 -10.21 3.62 -8.58
C TYR A 211 -9.19 2.93 -7.69
N ARG B 75 -27.98 -15.18 -6.31
CA ARG B 75 -27.61 -15.14 -4.90
C ARG B 75 -27.60 -13.70 -4.39
N ARG B 76 -27.08 -12.79 -5.19
CA ARG B 76 -26.98 -11.40 -4.77
C ARG B 76 -28.37 -10.80 -4.61
N PRO B 77 -28.50 -9.71 -3.85
CA PRO B 77 -29.80 -9.05 -3.76
C PRO B 77 -30.15 -8.34 -5.06
N VAL B 78 -31.31 -7.69 -5.07
CA VAL B 78 -31.90 -7.11 -6.26
C VAL B 78 -32.07 -5.61 -6.03
N GLU B 79 -31.10 -5.01 -5.34
CA GLU B 79 -31.22 -3.65 -4.80
C GLU B 79 -31.71 -2.67 -5.85
N LYS B 80 -32.88 -2.13 -5.59
CA LYS B 80 -33.67 -1.44 -6.58
C LYS B 80 -33.13 -0.03 -6.78
N ILE B 81 -33.83 0.77 -7.58
CA ILE B 81 -33.52 2.17 -7.79
C ILE B 81 -34.82 2.95 -7.83
N LEU B 82 -34.88 4.04 -7.06
CA LEU B 82 -36.10 4.77 -6.79
C LEU B 82 -35.86 6.21 -7.22
N PRO B 83 -36.03 6.53 -8.49
CA PRO B 83 -35.72 7.88 -8.97
C PRO B 83 -36.75 8.91 -8.56
N TYR B 84 -36.58 10.14 -9.04
CA TYR B 84 -37.52 11.20 -8.78
C TYR B 84 -38.92 10.85 -9.26
N VAL B 85 -39.88 11.64 -8.78
CA VAL B 85 -41.23 11.66 -9.30
C VAL B 85 -41.57 13.02 -9.88
N ARG B 86 -41.09 14.08 -9.23
CA ARG B 86 -41.49 15.45 -9.51
C ARG B 86 -40.22 16.27 -9.76
N GLN B 87 -39.46 15.83 -10.78
CA GLN B 87 -38.09 16.20 -11.09
C GLN B 87 -37.77 17.66 -10.83
N PRO B 88 -36.91 17.96 -9.85
CA PRO B 88 -36.35 19.32 -9.78
C PRO B 88 -35.46 19.55 -10.99
N GLU B 89 -35.65 20.71 -11.61
CA GLU B 89 -35.11 20.91 -12.95
C GLU B 89 -33.60 21.12 -12.91
N GLU B 90 -33.09 21.87 -11.94
CA GLU B 90 -31.69 22.26 -11.94
C GLU B 90 -30.80 21.06 -11.66
N ILE B 91 -30.96 20.45 -10.49
CA ILE B 91 -30.10 19.33 -10.11
C ILE B 91 -30.31 18.16 -11.05
N ILE B 92 -29.34 17.26 -11.07
CA ILE B 92 -29.41 16.03 -11.86
C ILE B 92 -28.84 14.88 -11.04
N PRO B 93 -29.21 13.63 -11.38
CA PRO B 93 -28.94 12.52 -10.47
C PRO B 93 -27.47 12.24 -10.21
N GLY B 94 -26.69 12.00 -11.25
CA GLY B 94 -25.35 11.47 -11.07
C GLY B 94 -24.32 12.46 -10.60
N ILE B 95 -24.57 13.75 -10.81
CA ILE B 95 -23.56 14.80 -10.71
C ILE B 95 -23.95 15.73 -9.58
N PRO B 96 -23.05 16.09 -8.66
CA PRO B 96 -23.42 17.04 -7.61
C PRO B 96 -23.53 18.45 -8.16
N LEU B 97 -23.88 19.40 -7.31
CA LEU B 97 -23.71 20.80 -7.67
C LEU B 97 -23.58 21.62 -6.41
N TYR B 98 -22.73 22.63 -6.48
CA TYR B 98 -22.15 23.25 -5.31
C TYR B 98 -23.05 24.36 -4.80
N TYR B 99 -23.70 24.12 -3.68
CA TYR B 99 -24.42 25.13 -2.93
C TYR B 99 -23.46 25.83 -1.97
N ALA B 100 -23.81 27.05 -1.60
CA ALA B 100 -22.89 27.99 -0.95
C ALA B 100 -23.42 28.44 0.40
N THR B 101 -23.13 27.66 1.43
CA THR B 101 -23.67 27.91 2.76
C THR B 101 -22.69 28.73 3.58
N ALA B 102 -23.00 28.85 4.86
CA ALA B 102 -22.15 29.44 5.88
C ALA B 102 -21.87 28.38 6.94
N MET B 103 -21.26 28.78 8.05
CA MET B 103 -21.05 27.84 9.15
C MET B 103 -20.89 28.57 10.47
N PRO B 104 -21.92 28.66 11.32
CA PRO B 104 -21.79 29.40 12.57
C PRO B 104 -21.03 28.65 13.64
N PHE B 105 -20.27 29.42 14.43
CA PHE B 105 -19.70 28.97 15.69
C PHE B 105 -19.03 30.16 16.36
N ARG B 106 -19.01 30.13 17.68
CA ARG B 106 -18.16 31.00 18.48
C ARG B 106 -18.51 32.47 18.24
N GLY B 107 -19.77 32.75 17.92
CA GLY B 107 -20.19 34.12 17.70
C GLY B 107 -19.77 34.69 16.38
N SER B 108 -19.52 33.83 15.39
CA SER B 108 -19.28 34.29 14.04
C SER B 108 -19.55 33.13 13.11
N VAL B 109 -19.42 33.39 11.81
CA VAL B 109 -19.90 32.48 10.79
C VAL B 109 -18.93 32.36 9.63
N ARG B 110 -18.12 31.32 9.63
CA ARG B 110 -17.20 31.11 8.53
C ARG B 110 -17.98 30.87 7.24
N PRO B 111 -17.44 31.23 6.09
CA PRO B 111 -18.05 30.84 4.83
C PRO B 111 -17.75 29.39 4.52
N LEU B 112 -18.39 28.89 3.46
CA LEU B 112 -18.37 27.47 3.18
C LEU B 112 -18.96 27.25 1.79
N LEU B 113 -18.78 26.04 1.28
CA LEU B 113 -19.24 25.66 -0.04
C LEU B 113 -19.35 24.15 -0.07
N VAL B 114 -20.55 23.63 -0.29
CA VAL B 114 -20.80 22.20 -0.20
C VAL B 114 -20.79 21.58 -1.58
N GLU B 115 -20.74 20.25 -1.62
CA GLU B 115 -20.87 19.49 -2.85
C GLU B 115 -22.33 19.18 -3.15
N SER B 116 -23.05 18.69 -2.15
CA SER B 116 -24.48 18.42 -2.26
C SER B 116 -24.79 17.46 -3.39
N HIS B 117 -24.27 16.24 -3.26
CA HIS B 117 -24.64 15.18 -4.19
C HIS B 117 -26.14 14.97 -4.16
N GLU B 118 -26.78 15.27 -5.29
CA GLU B 118 -28.23 15.20 -5.47
C GLU B 118 -29.00 15.71 -4.25
N GLY B 119 -28.66 16.93 -3.85
CA GLY B 119 -29.31 17.55 -2.73
C GLY B 119 -29.06 16.88 -1.40
N ARG B 120 -28.03 16.05 -1.32
CA ARG B 120 -27.58 15.44 -0.07
C ARG B 120 -26.18 15.95 0.19
N PRO B 121 -25.90 16.65 1.28
CA PRO B 121 -24.52 17.07 1.53
C PRO B 121 -23.62 15.89 1.84
N THR B 122 -22.42 15.92 1.28
CA THR B 122 -21.43 14.87 1.44
C THR B 122 -20.08 15.41 1.88
N LYS B 123 -19.69 16.57 1.38
CA LYS B 123 -18.45 17.23 1.76
C LYS B 123 -18.67 18.72 1.68
N ILE B 124 -17.92 19.44 2.51
CA ILE B 124 -17.91 20.88 2.50
C ILE B 124 -16.59 21.36 1.90
N GLU B 125 -16.61 22.56 1.36
CA GLU B 125 -15.44 23.17 0.76
C GLU B 125 -15.48 24.66 1.04
N GLY B 126 -14.47 25.37 0.56
CA GLY B 126 -14.36 26.80 0.77
C GLY B 126 -15.07 27.61 -0.29
N ASN B 127 -15.26 28.89 0.01
CA ASN B 127 -15.90 29.84 -0.88
C ASN B 127 -14.82 30.67 -1.57
N PRO B 128 -14.36 30.28 -2.76
CA PRO B 128 -13.22 31.00 -3.36
C PRO B 128 -13.50 32.44 -3.71
N ASP B 129 -14.77 32.81 -3.87
CA ASP B 129 -15.08 34.20 -4.17
C ASP B 129 -14.93 35.09 -2.95
N HIS B 130 -15.31 34.58 -1.79
CA HIS B 130 -15.30 35.35 -0.56
C HIS B 130 -13.87 35.67 -0.16
N PRO B 131 -13.39 36.91 -0.29
CA PRO B 131 -11.94 37.14 -0.08
C PRO B 131 -11.50 36.95 1.35
N LEU B 132 -12.41 36.94 2.31
CA LEU B 132 -12.00 36.68 3.69
C LEU B 132 -11.39 35.29 3.83
N SER B 133 -11.94 34.30 3.12
CA SER B 133 -11.44 32.93 3.15
C SER B 133 -10.66 32.55 1.89
N ARG B 134 -11.09 33.06 0.74
CA ARG B 134 -10.51 32.67 -0.55
C ARG B 134 -10.43 31.16 -0.68
N GLY B 135 -11.55 30.50 -0.36
CA GLY B 135 -11.68 29.08 -0.60
C GLY B 135 -10.85 28.20 0.31
N ALA B 136 -11.22 28.16 1.59
CA ALA B 136 -10.55 27.29 2.53
C ALA B 136 -11.50 26.91 3.66
N THR B 137 -11.19 25.80 4.32
CA THR B 137 -12.02 25.28 5.40
C THR B 137 -11.12 24.62 6.43
N GLY B 138 -11.11 25.17 7.64
CA GLY B 138 -10.39 24.58 8.74
C GLY B 138 -11.05 23.31 9.22
N VAL B 139 -10.41 22.70 10.22
CA VAL B 139 -10.90 21.45 10.82
C VAL B 139 -12.35 21.59 11.26
N PHE B 140 -12.68 22.72 11.86
CA PHE B 140 -13.86 22.78 12.69
C PHE B 140 -15.14 22.72 11.89
N GLU B 141 -15.07 22.82 10.57
CA GLU B 141 -16.24 22.72 9.71
C GLU B 141 -16.52 21.28 9.27
N GLN B 142 -15.48 20.58 8.82
CA GLN B 142 -15.71 19.30 8.17
C GLN B 142 -16.28 18.28 9.15
N ALA B 143 -16.02 18.44 10.44
CA ALA B 143 -16.64 17.58 11.41
C ALA B 143 -18.09 17.98 11.64
N SER B 144 -18.39 19.27 11.53
CA SER B 144 -19.76 19.73 11.67
C SER B 144 -20.63 19.11 10.60
N LEU B 145 -20.06 18.88 9.43
CA LEU B 145 -20.76 18.14 8.38
C LEU B 145 -21.25 16.78 8.87
N LEU B 146 -20.50 16.16 9.78
CA LEU B 146 -20.89 14.89 10.36
C LEU B 146 -21.74 15.07 11.59
N ASN B 147 -21.64 16.22 12.25
CA ASN B 147 -22.60 16.56 13.29
C ASN B 147 -24.00 16.58 12.71
N LEU B 148 -24.12 17.05 11.48
CA LEU B 148 -25.39 17.03 10.77
C LEU B 148 -25.96 15.61 10.70
N TYR B 149 -25.13 14.66 10.30
CA TYR B 149 -25.53 13.27 10.08
C TYR B 149 -25.28 12.38 11.29
N ASP B 150 -25.22 12.94 12.49
CA ASP B 150 -25.02 12.10 13.65
C ASP B 150 -26.18 11.13 13.84
N PRO B 151 -25.96 10.05 14.57
CA PRO B 151 -27.08 9.39 15.25
C PRO B 151 -27.27 10.02 16.62
N ASP B 152 -28.43 9.74 17.19
CA ASP B 152 -28.75 10.23 18.53
C ASP B 152 -28.67 11.76 18.58
N ARG B 153 -29.36 12.42 17.66
CA ARG B 153 -29.38 13.87 17.70
C ARG B 153 -30.56 14.42 18.47
N SER B 154 -31.73 14.43 17.85
CA SER B 154 -32.91 14.98 18.49
C SER B 154 -34.19 14.40 17.90
N GLN B 155 -34.27 13.08 17.73
CA GLN B 155 -35.33 12.46 16.95
C GLN B 155 -36.71 12.92 17.40
N GLN B 156 -37.06 12.66 18.64
CA GLN B 156 -38.32 13.09 19.22
C GLN B 156 -38.12 14.37 19.99
N VAL B 157 -39.21 15.12 20.16
CA VAL B 157 -39.25 16.21 21.10
C VAL B 157 -39.46 15.65 22.49
N LEU B 158 -38.62 16.08 23.44
CA LEU B 158 -38.63 15.55 24.79
C LEU B 158 -39.19 16.61 25.74
N ARG B 159 -40.21 16.22 26.51
CA ARG B 159 -40.77 17.06 27.55
C ARG B 159 -40.64 16.34 28.89
N LYS B 160 -40.08 17.02 29.88
CA LYS B 160 -39.76 16.50 31.20
C LYS B 160 -38.63 15.48 31.18
N GLY B 161 -38.13 15.09 30.01
CA GLY B 161 -37.35 13.89 29.84
C GLY B 161 -38.09 12.80 29.10
N GLU B 162 -39.41 12.95 28.91
CA GLU B 162 -40.24 12.00 28.19
C GLU B 162 -40.36 12.41 26.72
N PRO B 163 -40.32 11.46 25.75
CA PRO B 163 -40.27 11.84 24.33
C PRO B 163 -41.62 12.19 23.72
N ALA B 164 -42.60 12.55 24.56
CA ALA B 164 -44.02 12.41 24.30
C ALA B 164 -44.52 12.80 22.91
N SER B 165 -44.47 14.09 22.54
CA SER B 165 -45.20 14.52 21.36
C SER B 165 -44.90 15.99 21.05
N TRP B 166 -45.11 16.36 19.79
CA TRP B 166 -44.93 17.73 19.31
C TRP B 166 -46.23 18.51 19.16
N GLY B 167 -47.24 17.92 18.54
CA GLY B 167 -48.44 18.67 18.18
C GLY B 167 -49.12 19.32 19.37
N ASP B 168 -48.99 18.73 20.55
CA ASP B 168 -49.47 19.38 21.76
C ASP B 168 -48.60 20.58 22.14
N PHE B 169 -47.29 20.51 21.84
CA PHE B 169 -46.41 21.60 22.23
C PHE B 169 -46.74 22.90 21.50
N VAL B 170 -47.04 22.82 20.21
CA VAL B 170 -47.35 24.04 19.48
C VAL B 170 -48.60 24.69 20.05
N GLN B 171 -49.68 23.91 20.20
CA GLN B 171 -50.88 24.43 20.85
C GLN B 171 -50.56 24.96 22.25
N PHE B 172 -49.71 24.23 22.99
CA PHE B 172 -49.27 24.67 24.30
C PHE B 172 -48.53 26.00 24.20
N ALA B 173 -47.39 25.99 23.54
CA ALA B 173 -46.50 27.15 23.51
C ALA B 173 -47.13 28.34 22.79
N ARG B 174 -48.00 28.08 21.81
CA ARG B 174 -48.72 29.18 21.15
C ARG B 174 -49.63 29.87 22.14
N SER B 175 -50.43 29.08 22.89
CA SER B 175 -51.33 29.70 23.86
C SER B 175 -50.55 30.38 24.98
N LEU B 176 -49.38 29.84 25.33
CA LEU B 176 -48.50 30.53 26.25
C LEU B 176 -48.11 31.90 25.71
N ALA B 177 -47.88 31.98 24.42
CA ALA B 177 -47.19 33.14 23.85
C ALA B 177 -48.12 34.31 23.54
N ALA B 178 -49.24 34.06 22.86
CA ALA B 178 -50.09 35.16 22.40
C ALA B 178 -50.67 35.94 23.57
N GLU B 179 -51.36 35.24 24.47
CA GLU B 179 -51.93 35.86 25.67
C GLU B 179 -51.00 35.59 26.84
N ALA B 180 -49.87 36.29 26.83
CA ALA B 180 -48.85 36.22 27.87
C ALA B 180 -48.69 37.51 28.64
N GLY B 181 -48.54 38.63 27.93
CA GLY B 181 -48.33 39.92 28.57
C GLY B 181 -46.86 40.12 28.88
N THR B 182 -46.55 40.41 30.14
CA THR B 182 -45.16 40.63 30.54
C THR B 182 -44.37 39.35 30.33
N LYS B 183 -44.68 38.31 31.10
CA LYS B 183 -44.22 36.93 30.92
C LYS B 183 -42.75 36.67 31.28
N ARG B 184 -41.95 37.73 31.43
CA ARG B 184 -40.60 37.70 32.01
C ARG B 184 -39.77 36.48 31.59
N LEU B 185 -39.49 36.39 30.29
CA LEU B 185 -38.72 35.26 29.78
C LEU B 185 -37.24 35.59 29.68
N ALA B 186 -36.44 34.53 29.55
CA ALA B 186 -35.01 34.64 29.37
C ALA B 186 -34.56 33.61 28.34
N VAL B 187 -33.34 33.79 27.83
CA VAL B 187 -32.90 33.06 26.65
C VAL B 187 -31.64 32.24 26.89
N LEU B 188 -30.53 32.92 27.16
CA LEU B 188 -29.21 32.28 27.19
C LEU B 188 -28.93 31.62 25.83
N CYS B 189 -28.78 32.48 24.84
CA CYS B 189 -28.59 32.09 23.45
C CYS B 189 -27.15 31.67 23.18
N GLU B 190 -26.96 31.09 22.00
CA GLU B 190 -25.67 31.11 21.35
C GLU B 190 -25.44 32.52 20.81
N PRO B 191 -24.18 32.99 20.77
CA PRO B 191 -23.97 34.40 20.43
C PRO B 191 -24.38 34.67 18.98
N SER B 192 -25.16 35.74 18.82
CA SER B 192 -25.99 35.91 17.63
C SER B 192 -25.20 35.99 16.33
N SER B 193 -24.46 37.07 16.15
CA SER B 193 -23.70 37.30 14.92
C SER B 193 -24.58 37.23 13.69
N SER B 194 -25.84 37.68 13.82
CA SER B 194 -26.78 37.62 12.71
C SER B 194 -27.88 38.66 12.89
N PRO B 195 -28.36 39.30 11.81
CA PRO B 195 -29.37 40.35 11.98
C PRO B 195 -30.76 39.82 12.16
N THR B 196 -31.11 38.72 11.51
CA THR B 196 -32.43 38.12 11.71
C THR B 196 -32.64 37.75 13.17
N LEU B 197 -31.60 37.22 13.80
CA LEU B 197 -31.66 36.92 15.22
C LEU B 197 -31.76 38.20 16.04
N ALA B 198 -30.91 39.18 15.74
CA ALA B 198 -30.86 40.41 16.52
C ALA B 198 -32.06 41.31 16.25
N ALA B 199 -32.68 41.20 15.08
CA ALA B 199 -33.86 41.99 14.77
C ALA B 199 -35.10 41.32 15.33
N LEU B 200 -35.21 40.00 15.17
CA LEU B 200 -36.28 39.26 15.81
C LEU B 200 -36.23 39.40 17.31
N ARG B 201 -35.05 39.60 17.87
CA ARG B 201 -34.94 39.97 19.27
C ARG B 201 -35.73 41.23 19.56
N ARG B 202 -35.66 42.21 18.67
CA ARG B 202 -36.39 43.46 18.88
C ARG B 202 -37.88 43.26 18.63
N GLU B 203 -38.21 42.54 17.56
CA GLU B 203 -39.59 42.14 17.33
C GLU B 203 -40.14 41.30 18.48
N LEU B 204 -39.27 40.59 19.19
CA LEU B 204 -39.65 39.84 20.38
C LEU B 204 -39.79 40.77 21.58
N GLU B 205 -38.71 41.50 21.89
CA GLU B 205 -38.67 42.37 23.06
C GLU B 205 -39.68 43.50 22.98
N ARG B 206 -40.20 43.80 21.79
CA ARG B 206 -41.28 44.75 21.65
C ARG B 206 -42.45 44.40 22.55
N ARG B 207 -42.75 43.11 22.69
CA ARG B 207 -43.93 42.67 23.40
C ARG B 207 -43.64 42.40 24.87
N TYR B 208 -42.74 41.45 25.14
CA TYR B 208 -42.46 41.04 26.49
C TYR B 208 -41.45 41.99 27.13
N ALA B 209 -41.70 42.34 28.39
CA ALA B 209 -41.10 43.55 28.96
C ALA B 209 -39.59 43.45 29.03
N GLN B 210 -39.06 42.50 29.80
CA GLN B 210 -37.64 42.39 30.06
C GLN B 210 -37.14 41.06 29.53
N VAL B 211 -36.27 41.11 28.54
CA VAL B 211 -35.62 39.95 27.94
C VAL B 211 -34.15 40.11 28.28
N ARG B 212 -33.68 39.38 29.28
CA ARG B 212 -32.36 39.62 29.83
C ARG B 212 -31.28 39.40 28.77
N TRP B 213 -31.47 38.41 27.91
CA TRP B 213 -30.70 38.25 26.67
C TRP B 213 -29.20 38.20 26.95
N VAL B 214 -28.79 37.12 27.59
CA VAL B 214 -27.38 36.86 27.82
C VAL B 214 -26.84 36.02 26.68
N THR B 215 -25.76 36.49 26.06
CA THR B 215 -25.04 35.72 25.06
C THR B 215 -23.99 34.93 25.80
N TYR B 216 -24.33 33.71 26.18
CA TYR B 216 -23.37 32.90 26.92
C TYR B 216 -22.26 32.48 25.98
N ARG B 217 -21.19 33.28 25.94
CA ARG B 217 -20.09 32.97 25.07
C ARG B 217 -19.48 31.64 25.52
N PRO B 218 -19.10 30.75 24.60
CA PRO B 218 -18.39 29.55 25.03
C PRO B 218 -17.06 29.93 25.68
N GLU B 219 -16.85 29.40 26.88
CA GLU B 219 -15.68 29.72 27.69
C GLU B 219 -15.66 31.21 28.01
N GLY B 220 -16.80 31.70 28.46
CA GLY B 220 -16.94 33.08 28.86
C GLY B 220 -16.65 34.07 27.78
N ASP B 221 -16.69 35.34 28.17
CA ASP B 221 -16.47 36.47 27.26
C ASP B 221 -15.25 36.24 26.39
N ASP B 222 -15.39 36.60 25.11
CA ASP B 222 -14.31 36.41 24.14
C ASP B 222 -13.01 37.03 24.62
N HIS B 223 -13.11 38.17 25.29
CA HIS B 223 -12.04 38.84 26.02
C HIS B 223 -11.09 39.57 25.08
N GLU B 224 -11.20 39.40 23.77
CA GLU B 224 -10.53 40.27 22.81
C GLU B 224 -11.27 41.59 22.67
N ALA B 225 -12.59 41.58 22.92
CA ALA B 225 -13.46 42.70 22.62
C ALA B 225 -13.76 43.56 23.83
N LEU B 226 -13.98 42.93 24.99
CA LEU B 226 -14.26 43.68 26.19
C LEU B 226 -13.07 44.56 26.56
N GLY B 227 -11.86 44.10 26.26
CA GLY B 227 -10.69 44.91 26.50
C GLY B 227 -10.60 46.14 25.62
N LEU B 228 -11.38 46.21 24.55
CA LEU B 228 -11.28 47.27 23.57
C LEU B 228 -12.47 48.21 23.56
N GLN B 229 -13.56 47.86 24.22
CA GLN B 229 -14.68 48.80 24.30
C GLN B 229 -14.29 50.07 25.04
N GLN B 230 -13.42 49.97 26.04
CA GLN B 230 -12.89 51.14 26.73
C GLN B 230 -11.69 51.71 25.99
N ALA B 231 -10.91 50.86 25.33
CA ALA B 231 -9.70 51.31 24.68
C ALA B 231 -10.02 52.32 23.58
N PHE B 232 -11.00 51.99 22.76
CA PHE B 232 -11.47 52.87 21.71
C PHE B 232 -12.73 53.63 22.09
N GLY B 233 -13.27 53.41 23.30
CA GLY B 233 -14.47 54.08 23.73
C GLY B 233 -15.76 53.52 23.16
N ARG B 234 -15.70 52.51 22.31
CA ARG B 234 -16.87 51.90 21.71
C ARG B 234 -16.48 50.53 21.18
N PRO B 235 -17.44 49.66 20.89
CA PRO B 235 -17.08 48.29 20.55
C PRO B 235 -16.40 48.21 19.20
N VAL B 236 -15.55 47.20 19.05
CA VAL B 236 -14.73 47.07 17.86
C VAL B 236 -14.14 45.67 17.79
N ARG B 237 -13.84 45.23 16.58
CA ARG B 237 -13.16 43.98 16.31
C ARG B 237 -12.07 44.23 15.30
N ALA B 238 -10.98 43.48 15.43
CA ALA B 238 -9.83 43.58 14.55
C ALA B 238 -9.85 42.48 13.50
N ARG B 239 -8.96 42.60 12.52
CA ARG B 239 -8.92 41.75 11.34
C ARG B 239 -7.54 41.15 11.11
N TYR B 240 -6.48 41.89 11.43
CA TYR B 240 -5.12 41.35 11.54
C TYR B 240 -4.63 40.72 10.23
N ARG B 241 -4.33 41.59 9.27
CA ARG B 241 -3.93 41.16 7.93
C ARG B 241 -2.74 40.20 7.95
N PHE B 242 -1.58 40.70 8.38
CA PHE B 242 -0.30 39.99 8.53
C PHE B 242 0.52 39.81 7.25
N SER B 243 0.03 40.22 6.08
CA SER B 243 0.90 40.29 4.91
C SER B 243 1.52 41.66 4.73
N GLU B 244 0.77 42.70 5.07
CA GLU B 244 1.34 44.04 5.20
C GLU B 244 2.16 44.20 6.46
N ALA B 245 2.28 43.15 7.29
CA ALA B 245 2.96 43.24 8.57
C ALA B 245 3.86 42.03 8.76
N ARG B 246 5.10 42.27 9.15
CA ARG B 246 6.09 41.21 9.25
C ARG B 246 6.19 40.67 10.68
N VAL B 247 6.62 41.51 11.60
CA VAL B 247 7.04 41.03 12.92
C VAL B 247 5.86 41.08 13.88
N ILE B 248 5.65 39.99 14.59
CA ILE B 248 4.44 39.72 15.34
C ILE B 248 4.86 39.20 16.70
N VAL B 249 4.65 39.99 17.74
CA VAL B 249 4.66 39.47 19.10
C VAL B 249 3.25 38.98 19.40
N SER B 250 3.12 37.68 19.61
CA SER B 250 1.80 37.07 19.76
C SER B 250 1.18 37.40 21.09
N LEU B 251 1.90 37.17 22.18
CA LEU B 251 1.41 37.38 23.53
C LEU B 251 0.21 36.46 23.78
N ASP B 252 0.48 35.16 23.67
CA ASP B 252 -0.46 34.08 23.87
C ASP B 252 -1.47 33.95 22.73
N ALA B 253 -1.40 34.81 21.72
CA ALA B 253 -2.43 34.84 20.70
C ALA B 253 -2.28 33.63 19.79
N ASP B 254 -3.30 32.78 19.80
CA ASP B 254 -3.40 31.69 18.83
C ASP B 254 -4.10 32.18 17.56
N PHE B 255 -3.53 33.23 16.98
CA PHE B 255 -4.02 33.72 15.69
C PHE B 255 -4.03 32.61 14.66
N LEU B 256 -2.99 31.78 14.66
CA LEU B 256 -3.00 30.50 13.97
C LEU B 256 -3.40 29.47 15.00
N GLY B 257 -4.69 29.37 15.23
CA GLY B 257 -5.26 28.35 16.07
C GLY B 257 -6.67 28.04 15.62
N PRO B 258 -6.98 26.78 15.29
CA PRO B 258 -8.36 26.46 14.89
C PRO B 258 -9.37 26.75 15.98
N THR B 259 -8.93 26.81 17.24
CA THR B 259 -9.81 27.23 18.31
C THR B 259 -10.29 28.66 18.10
N ASP B 260 -9.42 29.54 17.63
CA ASP B 260 -9.76 30.95 17.53
C ASP B 260 -10.50 31.24 16.23
N ARG B 261 -10.91 32.49 16.09
CA ARG B 261 -11.75 32.94 14.99
C ARG B 261 -10.88 33.51 13.87
N ASN B 262 -11.48 33.60 12.70
CA ASN B 262 -10.81 34.14 11.51
C ASN B 262 -9.57 33.34 11.19
N PHE B 263 -9.63 32.04 11.42
CA PHE B 263 -8.49 31.15 11.24
C PHE B 263 -7.85 31.25 9.87
N VAL B 264 -8.62 31.66 8.85
CA VAL B 264 -8.04 31.77 7.51
C VAL B 264 -7.21 33.03 7.40
N GLU B 265 -7.82 34.20 7.55
CA GLU B 265 -7.10 35.45 7.31
C GLU B 265 -5.93 35.61 8.26
N ASN B 266 -6.03 35.02 9.44
CA ASN B 266 -4.85 34.90 10.29
C ASN B 266 -3.84 33.96 9.65
N THR B 267 -4.31 32.88 9.05
CA THR B 267 -3.41 31.87 8.52
C THR B 267 -2.74 32.32 7.23
N ARG B 268 -3.52 32.62 6.21
CA ARG B 268 -3.04 32.87 4.85
C ARG B 268 -2.03 33.99 4.77
N GLU B 269 -2.45 35.21 5.07
CA GLU B 269 -1.55 36.35 4.93
C GLU B 269 -0.44 36.35 5.95
N PHE B 270 -0.50 35.48 6.95
CA PHE B 270 0.67 35.13 7.73
C PHE B 270 1.56 34.15 6.96
N ALA B 271 0.95 33.17 6.31
CA ALA B 271 1.72 32.19 5.55
C ALA B 271 2.46 32.84 4.40
N ALA B 272 1.81 33.79 3.73
CA ALA B 272 2.44 34.48 2.62
C ALA B 272 3.69 35.21 3.09
N SER B 273 3.65 35.75 4.31
CA SER B 273 4.86 36.32 4.89
C SER B 273 5.90 35.24 5.09
N ARG B 274 5.47 34.03 5.45
CA ARG B 274 6.41 32.92 5.58
C ARG B 274 6.78 32.29 4.24
N ARG B 275 6.07 32.60 3.17
CA ARG B 275 6.32 32.02 1.86
C ARG B 275 7.35 32.85 1.12
N MET B 276 8.49 32.23 0.77
CA MET B 276 9.61 32.95 0.20
C MET B 276 9.65 32.92 -1.33
N GLU B 277 9.80 31.74 -1.92
CA GLU B 277 9.93 31.58 -3.36
C GLU B 277 11.11 32.40 -3.89
N ARG B 278 12.21 32.41 -3.15
CA ARG B 278 13.36 33.25 -3.46
C ARG B 278 14.53 32.81 -2.60
N PRO B 279 15.78 33.05 -3.01
CA PRO B 279 16.90 32.73 -2.11
C PRO B 279 16.94 33.57 -0.84
N GLU B 280 16.22 34.70 -0.79
CA GLU B 280 15.97 35.38 0.47
C GLU B 280 14.86 36.39 0.26
N ASP B 281 13.99 36.51 1.25
CA ASP B 281 12.93 37.50 1.26
C ASP B 281 12.67 37.94 2.69
N GLU B 282 11.91 39.02 2.83
CA GLU B 282 11.54 39.54 4.13
C GLU B 282 10.41 38.70 4.68
N ILE B 283 10.61 38.16 5.88
CA ILE B 283 9.75 37.15 6.47
C ILE B 283 9.34 37.63 7.84
N SER B 284 8.24 37.06 8.35
CA SER B 284 7.57 37.54 9.55
C SER B 284 8.52 37.70 10.74
N ARG B 285 9.16 36.60 11.15
CA ARG B 285 9.94 36.56 12.38
C ARG B 285 9.08 37.01 13.57
N LEU B 286 8.08 36.18 13.86
CA LEU B 286 7.28 36.43 15.05
C LEU B 286 8.15 36.26 16.30
N TYR B 287 7.55 36.59 17.44
CA TYR B 287 8.18 36.34 18.74
C TYR B 287 7.06 36.01 19.71
N VAL B 288 6.80 34.72 19.84
CA VAL B 288 5.69 34.21 20.65
C VAL B 288 6.18 33.98 22.07
N ILE B 289 5.32 34.29 23.04
CA ILE B 289 5.66 34.23 24.45
C ILE B 289 4.59 33.49 25.24
N GLU B 290 3.99 32.47 24.61
CA GLU B 290 2.89 31.69 25.18
C GLU B 290 3.13 31.28 26.63
N SER B 291 2.02 31.09 27.33
CA SER B 291 2.02 30.47 28.65
C SER B 291 1.80 28.97 28.58
N THR B 292 1.10 28.52 27.55
CA THR B 292 0.92 27.10 27.32
C THR B 292 1.23 26.80 25.87
N TYR B 293 2.09 25.82 25.67
CA TYR B 293 2.53 25.40 24.35
C TYR B 293 1.34 25.12 23.45
N THR B 294 1.24 25.87 22.36
CA THR B 294 0.11 25.82 21.46
C THR B 294 0.61 25.89 20.03
N VAL B 295 -0.25 25.51 19.08
CA VAL B 295 0.16 25.25 17.70
C VAL B 295 0.78 26.47 17.06
N THR B 296 0.31 27.67 17.41
CA THR B 296 0.93 28.87 16.88
C THR B 296 2.37 28.98 17.32
N GLY B 297 2.68 28.50 18.53
CA GLY B 297 4.04 28.53 19.03
C GLY B 297 4.97 27.54 18.36
N GLY B 298 4.43 26.62 17.57
CA GLY B 298 5.26 25.67 16.87
C GLY B 298 5.86 26.22 15.60
N MET B 299 5.00 26.55 14.64
CA MET B 299 5.45 27.18 13.40
C MET B 299 5.71 28.63 13.75
N ALA B 300 6.92 28.88 14.25
CA ALA B 300 7.22 30.08 14.99
C ALA B 300 8.73 30.19 15.17
N ASP B 301 9.14 31.28 15.83
CA ASP B 301 10.55 31.57 16.06
C ASP B 301 10.69 32.24 17.41
N HIS B 302 11.64 31.74 18.20
CA HIS B 302 11.94 32.27 19.52
C HIS B 302 10.70 32.26 20.42
N ARG B 303 10.26 31.06 20.74
CA ARG B 303 9.12 30.87 21.60
C ARG B 303 9.58 30.78 23.05
N LEU B 304 8.70 31.20 23.95
CA LEU B 304 9.01 31.31 25.37
C LEU B 304 7.83 30.80 26.19
N ARG B 305 8.14 30.19 27.34
CA ARG B 305 7.15 29.61 28.23
C ARG B 305 7.09 30.42 29.52
N LEU B 306 5.88 30.88 29.87
CA LEU B 306 5.73 31.84 30.97
C LEU B 306 4.29 31.84 31.44
N ARG B 307 4.07 31.47 32.71
CA ARG B 307 2.73 31.21 33.23
C ARG B 307 1.75 32.33 32.97
N ALA B 308 0.54 31.95 32.55
CA ALA B 308 -0.53 32.91 32.41
C ALA B 308 -0.98 33.39 33.79
N GLY B 309 -1.73 34.48 33.81
CA GLY B 309 -1.85 35.28 35.01
C GLY B 309 -0.62 36.11 35.33
N ASP B 310 0.45 35.99 34.54
CA ASP B 310 1.64 36.80 34.66
C ASP B 310 2.10 37.38 33.34
N ILE B 311 1.57 36.91 32.21
CA ILE B 311 1.76 37.52 30.92
C ILE B 311 1.44 39.02 30.97
N PRO B 312 0.45 39.47 31.74
CA PRO B 312 0.36 40.91 32.00
C PRO B 312 1.64 41.49 32.57
N ALA B 313 2.25 40.81 33.55
CA ALA B 313 3.52 41.30 34.08
C ALA B 313 4.61 41.22 33.02
N PHE B 314 4.50 40.27 32.09
CA PHE B 314 5.42 40.22 30.97
C PHE B 314 5.25 41.44 30.08
N ALA B 315 4.01 41.68 29.64
CA ALA B 315 3.73 42.82 28.80
C ALA B 315 3.91 44.13 29.53
N ALA B 316 3.94 44.10 30.85
CA ALA B 316 4.16 45.30 31.64
C ALA B 316 5.57 45.80 31.44
N ALA B 317 6.56 44.97 31.81
CA ALA B 317 7.94 45.40 31.57
C ALA B 317 8.26 45.47 30.09
N LEU B 318 7.46 44.83 29.23
CA LEU B 318 7.65 44.96 27.80
C LEU B 318 7.57 46.42 27.36
N ALA B 319 6.40 47.03 27.57
CA ALA B 319 6.19 48.34 26.98
C ALA B 319 7.10 49.40 27.60
N ALA B 320 7.54 49.19 28.84
CA ALA B 320 8.48 50.14 29.44
C ALA B 320 9.81 50.15 28.70
N GLU B 321 10.16 49.05 28.05
CA GLU B 321 11.34 48.98 27.20
C GLU B 321 11.04 49.45 25.78
N LEU B 322 9.77 49.78 25.48
CA LEU B 322 9.41 50.39 24.21
C LEU B 322 9.23 51.91 24.28
N GLY B 323 8.48 52.40 25.28
CA GLY B 323 8.43 53.83 25.57
C GLY B 323 7.05 54.41 25.81
N VAL B 324 6.03 53.57 25.95
CA VAL B 324 4.67 54.09 26.10
C VAL B 324 4.51 54.77 27.46
N GLY B 325 4.96 54.11 28.52
CA GLY B 325 4.79 54.62 29.86
C GLY B 325 5.79 53.94 30.78
N GLU B 326 5.71 54.31 32.05
CA GLU B 326 6.59 53.69 33.04
C GLU B 326 6.26 52.22 33.16
N LEU B 327 5.07 51.90 33.65
CA LEU B 327 4.53 50.54 33.67
C LEU B 327 5.45 49.53 34.35
N ARG B 328 6.39 50.00 35.17
CA ARG B 328 7.46 49.16 35.68
C ARG B 328 7.00 48.23 36.78
N GLU B 329 5.99 48.63 37.56
CA GLU B 329 5.72 47.93 38.81
C GLU B 329 5.09 46.57 38.57
N ALA B 330 4.23 46.47 37.54
CA ALA B 330 3.59 45.21 37.25
C ALA B 330 4.61 44.19 36.74
N GLY B 331 5.41 44.59 35.77
CA GLY B 331 6.48 43.76 35.26
C GLY B 331 7.79 44.04 35.98
N ALA B 332 7.82 43.72 37.26
CA ALA B 332 8.93 44.14 38.11
C ALA B 332 10.24 43.49 37.68
N ARG B 333 10.18 42.21 37.30
CA ARG B 333 11.37 41.38 37.20
C ARG B 333 11.84 41.16 35.76
N PHE B 334 11.29 41.88 34.78
CA PHE B 334 11.67 41.72 33.39
C PHE B 334 12.21 43.02 32.82
N ALA B 335 13.10 43.66 33.56
CA ALA B 335 13.92 44.77 33.05
C ALA B 335 15.25 44.17 32.62
N GLY B 336 15.41 43.98 31.31
CA GLY B 336 16.61 43.39 30.76
C GLY B 336 16.52 41.92 30.42
N HIS B 337 15.32 41.35 30.40
CA HIS B 337 15.18 40.00 29.87
C HIS B 337 15.59 39.99 28.40
N PRO B 338 16.19 38.89 27.91
CA PRO B 338 16.65 38.93 26.52
C PRO B 338 15.52 39.07 25.51
N TYR B 339 14.52 38.20 25.57
CA TYR B 339 13.48 38.23 24.54
C TYR B 339 12.59 39.46 24.61
N VAL B 340 12.69 40.26 25.67
CA VAL B 340 11.95 41.52 25.75
C VAL B 340 12.75 42.64 25.07
N VAL B 341 13.95 42.89 25.61
CA VAL B 341 14.78 43.97 25.09
C VAL B 341 15.18 43.68 23.65
N GLU B 342 15.22 42.41 23.26
CA GLU B 342 15.46 42.04 21.88
C GLU B 342 14.41 42.65 20.96
N ILE B 343 13.15 42.26 21.16
CA ILE B 343 12.12 42.59 20.20
C ILE B 343 11.78 44.07 20.24
N ALA B 344 11.98 44.73 21.38
CA ALA B 344 11.52 46.11 21.53
C ALA B 344 12.16 47.03 20.49
N ARG B 345 13.48 46.94 20.33
CA ARG B 345 14.15 47.75 19.33
C ARG B 345 13.67 47.40 17.93
N ASP B 346 13.30 46.15 17.70
CA ASP B 346 12.86 45.73 16.37
C ASP B 346 11.52 46.35 16.02
N LEU B 347 10.57 46.29 16.94
CA LEU B 347 9.23 46.79 16.66
C LEU B 347 9.25 48.28 16.43
N ARG B 348 9.95 49.02 17.28
CA ARG B 348 10.13 50.45 17.00
C ARG B 348 10.92 50.66 15.72
N ALA B 349 11.74 49.69 15.33
CA ALA B 349 12.43 49.73 14.05
C ALA B 349 11.57 49.22 12.89
N ALA B 350 10.41 48.64 13.18
CA ALA B 350 9.46 48.17 12.16
C ALA B 350 8.10 48.78 12.51
N GLY B 351 7.86 49.99 12.02
CA GLY B 351 6.66 50.72 12.39
C GLY B 351 5.44 50.32 11.60
N ALA B 352 5.52 50.40 10.28
CA ALA B 352 4.43 50.00 9.42
C ALA B 352 4.39 48.50 9.18
N ARG B 353 5.13 47.70 9.94
CA ARG B 353 5.20 46.27 9.75
C ARG B 353 5.06 45.46 11.04
N GLY B 354 5.28 46.07 12.20
CA GLY B 354 5.20 45.34 13.44
C GLY B 354 3.78 45.23 13.97
N VAL B 355 3.49 44.12 14.65
CA VAL B 355 2.18 43.83 15.20
C VAL B 355 2.34 43.40 16.65
N VAL B 356 1.33 43.69 17.46
CA VAL B 356 1.25 43.24 18.83
C VAL B 356 -0.13 42.64 19.05
N LEU B 357 -0.20 41.32 19.15
CA LEU B 357 -1.46 40.61 19.37
C LEU B 357 -1.70 40.45 20.87
N ALA B 358 -2.70 39.66 21.23
CA ALA B 358 -2.98 39.29 22.61
C ALA B 358 -3.97 38.13 22.64
N GLY B 359 -3.63 37.08 23.37
CA GLY B 359 -4.45 35.89 23.42
C GLY B 359 -5.67 36.06 24.29
N GLU B 360 -6.13 34.94 24.86
CA GLU B 360 -7.41 34.88 25.56
C GLU B 360 -7.28 34.54 27.03
N THR B 361 -6.06 34.38 27.55
CA THR B 361 -5.83 33.88 28.90
C THR B 361 -5.45 35.00 29.86
N GLN B 362 -6.03 36.18 29.71
CA GLN B 362 -5.54 37.39 30.35
C GLN B 362 -6.66 38.14 31.02
N PRO B 363 -6.34 39.20 31.77
CA PRO B 363 -7.32 40.24 32.06
C PRO B 363 -7.29 41.31 30.99
N PRO B 364 -8.39 42.05 30.78
CA PRO B 364 -8.52 42.84 29.55
C PRO B 364 -7.52 43.98 29.40
N ALA B 365 -6.82 44.37 30.47
CA ALA B 365 -5.81 45.42 30.36
C ALA B 365 -4.72 45.03 29.38
N VAL B 366 -4.50 43.73 29.19
CA VAL B 366 -3.57 43.27 28.17
C VAL B 366 -4.02 43.75 26.80
N HIS B 367 -5.32 43.75 26.56
CA HIS B 367 -5.82 44.14 25.25
C HIS B 367 -5.89 45.64 25.11
N ALA B 368 -6.01 46.35 26.23
CA ALA B 368 -5.70 47.78 26.18
C ALA B 368 -4.27 47.98 25.68
N LEU B 369 -3.32 47.24 26.26
CA LEU B 369 -1.93 47.32 25.80
C LEU B 369 -1.79 46.84 24.37
N CYS B 370 -2.66 45.94 23.93
CA CYS B 370 -2.72 45.56 22.53
C CYS B 370 -3.19 46.71 21.66
N ALA B 371 -3.98 47.62 22.24
CA ALA B 371 -4.42 48.81 21.52
C ALA B 371 -3.44 49.97 21.67
N VAL B 372 -2.91 50.15 22.87
CA VAL B 372 -2.03 51.28 23.16
C VAL B 372 -0.78 51.17 22.33
N ILE B 373 -0.07 50.05 22.44
CA ILE B 373 1.20 49.96 21.73
C ILE B 373 0.95 49.84 20.24
N ASN B 374 -0.06 49.09 19.81
CA ASN B 374 -0.24 48.87 18.39
C ASN B 374 -0.71 50.13 17.69
N ASP B 375 -1.40 51.02 18.39
CA ASP B 375 -1.62 52.37 17.89
C ASP B 375 -0.33 53.15 17.94
N LEU B 376 0.33 53.16 19.09
CA LEU B 376 1.57 53.91 19.27
C LEU B 376 2.66 53.41 18.34
N LEU B 377 2.62 52.14 17.96
CA LEU B 377 3.63 51.54 17.11
C LEU B 377 3.55 52.11 15.72
N GLY B 378 2.37 52.56 15.31
CA GLY B 378 2.14 53.13 14.00
C GLY B 378 1.36 52.23 13.06
N SER B 379 1.10 50.99 13.45
CA SER B 379 0.41 50.04 12.60
C SER B 379 -1.09 50.13 12.87
N LEU B 380 -1.84 50.60 11.88
CA LEU B 380 -3.29 50.58 11.88
C LEU B 380 -3.85 49.87 10.65
N GLY B 381 -3.25 50.08 9.49
CA GLY B 381 -3.60 49.33 8.30
C GLY B 381 -3.13 47.89 8.32
N ARG B 382 -2.27 47.52 9.26
CA ARG B 382 -1.77 46.17 9.42
C ARG B 382 -2.53 45.39 10.48
N THR B 383 -3.32 46.07 11.31
CA THR B 383 -4.14 45.47 12.34
C THR B 383 -5.57 45.94 12.07
N VAL B 384 -5.99 45.77 10.82
CA VAL B 384 -7.21 46.36 10.28
C VAL B 384 -8.36 46.19 11.25
N ILE B 385 -9.00 47.31 11.56
CA ILE B 385 -9.88 47.45 12.71
C ILE B 385 -11.24 47.90 12.24
N LEU B 386 -12.29 47.36 12.85
CA LEU B 386 -13.62 47.37 12.27
C LEU B 386 -14.67 47.48 13.37
N HIS B 387 -15.62 48.39 13.17
CA HIS B 387 -16.56 48.80 14.20
C HIS B 387 -17.81 47.92 14.19
N ALA B 388 -18.02 47.17 15.26
CA ALA B 388 -19.16 46.27 15.35
C ALA B 388 -20.47 47.06 15.42
N LEU B 389 -21.59 46.34 15.45
CA LEU B 389 -22.92 46.96 15.43
C LEU B 389 -23.41 47.30 16.83
N ASP B 390 -22.56 47.96 17.61
CA ASP B 390 -22.87 48.32 18.99
C ASP B 390 -23.23 47.07 19.81
N GLU B 391 -22.22 46.22 19.98
CA GLU B 391 -22.33 45.01 20.80
C GLU B 391 -21.14 44.94 21.76
N PRO B 392 -21.13 45.80 22.79
CA PRO B 392 -20.10 45.72 23.83
C PRO B 392 -20.53 44.96 25.08
N ALA B 393 -21.80 44.58 25.16
CA ALA B 393 -22.44 44.24 26.42
C ALA B 393 -22.23 42.79 26.82
N THR B 394 -21.17 42.14 26.34
CA THR B 394 -20.93 40.72 26.60
C THR B 394 -20.01 40.56 27.81
N ALA B 395 -20.56 40.90 28.97
CA ALA B 395 -19.92 40.68 30.26
C ALA B 395 -20.61 39.48 30.92
N GLN B 396 -19.88 38.38 31.05
CA GLN B 396 -20.50 37.13 31.50
C GLN B 396 -21.02 37.23 32.93
N HIS B 397 -20.24 37.86 33.81
CA HIS B 397 -20.71 38.11 35.16
C HIS B 397 -22.00 38.91 35.17
N ALA B 398 -22.05 39.96 34.36
CA ALA B 398 -23.07 40.99 34.53
C ALA B 398 -24.46 40.46 34.26
N ALA B 399 -24.57 39.47 33.37
CA ALA B 399 -25.85 38.92 32.98
C ALA B 399 -26.10 37.58 33.63
N LEU B 400 -25.19 36.61 33.49
CA LEU B 400 -25.53 35.23 33.83
C LEU B 400 -25.85 35.08 35.32
N ALA B 401 -25.04 35.70 36.17
CA ALA B 401 -25.43 35.76 37.57
C ALA B 401 -26.72 36.55 37.74
N GLU B 402 -26.83 37.68 37.04
CA GLU B 402 -28.02 38.52 37.15
C GLU B 402 -29.27 37.81 36.61
N LEU B 403 -29.09 36.81 35.75
CA LEU B 403 -30.19 35.94 35.36
C LEU B 403 -30.65 35.14 36.57
N VAL B 404 -29.74 34.34 37.12
CA VAL B 404 -30.17 33.45 38.20
C VAL B 404 -30.52 34.20 39.48
N GLN B 405 -30.08 35.45 39.60
CA GLN B 405 -30.57 36.31 40.67
C GLN B 405 -32.04 36.63 40.49
N ALA B 406 -32.57 36.47 39.27
CA ALA B 406 -34.01 36.56 39.04
C ALA B 406 -34.69 35.19 39.08
N MET B 407 -33.94 34.13 38.79
CA MET B 407 -34.48 32.78 38.96
C MET B 407 -34.87 32.53 40.41
N GLN B 408 -33.98 32.88 41.34
CA GLN B 408 -34.22 32.59 42.74
C GLN B 408 -35.34 33.44 43.35
N ALA B 409 -35.82 34.46 42.65
CA ALA B 409 -36.88 35.33 43.14
C ALA B 409 -38.22 35.06 42.48
N GLY B 410 -38.30 34.07 41.57
CA GLY B 410 -39.54 33.78 40.89
C GLY B 410 -39.98 34.84 39.91
N ALA B 411 -39.07 35.72 39.50
CA ALA B 411 -39.40 36.78 38.56
C ALA B 411 -39.40 36.26 37.13
N VAL B 412 -38.35 35.57 36.73
CA VAL B 412 -38.22 35.03 35.38
C VAL B 412 -38.88 33.67 35.34
N ASP B 413 -39.70 33.43 34.32
CA ASP B 413 -40.46 32.20 34.18
C ASP B 413 -39.97 31.31 33.05
N ALA B 414 -39.83 31.83 31.84
CA ALA B 414 -39.40 31.03 30.70
C ALA B 414 -37.90 31.16 30.51
N LEU B 415 -37.32 30.11 29.94
CA LEU B 415 -35.86 29.97 29.85
C LEU B 415 -35.52 29.28 28.53
N LEU B 416 -35.26 30.06 27.49
CA LEU B 416 -35.27 29.60 26.11
C LEU B 416 -33.84 29.45 25.59
N LEU B 417 -33.24 28.31 25.89
CA LEU B 417 -31.90 28.00 25.42
C LEU B 417 -31.95 27.59 23.95
N LEU B 418 -30.89 27.92 23.21
CA LEU B 418 -30.87 27.71 21.77
C LEU B 418 -29.85 26.67 21.32
N ASN B 419 -28.57 26.90 21.57
CA ASN B 419 -27.55 25.93 21.15
C ASN B 419 -26.42 26.05 22.17
N VAL B 420 -26.54 25.27 23.25
CA VAL B 420 -25.70 25.46 24.43
C VAL B 420 -25.93 24.30 25.38
N ASN B 421 -24.94 24.00 26.20
CA ASN B 421 -25.08 23.07 27.32
C ASN B 421 -24.52 23.76 28.56
N PRO B 422 -25.30 24.63 29.21
CA PRO B 422 -24.77 25.33 30.37
C PRO B 422 -24.75 24.49 31.63
N VAL B 423 -25.55 23.43 31.72
CA VAL B 423 -25.38 22.50 32.83
C VAL B 423 -24.00 21.85 32.75
N TYR B 424 -23.60 21.47 31.54
CA TYR B 424 -22.24 21.02 31.29
C TYR B 424 -21.23 22.10 31.62
N ASP B 425 -21.49 23.31 31.14
CA ASP B 425 -20.61 24.47 31.28
C ASP B 425 -21.05 25.25 32.53
N ALA B 426 -20.72 26.55 32.61
CA ALA B 426 -21.33 27.43 33.60
C ALA B 426 -20.95 27.08 35.03
N PRO B 427 -19.72 27.42 35.46
CA PRO B 427 -19.23 27.08 36.79
C PRO B 427 -20.17 27.21 37.98
N ALA B 428 -20.01 26.29 38.92
CA ALA B 428 -20.81 26.26 40.14
C ALA B 428 -20.60 27.49 41.01
N ALA B 429 -19.50 28.22 40.81
CA ALA B 429 -19.25 29.42 41.58
C ALA B 429 -20.35 30.45 41.36
N LEU B 430 -20.99 30.42 40.20
CA LEU B 430 -22.20 31.19 39.92
C LEU B 430 -23.24 30.19 39.43
N GLY B 431 -24.15 29.82 40.33
CA GLY B 431 -24.96 28.63 40.11
C GLY B 431 -25.90 28.77 38.91
N PHE B 432 -26.09 27.65 38.21
CA PHE B 432 -27.10 27.49 37.17
C PHE B 432 -28.11 26.41 37.51
N ALA B 433 -27.66 25.19 37.80
CA ALA B 433 -28.56 24.08 38.03
C ALA B 433 -29.43 24.29 39.25
N GLU B 434 -28.86 24.92 40.28
CA GLU B 434 -29.64 25.26 41.47
C GLU B 434 -30.82 26.17 41.12
N ALA B 435 -30.67 26.98 40.07
CA ALA B 435 -31.75 27.81 39.60
C ALA B 435 -32.62 27.09 38.59
N LEU B 436 -32.02 26.22 37.77
CA LEU B 436 -32.76 25.55 36.72
C LEU B 436 -33.88 24.70 37.28
N ALA B 437 -33.60 23.97 38.36
CA ALA B 437 -34.66 23.15 38.96
C ALA B 437 -35.72 23.97 39.67
N GLN B 438 -35.47 25.25 39.92
CA GLN B 438 -36.45 26.10 40.59
C GLN B 438 -37.58 26.50 39.65
N VAL B 439 -37.29 26.65 38.38
CA VAL B 439 -38.17 27.36 37.44
C VAL B 439 -38.82 26.33 36.52
N PRO B 440 -40.18 26.30 36.42
CA PRO B 440 -40.80 25.55 35.31
C PRO B 440 -40.90 26.38 34.05
N GLU B 441 -41.59 25.85 33.03
CA GLU B 441 -41.62 26.46 31.68
C GLU B 441 -40.23 26.54 31.08
N VAL B 442 -39.34 25.62 31.44
CA VAL B 442 -38.04 25.56 30.80
C VAL B 442 -38.19 25.04 29.39
N ILE B 443 -37.43 25.59 28.47
CA ILE B 443 -37.52 25.25 27.05
C ILE B 443 -36.13 25.26 26.44
N HIS B 444 -35.57 24.07 26.21
CA HIS B 444 -34.24 23.91 25.66
C HIS B 444 -34.35 23.48 24.21
N LEU B 445 -34.09 24.40 23.30
CA LEU B 445 -33.79 24.05 21.93
C LEU B 445 -32.35 23.54 21.91
N GLY B 446 -32.13 22.45 21.20
CA GLY B 446 -30.89 21.72 21.36
C GLY B 446 -30.65 20.69 20.29
N LEU B 447 -29.38 20.41 20.05
CA LEU B 447 -28.95 19.50 19.00
C LEU B 447 -28.76 18.09 19.55
N HIS B 448 -28.00 17.96 20.63
CA HIS B 448 -27.95 16.75 21.42
C HIS B 448 -28.85 16.91 22.64
N VAL B 449 -28.78 15.96 23.57
CA VAL B 449 -29.76 15.78 24.63
C VAL B 449 -29.04 15.77 25.97
N ASP B 450 -27.93 16.50 26.07
CA ASP B 450 -26.94 16.28 27.11
C ASP B 450 -27.16 17.20 28.31
N GLU B 451 -27.66 16.62 29.40
CA GLU B 451 -27.60 17.23 30.73
C GLU B 451 -28.53 18.42 30.92
N THR B 452 -29.19 18.86 29.85
CA THR B 452 -30.07 20.01 29.85
C THR B 452 -31.46 19.62 29.39
N ALA B 453 -31.54 18.87 28.30
CA ALA B 453 -32.77 18.18 27.95
C ALA B 453 -33.22 17.29 29.09
N ARG B 454 -32.28 16.55 29.66
CA ARG B 454 -32.60 15.58 30.71
C ARG B 454 -33.17 16.27 31.94
N ARG B 455 -32.83 17.54 32.16
CA ARG B 455 -33.26 18.29 33.33
C ARG B 455 -34.37 19.28 33.05
N SER B 456 -34.70 19.54 31.80
CA SER B 456 -35.71 20.52 31.45
C SER B 456 -37.10 19.90 31.45
N THR B 457 -38.11 20.76 31.28
CA THR B 457 -39.50 20.34 31.14
C THR B 457 -39.97 20.32 29.70
N TRP B 458 -39.41 21.18 28.86
CA TRP B 458 -39.56 21.09 27.42
C TRP B 458 -38.18 21.11 26.80
N HIS B 459 -37.94 20.17 25.90
CA HIS B 459 -36.73 20.17 25.06
C HIS B 459 -37.14 20.05 23.61
N LEU B 460 -37.12 21.15 22.88
CA LEU B 460 -37.28 21.08 21.46
C LEU B 460 -36.11 20.28 20.87
N PRO B 461 -36.32 19.61 19.75
CA PRO B 461 -35.18 19.25 18.91
C PRO B 461 -34.77 20.48 18.13
N SER B 462 -33.53 20.45 17.62
CA SER B 462 -33.00 21.57 16.87
C SER B 462 -32.51 21.08 15.52
N THR B 463 -32.65 21.95 14.52
CA THR B 463 -31.94 21.76 13.28
C THR B 463 -30.50 22.17 13.45
N HIS B 464 -29.66 21.58 12.61
CA HIS B 464 -28.35 22.14 12.37
C HIS B 464 -28.54 23.39 11.51
N TYR B 465 -27.45 24.09 11.22
CA TYR B 465 -27.59 25.27 10.37
C TYR B 465 -27.93 24.91 8.93
N LEU B 466 -27.89 23.63 8.56
CA LEU B 466 -28.18 23.23 7.20
C LEU B 466 -29.67 23.27 6.86
N GLU B 467 -30.54 23.58 7.82
CA GLU B 467 -31.97 23.62 7.57
C GLU B 467 -32.62 24.83 8.22
N ALA B 468 -31.87 25.92 8.33
CA ALA B 468 -32.25 27.07 9.14
C ALA B 468 -32.77 28.25 8.33
N TRP B 469 -32.33 28.39 7.09
CA TRP B 469 -32.42 29.64 6.35
C TRP B 469 -31.75 30.77 7.11
N GLY B 470 -30.75 30.43 7.92
CA GLY B 470 -30.15 31.40 8.79
C GLY B 470 -29.40 32.48 8.04
N ASP B 471 -29.27 33.61 8.72
CA ASP B 471 -28.38 34.68 8.32
C ASP B 471 -27.23 34.73 9.30
N GLY B 472 -26.13 35.32 8.87
CA GLY B 472 -24.94 35.27 9.67
C GLY B 472 -23.82 36.13 9.16
N ARG B 473 -23.07 36.72 10.09
CA ARG B 473 -21.92 37.56 9.76
C ARG B 473 -20.65 36.73 9.83
N ALA B 474 -19.81 36.87 8.81
CA ALA B 474 -18.44 36.41 8.94
C ALA B 474 -17.75 37.21 10.02
N TYR B 475 -16.60 36.73 10.46
CA TYR B 475 -15.94 37.38 11.59
C TYR B 475 -15.51 38.77 11.18
N ASP B 476 -16.24 39.75 11.68
CA ASP B 476 -15.89 41.14 11.66
C ASP B 476 -16.11 41.78 10.28
N GLY B 477 -16.47 41.00 9.27
CA GLY B 477 -16.53 41.48 7.91
C GLY B 477 -17.89 41.34 7.25
N THR B 478 -17.94 40.54 6.19
CA THR B 478 -19.09 40.48 5.32
C THR B 478 -20.30 39.91 6.03
N LEU B 479 -21.40 39.82 5.29
CA LEU B 479 -22.73 39.50 5.80
C LEU B 479 -23.31 38.40 4.90
N SER B 480 -23.06 37.14 5.26
CA SER B 480 -23.35 36.01 4.40
C SER B 480 -24.77 35.53 4.62
N VAL B 481 -25.09 34.35 4.07
CA VAL B 481 -26.40 33.74 4.26
C VAL B 481 -26.31 32.28 3.86
N ILE B 482 -27.04 31.44 4.56
CA ILE B 482 -27.00 30.00 4.36
C ILE B 482 -27.90 29.61 3.20
N GLN B 483 -27.43 28.66 2.40
CA GLN B 483 -28.31 27.86 1.58
C GLN B 483 -28.68 26.62 2.37
N PRO B 484 -29.94 26.39 2.71
CA PRO B 484 -30.30 25.08 3.27
C PRO B 484 -30.42 24.05 2.17
N LEU B 485 -29.77 22.91 2.38
CA LEU B 485 -29.50 21.92 1.36
C LEU B 485 -30.49 20.78 1.36
N ILE B 486 -30.81 20.32 2.56
CA ILE B 486 -31.61 19.12 2.79
C ILE B 486 -32.83 19.51 3.59
N ALA B 487 -33.92 18.80 3.37
CA ALA B 487 -35.07 18.96 4.25
C ALA B 487 -34.67 18.54 5.66
N PRO B 488 -35.43 18.94 6.67
CA PRO B 488 -35.12 18.45 8.01
C PRO B 488 -35.17 16.94 8.06
N LEU B 489 -34.00 16.33 8.31
CA LEU B 489 -33.87 14.87 8.25
C LEU B 489 -34.82 14.19 9.22
N TYR B 490 -35.11 14.85 10.32
CA TYR B 490 -35.97 14.32 11.37
C TYR B 490 -37.27 15.12 11.38
N GLU B 491 -38.39 14.41 11.49
CA GLU B 491 -39.68 15.06 11.64
C GLU B 491 -39.65 16.05 12.79
N ALA B 492 -40.12 17.27 12.52
CA ALA B 492 -40.32 18.28 13.54
C ALA B 492 -39.01 18.62 14.25
N ALA B 493 -38.11 19.22 13.48
CA ALA B 493 -36.88 19.76 14.03
C ALA B 493 -37.04 21.19 14.51
N HIS B 494 -37.67 22.06 13.72
CA HIS B 494 -38.11 23.38 14.17
C HIS B 494 -36.92 24.23 14.62
N SER B 495 -36.16 24.66 13.62
CA SER B 495 -34.97 25.51 13.74
C SER B 495 -35.14 26.65 14.74
N PRO B 496 -34.07 27.09 15.40
CA PRO B 496 -34.24 28.04 16.51
C PRO B 496 -34.83 29.35 16.10
N LEU B 497 -34.53 29.82 14.91
CA LEU B 497 -34.93 31.15 14.50
C LEU B 497 -36.45 31.27 14.42
N GLU B 498 -37.09 30.35 13.70
CA GLU B 498 -38.54 30.38 13.62
C GLU B 498 -39.15 30.04 14.95
N VAL B 499 -38.50 29.21 15.77
CA VAL B 499 -38.96 28.98 17.13
C VAL B 499 -38.93 30.27 17.93
N LEU B 500 -37.85 31.02 17.81
CA LEU B 500 -37.76 32.32 18.46
C LEU B 500 -38.83 33.26 17.92
N ALA B 501 -39.26 33.04 16.68
CA ALA B 501 -40.41 33.73 16.13
C ALA B 501 -41.73 33.05 16.48
N LEU B 502 -41.70 31.77 16.82
CA LEU B 502 -42.88 31.09 17.31
C LEU B 502 -43.27 31.67 18.64
N LEU B 503 -42.28 32.12 19.40
CA LEU B 503 -42.54 32.86 20.62
C LEU B 503 -43.19 34.20 20.35
N ALA B 504 -43.08 34.72 19.13
CA ALA B 504 -43.59 36.05 18.78
C ALA B 504 -45.09 36.07 18.49
N THR B 505 -45.85 35.11 19.01
CA THR B 505 -47.31 35.16 19.05
C THR B 505 -47.91 34.91 17.67
N GLY B 506 -47.32 33.99 16.92
CA GLY B 506 -47.89 33.53 15.67
C GLY B 506 -47.48 32.10 15.43
N GLU B 507 -48.07 31.53 14.38
CA GLU B 507 -47.67 30.19 13.98
C GLU B 507 -46.24 30.21 13.50
N GLU B 508 -45.64 29.03 13.40
CA GLU B 508 -44.23 28.88 13.05
C GLU B 508 -43.89 29.59 11.75
N GLN B 509 -43.12 30.65 11.86
CA GLN B 509 -42.80 31.47 10.70
C GLN B 509 -41.93 30.69 9.73
N SER B 510 -42.35 30.65 8.47
CA SER B 510 -41.51 30.07 7.44
C SER B 510 -40.22 30.88 7.36
N ALA B 511 -39.11 30.27 7.77
CA ALA B 511 -37.84 30.97 7.82
C ALA B 511 -37.45 31.53 6.46
N TYR B 512 -37.89 30.88 5.39
CA TYR B 512 -37.66 31.39 4.05
C TYR B 512 -38.30 32.74 3.85
N ASP B 513 -39.53 32.93 4.34
CA ASP B 513 -40.21 34.21 4.20
C ASP B 513 -39.90 35.17 5.35
N LEU B 514 -39.68 34.63 6.54
CA LEU B 514 -39.27 35.45 7.68
C LEU B 514 -37.96 36.16 7.37
N VAL B 515 -36.94 35.39 7.02
CA VAL B 515 -35.60 35.92 6.81
C VAL B 515 -35.63 37.03 5.78
N ARG B 516 -36.32 36.78 4.66
CA ARG B 516 -36.42 37.74 3.58
C ARG B 516 -36.95 39.07 4.06
N ASN B 517 -37.87 39.06 5.03
CA ASN B 517 -38.45 40.33 5.45
C ASN B 517 -37.46 41.28 6.13
N THR B 518 -36.31 40.78 6.59
CA THR B 518 -35.29 41.65 7.17
C THR B 518 -34.48 42.37 6.10
N TRP B 519 -34.18 41.64 5.03
CA TRP B 519 -33.25 42.14 4.03
C TRP B 519 -33.75 43.43 3.39
N ARG B 520 -35.05 43.51 3.12
CA ARG B 520 -35.61 44.72 2.50
C ARG B 520 -35.36 45.97 3.33
N ARG B 521 -35.26 45.81 4.65
CA ARG B 521 -34.86 46.91 5.51
C ARG B 521 -33.36 47.14 5.50
N LEU B 522 -32.57 46.13 5.08
CA LEU B 522 -31.12 46.21 5.20
C LEU B 522 -30.36 45.64 4.00
N LEU B 523 -31.00 45.47 2.85
CA LEU B 523 -30.33 44.82 1.72
C LEU B 523 -29.11 45.59 1.28
N ALA B 524 -29.23 46.92 1.16
CA ALA B 524 -28.12 47.79 0.78
C ALA B 524 -27.64 47.47 -0.64
N GLY B 525 -28.58 47.11 -1.50
CA GLY B 525 -28.30 46.82 -2.89
C GLY B 525 -29.46 47.27 -3.74
N ARG B 526 -29.19 48.10 -4.74
CA ARG B 526 -30.26 48.74 -5.48
C ARG B 526 -31.04 47.75 -6.34
N GLY B 527 -30.52 46.55 -6.56
CA GLY B 527 -31.27 45.53 -7.26
C GLY B 527 -32.19 44.79 -6.31
N ALA B 528 -33.41 44.52 -6.79
CA ALA B 528 -34.40 43.87 -5.97
C ALA B 528 -33.98 42.44 -5.66
N PHE B 529 -34.82 41.75 -4.88
CA PHE B 529 -34.46 40.44 -4.34
C PHE B 529 -34.18 39.44 -5.44
N GLU B 530 -35.14 39.18 -6.30
CA GLU B 530 -34.98 38.06 -7.22
C GLU B 530 -33.85 38.28 -8.25
N GLN B 531 -33.16 39.41 -8.20
CA GLN B 531 -31.86 39.58 -8.84
C GLN B 531 -30.73 39.78 -7.83
N ALA B 532 -31.06 40.08 -6.57
CA ALA B 532 -30.07 40.27 -5.51
C ALA B 532 -30.05 39.10 -4.54
N TRP B 533 -31.20 38.76 -3.95
CA TRP B 533 -31.37 37.55 -3.19
C TRP B 533 -30.84 36.35 -3.95
N GLN B 534 -31.22 36.19 -5.21
CA GLN B 534 -30.68 35.10 -6.01
C GLN B 534 -29.17 35.25 -6.17
N ARG B 535 -28.68 36.49 -6.15
CA ARG B 535 -27.26 36.74 -6.36
C ARG B 535 -26.46 36.49 -5.09
N VAL B 536 -27.00 36.81 -3.93
CA VAL B 536 -26.29 36.63 -2.68
C VAL B 536 -26.37 35.18 -2.23
N LEU B 537 -27.55 34.58 -2.35
CA LEU B 537 -27.71 33.16 -2.10
C LEU B 537 -26.82 32.36 -3.03
N HIS B 538 -26.57 32.88 -4.24
CA HIS B 538 -25.56 32.30 -5.11
C HIS B 538 -24.15 32.57 -4.60
N ASP B 539 -23.78 33.84 -4.51
CA ASP B 539 -22.39 34.23 -4.31
C ASP B 539 -21.88 33.90 -2.93
N GLY B 540 -22.74 33.56 -1.98
CA GLY B 540 -22.32 33.22 -0.64
C GLY B 540 -22.05 34.38 0.28
N PHE B 541 -21.86 35.59 -0.25
CA PHE B 541 -21.59 36.74 0.60
C PHE B 541 -22.16 38.01 0.00
N LEU B 542 -22.86 38.76 0.81
CA LEU B 542 -23.29 40.10 0.46
C LEU B 542 -22.04 40.97 0.30
N PRO B 543 -21.68 41.40 -0.94
CA PRO B 543 -20.33 41.97 -1.15
C PRO B 543 -19.96 43.20 -0.33
N ASP B 544 -20.74 44.29 -0.42
CA ASP B 544 -20.24 45.59 0.03
C ASP B 544 -20.09 45.67 1.54
N SER B 545 -20.68 44.76 2.30
CA SER B 545 -20.64 44.85 3.75
C SER B 545 -19.22 44.63 4.24
N GLY B 546 -19.09 44.68 5.57
CA GLY B 546 -17.80 44.83 6.21
C GLY B 546 -17.79 46.20 6.83
N TYR B 547 -17.62 46.26 8.13
CA TYR B 547 -17.93 47.46 8.85
C TYR B 547 -16.97 48.57 8.47
N PRO B 548 -17.34 49.80 8.71
CA PRO B 548 -16.37 50.88 8.55
C PRO B 548 -15.22 50.75 9.55
N THR B 549 -14.10 51.35 9.18
CA THR B 549 -12.84 51.14 9.86
C THR B 549 -12.53 52.32 10.76
N VAL B 550 -12.43 52.07 12.07
CA VAL B 550 -12.18 53.14 13.02
C VAL B 550 -10.70 53.50 13.04
N SER B 551 -10.42 54.72 13.49
CA SER B 551 -9.09 55.29 13.64
C SER B 551 -8.63 55.14 15.08
N LEU B 552 -7.54 55.83 15.41
CA LEU B 552 -7.07 55.85 16.78
C LEU B 552 -8.05 56.62 17.65
N ARG B 553 -8.77 55.90 18.48
CA ARG B 553 -9.45 56.46 19.63
C ARG B 553 -8.58 56.57 20.89
N PRO B 554 -7.71 55.60 21.22
CA PRO B 554 -7.12 55.62 22.56
C PRO B 554 -6.09 56.73 22.71
N ASN B 555 -6.22 57.49 23.79
CA ASN B 555 -5.08 58.16 24.40
C ASN B 555 -4.98 57.66 25.82
N ARG B 556 -4.40 56.47 25.96
CA ARG B 556 -3.95 55.91 27.23
C ARG B 556 -5.04 55.94 28.30
N GLN B 557 -6.26 55.60 27.87
CA GLN B 557 -7.37 55.45 28.82
C GLN B 557 -7.20 54.20 29.65
N ALA B 558 -7.19 53.07 29.00
CA ALA B 558 -7.31 51.80 29.68
C ALA B 558 -5.94 51.41 30.18
N LEU B 559 -5.61 51.88 31.39
CA LEU B 559 -4.32 51.62 32.00
C LEU B 559 -4.46 51.38 33.50
N ALA B 560 -5.60 50.83 33.95
CA ALA B 560 -5.93 50.83 35.36
C ALA B 560 -6.57 49.51 35.83
N ASP B 561 -6.24 48.38 35.19
CA ASP B 561 -6.46 47.06 35.80
C ASP B 561 -5.18 46.24 35.64
N TRP B 562 -4.17 46.60 36.40
CA TRP B 562 -2.91 45.87 36.50
C TRP B 562 -2.81 44.86 37.66
N PRO B 563 -3.17 45.20 38.92
CA PRO B 563 -2.75 44.36 40.04
C PRO B 563 -3.45 43.01 40.14
N GLN B 564 -4.21 42.60 39.11
CA GLN B 564 -4.69 41.24 39.01
C GLN B 564 -3.59 40.24 38.66
N ALA B 565 -2.32 40.63 38.59
CA ALA B 565 -1.23 39.68 38.47
C ALA B 565 -1.04 38.99 39.82
N ALA B 566 -1.93 38.06 40.12
CA ALA B 566 -1.87 37.27 41.35
C ALA B 566 -1.15 35.97 41.09
N GLU B 567 -0.58 35.41 42.16
CA GLU B 567 0.26 34.22 42.06
C GLU B 567 0.12 33.46 43.37
N GLY B 568 0.94 32.42 43.53
CA GLY B 568 0.94 31.60 44.72
C GLY B 568 0.26 30.27 44.58
N GLY B 569 0.09 29.77 43.37
CA GLY B 569 -0.59 28.51 43.18
C GLY B 569 -0.42 27.98 41.78
N LEU B 570 -0.73 26.69 41.64
CA LEU B 570 -0.67 26.02 40.35
C LEU B 570 -1.66 26.65 39.39
N GLU B 571 -1.21 26.91 38.17
CA GLU B 571 -2.11 27.40 37.14
C GLU B 571 -2.87 26.24 36.54
N VAL B 572 -4.16 26.46 36.29
CA VAL B 572 -5.12 25.43 35.94
C VAL B 572 -5.81 25.87 34.67
N VAL B 573 -5.07 26.58 33.81
CA VAL B 573 -5.66 27.27 32.68
C VAL B 573 -6.40 26.32 31.77
N PHE B 574 -7.49 26.80 31.20
CA PHE B 574 -8.27 26.05 30.24
C PHE B 574 -7.92 26.51 28.84
N ARG B 575 -8.22 25.66 27.86
CA ARG B 575 -7.91 25.98 26.48
C ARG B 575 -8.62 24.96 25.60
N LEU B 576 -9.21 25.44 24.52
CA LEU B 576 -10.02 24.59 23.66
C LEU B 576 -9.16 24.00 22.55
N ASP B 577 -9.16 22.68 22.46
CA ASP B 577 -8.41 21.99 21.43
C ASP B 577 -8.93 22.40 20.06
N PRO B 578 -8.10 22.29 19.02
CA PRO B 578 -8.61 22.61 17.68
C PRO B 578 -9.74 21.72 17.24
N THR B 579 -9.87 20.53 17.82
CA THR B 579 -10.82 19.54 17.34
C THR B 579 -12.16 19.58 18.05
N VAL B 580 -12.29 20.34 19.13
CA VAL B 580 -13.57 20.51 19.83
C VAL B 580 -13.63 21.94 20.36
N LEU B 581 -14.85 22.46 20.49
CA LEU B 581 -15.09 23.85 20.86
C LEU B 581 -16.18 23.87 21.93
N ASP B 582 -15.77 23.95 23.19
CA ASP B 582 -16.68 23.92 24.34
C ASP B 582 -17.57 22.67 24.31
N GLY B 583 -17.04 21.58 23.77
CA GLY B 583 -17.74 20.32 23.76
C GLY B 583 -18.93 20.25 22.84
N SER B 584 -19.22 21.30 22.10
CA SER B 584 -20.43 21.36 21.29
C SER B 584 -20.36 20.47 20.06
N PHE B 585 -19.24 19.81 19.78
CA PHE B 585 -19.06 18.96 18.61
C PHE B 585 -18.34 17.69 19.01
N ALA B 586 -18.75 17.08 20.12
CA ALA B 586 -18.06 15.93 20.69
C ALA B 586 -18.50 14.62 20.08
N ASN B 587 -19.79 14.46 19.81
CA ASN B 587 -20.30 13.27 19.13
C ASN B 587 -20.00 13.40 17.63
N ASN B 588 -18.71 13.41 17.32
CA ASN B 588 -18.23 13.81 16.01
C ASN B 588 -16.92 13.06 15.77
N ALA B 589 -17.01 11.94 15.05
CA ALA B 589 -15.89 11.01 15.02
C ALA B 589 -14.72 11.58 14.24
N TRP B 590 -14.99 12.18 13.08
CA TRP B 590 -13.94 12.82 12.30
C TRP B 590 -13.16 13.82 13.15
N ALA B 591 -13.84 14.51 14.05
CA ALA B 591 -13.20 15.42 14.98
C ALA B 591 -12.75 14.72 16.26
N GLN B 592 -13.52 13.76 16.74
CA GLN B 592 -13.18 13.16 18.02
C GLN B 592 -11.98 12.27 17.90
N GLU B 593 -11.89 11.52 16.80
CA GLU B 593 -10.70 10.74 16.47
C GLU B 593 -9.79 11.55 15.56
N LEU B 594 -9.49 12.76 16.00
CA LEU B 594 -8.60 13.66 15.30
C LEU B 594 -7.42 13.97 16.20
N PRO B 595 -6.18 13.67 15.82
CA PRO B 595 -5.06 13.97 16.71
C PRO B 595 -4.92 15.48 16.91
N ASP B 596 -4.72 15.88 18.15
CA ASP B 596 -4.37 17.26 18.36
C ASP B 596 -2.98 17.52 17.78
N PRO B 597 -2.68 18.72 17.39
CA PRO B 597 -1.40 18.97 16.71
C PRO B 597 -0.22 19.00 17.66
N ILE B 598 -0.48 19.46 18.88
CA ILE B 598 0.55 19.47 19.91
C ILE B 598 1.03 18.06 20.15
N THR B 599 0.10 17.21 20.53
CA THR B 599 0.33 15.82 20.85
C THR B 599 -0.74 15.02 20.16
N LYS B 600 -0.36 13.95 19.48
CA LYS B 600 -1.34 13.23 18.69
C LYS B 600 -2.28 12.46 19.60
N ILE B 601 -3.09 13.19 20.33
CA ILE B 601 -3.97 12.66 21.35
C ILE B 601 -5.37 12.56 20.77
N VAL B 602 -6.08 11.53 21.18
CA VAL B 602 -7.43 11.27 20.72
C VAL B 602 -8.24 10.68 21.86
N TRP B 603 -9.51 11.03 21.90
CA TRP B 603 -10.50 10.37 22.73
C TRP B 603 -10.28 10.57 24.22
N ASP B 604 -9.62 11.64 24.64
CA ASP B 604 -9.56 11.91 26.06
C ASP B 604 -9.04 13.32 26.31
N ASN B 605 -9.68 14.01 27.24
CA ASN B 605 -9.11 15.24 27.75
C ASN B 605 -7.92 14.90 28.64
N VAL B 606 -7.07 15.89 28.82
CA VAL B 606 -5.72 15.67 29.30
C VAL B 606 -5.26 16.81 30.19
N ALA B 607 -4.04 16.71 30.70
CA ALA B 607 -3.36 17.83 31.34
C ALA B 607 -1.88 17.74 30.98
N ILE B 608 -1.38 18.76 30.31
CA ILE B 608 -0.04 18.76 29.74
C ILE B 608 0.80 19.70 30.58
N LEU B 609 2.05 19.33 30.81
CA LEU B 609 2.88 20.02 31.79
C LEU B 609 4.34 19.65 31.58
N SER B 610 5.20 20.26 32.37
CA SER B 610 6.62 20.12 32.18
C SER B 610 7.14 18.85 32.84
N PRO B 611 8.27 18.31 32.37
CA PRO B 611 8.91 17.26 33.14
C PRO B 611 9.44 17.75 34.47
N LYS B 612 9.78 19.02 34.61
CA LYS B 612 10.35 19.49 35.85
C LYS B 612 9.29 19.56 36.95
N THR B 613 8.06 19.88 36.59
CA THR B 613 6.98 19.75 37.55
C THR B 613 6.62 18.30 37.75
N ALA B 614 6.63 17.49 36.69
CA ALA B 614 6.31 16.08 36.82
C ALA B 614 7.33 15.37 37.72
N ALA B 615 8.61 15.62 37.49
CA ALA B 615 9.67 15.11 38.33
C ALA B 615 9.74 15.84 39.66
N ALA B 616 8.97 16.91 39.85
CA ALA B 616 8.76 17.51 41.16
C ALA B 616 7.36 17.26 41.72
N LEU B 617 6.51 16.54 40.99
CA LEU B 617 5.18 16.15 41.43
C LEU B 617 5.09 14.65 41.66
N GLY B 618 5.61 13.86 40.71
CA GLY B 618 5.75 12.42 40.88
C GLY B 618 4.95 11.59 39.91
N VAL B 619 4.70 12.11 38.70
CA VAL B 619 3.91 11.42 37.69
C VAL B 619 4.71 11.34 36.41
N LYS B 620 4.19 10.55 35.47
CA LYS B 620 4.91 10.20 34.25
C LYS B 620 3.91 9.86 33.16
N ALA B 621 4.44 9.68 31.95
CA ALA B 621 3.71 9.14 30.81
C ALA B 621 4.36 7.84 30.38
N GLU B 622 4.64 6.97 31.34
CA GLU B 622 5.36 5.73 31.11
C GLU B 622 4.65 4.85 30.09
N TYR B 623 5.44 4.19 29.24
CA TYR B 623 4.93 3.19 28.32
C TYR B 623 5.90 2.02 28.25
N HIS B 624 5.42 0.85 28.63
CA HIS B 624 6.13 -0.41 28.41
C HIS B 624 5.45 -1.26 27.34
N LYS B 625 4.47 -0.70 26.64
CA LYS B 625 3.80 -1.36 25.53
C LYS B 625 3.54 -0.42 24.36
N GLY B 626 4.16 0.75 24.33
CA GLY B 626 3.89 1.71 23.28
C GLY B 626 2.46 2.18 23.28
N VAL B 627 1.88 2.36 24.47
CA VAL B 627 0.50 2.80 24.62
C VAL B 627 0.32 3.93 25.61
N TYR B 628 1.40 4.40 26.26
CA TYR B 628 1.35 5.55 27.16
C TYR B 628 0.35 5.35 28.29
N ILE B 629 0.68 4.43 29.20
CA ILE B 629 -0.03 4.39 30.46
C ILE B 629 0.24 5.68 31.20
N ALA B 630 -0.77 6.19 31.90
CA ALA B 630 -0.77 7.54 32.43
C ALA B 630 -1.24 7.57 33.87
N ASP B 631 -0.58 8.40 34.67
CA ASP B 631 -0.98 8.68 36.04
C ASP B 631 -2.14 9.68 36.00
N VAL B 632 -2.49 10.24 37.16
CA VAL B 632 -3.60 11.18 37.27
C VAL B 632 -3.23 12.31 38.23
N ILE B 633 -4.16 13.24 38.40
CA ILE B 633 -3.91 14.49 39.12
C ILE B 633 -4.89 14.66 40.28
N GLU B 634 -6.18 14.44 40.03
CA GLU B 634 -7.24 14.73 40.99
C GLU B 634 -7.12 16.17 41.51
N LEU B 635 -7.13 17.10 40.57
CA LEU B 635 -7.07 18.52 40.91
C LEU B 635 -8.36 18.92 41.62
N SER B 636 -8.22 19.86 42.55
CA SER B 636 -9.28 20.17 43.52
C SER B 636 -9.38 21.68 43.66
N LEU B 637 -10.51 22.25 43.24
CA LEU B 637 -10.76 23.67 43.31
C LEU B 637 -12.05 23.91 44.10
N ASP B 638 -11.91 24.49 45.29
CA ASP B 638 -13.05 24.94 46.09
C ASP B 638 -13.97 23.76 46.47
N GLY B 639 -13.43 22.56 46.52
CA GLY B 639 -14.22 21.39 46.84
C GLY B 639 -15.00 20.85 45.68
N ARG B 640 -14.47 20.97 44.46
CA ARG B 640 -15.13 20.55 43.24
C ARG B 640 -14.14 19.75 42.38
N ALA B 641 -13.52 18.78 43.00
CA ALA B 641 -12.37 18.10 42.42
C ALA B 641 -12.78 17.00 41.44
N VAL B 642 -11.94 16.81 40.43
CA VAL B 642 -11.98 15.63 39.57
C VAL B 642 -10.55 15.32 39.15
N GLU B 643 -10.33 14.09 38.68
CA GLU B 643 -9.05 13.64 38.17
C GLU B 643 -9.14 13.40 36.68
N LEU B 644 -8.00 13.10 36.09
CA LEU B 644 -7.86 12.97 34.65
C LEU B 644 -6.44 12.50 34.35
N PRO B 645 -6.19 11.96 33.16
CA PRO B 645 -4.83 11.56 32.83
C PRO B 645 -3.91 12.75 32.75
N VAL B 646 -2.71 12.58 33.30
CA VAL B 646 -1.63 13.51 33.12
C VAL B 646 -0.72 13.00 32.01
N TRP B 647 -0.51 13.83 31.01
CA TRP B 647 0.51 13.61 30.00
C TRP B 647 1.52 14.74 30.15
N VAL B 648 2.70 14.53 29.60
CA VAL B 648 3.83 15.44 29.80
C VAL B 648 4.34 15.88 28.44
N LEU B 649 4.83 17.12 28.40
CA LEU B 649 5.36 17.73 27.20
C LEU B 649 6.55 18.58 27.63
N PRO B 650 7.66 18.59 26.89
CA PRO B 650 8.81 19.40 27.31
C PRO B 650 8.68 20.89 27.04
N GLY B 651 7.50 21.39 26.73
CA GLY B 651 7.34 22.77 26.32
C GLY B 651 6.74 23.68 27.37
N HIS B 652 5.82 23.16 28.18
CA HIS B 652 5.07 24.01 29.08
C HIS B 652 5.93 24.52 30.22
N PRO B 653 5.51 25.58 30.89
CA PRO B 653 6.33 26.13 31.98
C PRO B 653 6.01 25.53 33.34
N ASP B 654 6.67 26.05 34.38
CA ASP B 654 6.37 25.63 35.73
C ASP B 654 4.93 25.94 36.09
N ASP B 655 4.40 25.15 37.01
CA ASP B 655 3.11 25.34 37.68
C ASP B 655 2.01 25.78 36.72
N SER B 656 1.74 24.94 35.73
CA SER B 656 0.69 25.25 34.77
C SER B 656 0.32 24.00 34.00
N ILE B 657 -0.98 23.86 33.75
CA ILE B 657 -1.54 22.73 33.04
C ILE B 657 -2.67 23.25 32.16
N THR B 658 -2.73 22.78 30.93
CA THR B 658 -3.75 23.20 29.97
C THR B 658 -4.74 22.05 29.81
N VAL B 659 -5.74 22.04 30.66
CA VAL B 659 -6.78 21.01 30.60
C VAL B 659 -7.78 21.39 29.53
N TYR B 660 -7.90 20.55 28.51
CA TYR B 660 -8.78 20.82 27.40
C TYR B 660 -10.20 20.41 27.74
N LEU B 661 -11.15 21.14 27.17
CA LEU B 661 -12.56 20.99 27.48
C LEU B 661 -13.22 20.07 26.48
N GLY B 662 -14.55 19.99 26.53
CA GLY B 662 -15.23 18.93 25.85
C GLY B 662 -14.88 17.63 26.52
N TYR B 663 -15.14 16.54 25.81
CA TYR B 663 -14.65 15.22 26.15
C TYR B 663 -15.21 14.68 27.46
N GLY B 664 -16.20 15.33 28.05
CA GLY B 664 -16.79 14.87 29.30
C GLY B 664 -18.29 15.00 29.26
N ARG B 665 -18.85 14.87 28.07
CA ARG B 665 -20.19 15.31 27.76
C ARG B 665 -21.10 14.08 27.67
N GLU B 666 -21.86 13.82 28.72
CA GLU B 666 -22.69 12.63 28.77
C GLU B 666 -23.77 12.69 27.72
N ILE B 667 -23.99 11.58 27.03
CA ILE B 667 -24.90 11.47 25.90
C ILE B 667 -25.85 10.31 26.15
N THR B 668 -27.10 10.49 25.70
CA THR B 668 -28.19 9.58 26.00
C THR B 668 -28.74 9.03 24.69
N SER B 669 -28.70 7.72 24.54
CA SER B 669 -28.89 7.06 23.25
C SER B 669 -30.32 6.58 23.07
N THR B 670 -30.80 6.70 21.82
CA THR B 670 -32.06 6.12 21.41
C THR B 670 -31.90 4.77 20.73
N ARG B 671 -30.77 4.56 20.06
CA ARG B 671 -30.51 3.30 19.38
C ARG B 671 -30.04 2.24 20.38
N PRO B 672 -30.22 0.96 20.06
CA PRO B 672 -29.75 -0.08 20.98
C PRO B 672 -28.24 -0.16 21.01
N GLU B 673 -27.73 -0.91 21.98
CA GLU B 673 -26.30 -1.16 22.05
C GLU B 673 -25.82 -2.16 20.99
N ARG B 674 -26.74 -2.86 20.34
CA ARG B 674 -26.41 -3.75 19.23
C ARG B 674 -25.43 -4.83 19.68
N LYS B 675 -25.89 -5.68 20.59
CA LYS B 675 -25.13 -6.87 20.93
C LYS B 675 -25.25 -7.89 19.82
N THR B 676 -24.18 -8.63 19.62
CA THR B 676 -24.13 -9.81 18.76
C THR B 676 -23.42 -10.88 19.56
N PRO B 677 -23.43 -12.13 19.09
CA PRO B 677 -22.84 -13.21 19.90
C PRO B 677 -21.36 -12.99 20.15
N PHE B 678 -20.88 -13.62 21.23
CA PHE B 678 -19.47 -13.50 21.59
C PHE B 678 -18.57 -14.04 20.48
N PHE B 679 -19.08 -14.96 19.67
CA PHE B 679 -18.37 -15.40 18.48
C PHE B 679 -18.11 -14.27 17.51
N ASP B 680 -18.91 -13.20 17.56
CA ASP B 680 -18.80 -12.08 16.64
C ASP B 680 -18.28 -10.85 17.36
N LEU B 681 -17.41 -10.10 16.69
CA LEU B 681 -16.90 -8.84 17.22
C LEU B 681 -17.85 -7.71 16.88
N ASP B 682 -18.31 -7.03 17.90
CA ASP B 682 -19.08 -5.80 17.76
C ASP B 682 -18.54 -4.68 18.62
N ASP B 683 -18.05 -4.98 19.82
CA ASP B 683 -17.60 -3.93 20.73
C ASP B 683 -16.38 -3.21 20.19
N TYR B 684 -15.46 -3.94 19.58
CA TYR B 684 -14.27 -3.30 19.03
C TYR B 684 -14.60 -2.47 17.79
N THR B 685 -15.62 -2.88 17.03
CA THR B 685 -15.98 -2.20 15.79
C THR B 685 -17.09 -1.18 15.98
N ASP B 686 -18.16 -1.56 16.68
CA ASP B 686 -19.36 -0.74 16.78
C ASP B 686 -19.06 0.43 17.71
N ILE B 687 -18.34 1.40 17.16
CA ILE B 687 -17.97 2.59 17.92
C ILE B 687 -19.20 3.35 18.36
N TYR B 688 -20.26 3.29 17.56
CA TYR B 688 -21.55 3.84 17.92
C TYR B 688 -22.41 2.87 18.72
N GLY B 689 -21.86 1.73 19.13
CA GLY B 689 -22.65 0.73 19.79
C GLY B 689 -22.93 0.97 21.25
N HIS B 690 -21.88 0.90 22.10
CA HIS B 690 -22.06 0.90 23.55
C HIS B 690 -22.88 2.08 24.04
N GLY B 691 -22.85 3.17 23.28
CA GLY B 691 -23.82 4.23 23.43
C GLY B 691 -23.66 5.15 22.25
N ALA B 692 -23.97 6.42 22.43
CA ALA B 692 -23.46 7.43 21.55
C ALA B 692 -22.02 7.74 21.97
N ILE B 693 -21.39 8.68 21.26
CA ILE B 693 -19.94 8.80 21.35
C ILE B 693 -19.50 9.57 22.58
N ALA B 694 -20.18 10.66 22.92
CA ALA B 694 -19.60 11.58 23.89
C ALA B 694 -19.56 11.04 25.31
N THR B 695 -20.07 9.84 25.58
CA THR B 695 -20.08 9.31 26.93
C THR B 695 -18.68 8.84 27.33
N GLY B 696 -18.27 9.22 28.54
CA GLY B 696 -17.11 8.65 29.20
C GLY B 696 -15.80 8.73 28.46
N VAL B 697 -15.73 9.56 27.42
CA VAL B 697 -14.49 9.72 26.67
C VAL B 697 -13.45 10.42 27.52
N GLY B 698 -13.88 11.28 28.42
CA GLY B 698 -13.00 11.85 29.42
C GLY B 698 -13.83 12.33 30.58
N VAL B 699 -13.33 13.34 31.28
CA VAL B 699 -14.03 13.97 32.39
C VAL B 699 -14.44 15.38 32.00
N ASN B 700 -15.56 15.83 32.53
CA ASN B 700 -15.99 17.21 32.33
C ASN B 700 -15.20 18.14 33.24
N VAL B 701 -14.78 19.28 32.69
CA VAL B 701 -13.85 20.18 33.36
C VAL B 701 -14.36 21.61 33.43
N ALA B 702 -15.29 22.00 32.58
CA ALA B 702 -15.77 23.38 32.59
C ALA B 702 -16.31 23.87 33.94
N PRO B 703 -17.05 23.08 34.73
CA PRO B 703 -17.67 23.66 35.93
C PRO B 703 -16.70 24.06 37.02
N LEU B 704 -15.42 23.74 36.90
CA LEU B 704 -14.50 23.90 38.03
C LEU B 704 -14.04 25.34 38.20
N ARG B 705 -13.76 26.01 37.09
CA ARG B 705 -13.13 27.32 37.09
C ARG B 705 -13.94 28.35 37.87
N ARG B 706 -13.32 29.51 38.09
CA ARG B 706 -13.96 30.71 38.59
C ARG B 706 -14.32 31.59 37.40
N PRO B 707 -15.54 32.13 37.29
CA PRO B 707 -15.89 32.85 36.06
C PRO B 707 -15.27 34.23 35.92
N ASP B 708 -14.38 34.62 36.83
CA ASP B 708 -13.65 35.88 36.71
C ASP B 708 -12.35 35.60 35.97
N ASN B 709 -12.20 36.17 34.78
CA ASN B 709 -11.10 35.86 33.88
C ASN B 709 -11.07 34.34 33.63
N THR B 710 -12.14 33.90 32.97
CA THR B 710 -12.58 32.52 33.06
C THR B 710 -11.93 31.62 32.02
N TRP B 711 -10.61 31.75 31.94
CA TRP B 711 -9.72 30.79 31.31
C TRP B 711 -8.70 30.26 32.27
N VAL B 712 -8.34 31.05 33.29
CA VAL B 712 -7.27 30.73 34.22
C VAL B 712 -7.88 30.35 35.56
N ALA B 713 -7.04 29.87 36.46
CA ALA B 713 -7.52 29.42 37.75
C ALA B 713 -6.35 29.07 38.64
N TYR B 714 -6.56 29.26 39.94
CA TYR B 714 -5.59 28.93 40.98
C TYR B 714 -6.22 27.96 41.97
N GLY B 715 -5.38 27.41 42.84
CA GLY B 715 -5.85 26.59 43.94
C GLY B 715 -6.26 25.19 43.55
N ALA B 716 -5.32 24.42 43.01
CA ALA B 716 -5.54 23.02 42.67
C ALA B 716 -4.67 22.17 43.60
N GLN B 717 -5.28 21.67 44.68
CA GLN B 717 -4.58 20.85 45.65
C GLN B 717 -4.45 19.45 45.05
N VAL B 718 -3.42 19.31 44.23
CA VAL B 718 -3.24 18.09 43.45
C VAL B 718 -3.07 16.87 44.37
N ARG B 719 -3.61 15.74 43.93
CA ARG B 719 -3.55 14.48 44.67
C ARG B 719 -3.28 13.36 43.68
N LYS B 720 -2.03 12.93 43.60
CA LYS B 720 -1.64 11.85 42.69
C LYS B 720 -2.26 10.57 43.21
N THR B 721 -3.38 10.18 42.60
CA THR B 721 -4.17 9.02 43.01
C THR B 721 -4.08 7.95 41.94
N GLY B 722 -4.89 6.90 42.10
CA GLY B 722 -4.80 5.73 41.24
C GLY B 722 -5.61 5.82 39.96
N ARG B 723 -6.35 4.75 39.67
CA ARG B 723 -7.02 4.48 38.40
C ARG B 723 -6.17 4.90 37.20
N THR B 724 -4.88 4.63 37.29
CA THR B 724 -3.94 5.03 36.25
C THR B 724 -4.20 4.19 35.01
N TYR B 725 -4.96 4.75 34.07
CA TYR B 725 -5.39 4.02 32.87
C TYR B 725 -4.68 4.56 31.63
N LYS B 726 -5.01 3.95 30.50
CA LYS B 726 -4.31 4.18 29.25
C LYS B 726 -4.53 5.62 28.76
N ILE B 727 -3.76 5.97 27.75
CA ILE B 727 -4.05 7.13 26.92
C ILE B 727 -3.35 6.92 25.59
N VAL B 728 -4.06 7.13 24.50
CA VAL B 728 -3.67 6.56 23.21
C VAL B 728 -3.29 7.67 22.24
N THR B 729 -2.34 7.36 21.37
CA THR B 729 -1.88 8.28 20.35
C THR B 729 -1.53 7.52 19.09
N THR B 730 -1.33 8.29 18.02
CA THR B 730 -0.88 7.76 16.74
C THR B 730 0.63 7.80 16.63
N GLN B 731 1.21 8.97 16.91
CA GLN B 731 2.67 9.13 16.89
C GLN B 731 3.32 8.15 17.85
N ASP B 732 2.90 8.17 19.11
CA ASP B 732 3.37 7.27 20.17
C ASP B 732 4.77 7.63 20.68
N HIS B 733 5.45 8.57 20.02
CA HIS B 733 6.85 8.87 20.31
C HIS B 733 7.12 10.30 19.84
N GLY B 734 8.39 10.64 19.70
CA GLY B 734 8.77 11.87 19.04
C GLY B 734 10.27 11.97 18.95
N SER B 735 10.75 13.15 18.55
CA SER B 735 12.16 13.52 18.66
C SER B 735 13.05 12.55 17.88
N MET B 736 12.95 12.64 16.56
CA MET B 736 13.88 11.97 15.67
C MET B 736 15.31 12.17 16.16
N VAL B 737 16.15 11.14 15.97
CA VAL B 737 17.56 11.21 16.40
C VAL B 737 18.33 11.82 15.23
N GLY B 738 18.25 13.14 15.14
CA GLY B 738 19.04 13.89 14.16
C GLY B 738 18.88 13.38 12.74
N ARG B 739 17.68 13.03 12.36
CA ARG B 739 17.42 12.35 11.12
C ARG B 739 17.00 13.32 10.02
N PRO B 740 17.13 12.93 8.75
CA PRO B 740 16.72 13.81 7.65
C PRO B 740 15.23 13.69 7.31
N LEU B 741 14.41 14.35 8.10
CA LEU B 741 12.96 14.30 7.94
C LEU B 741 12.28 15.65 8.02
N VAL B 742 12.93 16.67 8.55
CA VAL B 742 12.44 18.05 8.46
C VAL B 742 13.55 18.95 7.93
N ARG B 743 14.75 18.79 8.48
CA ARG B 743 15.93 19.59 8.17
C ARG B 743 15.61 21.09 8.10
N LEU B 744 15.28 21.63 9.27
CA LEU B 744 15.11 23.07 9.43
C LEU B 744 16.36 23.82 8.95
N ALA B 745 16.21 25.11 8.69
CA ALA B 745 17.31 25.91 8.20
C ALA B 745 17.00 27.38 8.43
N THR B 746 18.05 28.16 8.59
CA THR B 746 17.92 29.59 8.88
C THR B 746 17.97 30.40 7.61
N VAL B 747 17.46 31.63 7.69
CA VAL B 747 17.59 32.55 6.58
C VAL B 747 19.06 32.88 6.35
N GLU B 748 19.86 32.85 7.41
CA GLU B 748 21.30 33.00 7.26
C GLU B 748 21.88 31.83 6.46
N GLU B 749 21.58 30.61 6.90
CA GLU B 749 22.07 29.43 6.19
C GLU B 749 21.42 29.33 4.82
N PHE B 750 20.12 29.61 4.72
CA PHE B 750 19.43 29.57 3.44
C PHE B 750 20.03 30.55 2.46
N ARG B 751 20.38 31.74 2.94
CA ARG B 751 21.11 32.70 2.13
C ARG B 751 22.45 32.15 1.66
N LYS B 752 23.03 31.20 2.38
CA LYS B 752 24.35 30.67 2.05
C LYS B 752 24.31 29.48 1.09
N ASN B 753 23.41 28.52 1.30
CA ASN B 753 23.35 27.30 0.50
C ASN B 753 21.91 26.96 0.17
N PRO B 754 21.36 27.53 -0.90
CA PRO B 754 20.02 27.12 -1.34
C PRO B 754 19.90 25.65 -1.68
N ASP B 755 21.00 24.99 -2.03
CA ASP B 755 21.01 23.55 -2.27
C ASP B 755 21.39 22.83 -0.98
N PHE B 756 20.43 22.85 -0.03
CA PHE B 756 20.59 22.25 1.27
C PHE B 756 19.55 21.19 1.57
N ALA B 757 18.41 21.21 0.86
CA ALA B 757 17.49 20.10 0.94
C ALA B 757 18.11 18.82 0.41
N LYS B 758 19.10 18.95 -0.47
CA LYS B 758 19.86 17.82 -0.98
C LYS B 758 21.12 17.56 -0.17
N GLU B 759 21.69 18.60 0.43
CA GLU B 759 22.98 18.48 1.11
C GLU B 759 22.94 17.49 2.27
N ALA B 760 21.75 17.24 2.83
CA ALA B 760 21.66 16.25 3.90
C ALA B 760 21.96 14.84 3.38
N GLU B 761 21.58 14.55 2.15
CA GLU B 761 21.85 13.24 1.52
C GLU B 761 22.08 13.47 0.03
N PRO B 762 23.18 14.11 -0.34
CA PRO B 762 23.33 14.62 -1.69
C PRO B 762 23.49 13.48 -2.69
N PRO B 763 23.50 13.80 -3.98
CA PRO B 763 23.83 12.76 -4.95
C PRO B 763 25.27 12.31 -4.80
N LEU B 764 25.67 11.36 -5.62
CA LEU B 764 26.85 10.57 -5.33
C LEU B 764 28.07 11.22 -5.98
N GLU B 765 29.17 10.46 -6.05
CA GLU B 765 30.50 11.03 -6.32
C GLU B 765 30.52 11.86 -7.60
N GLY B 766 29.98 11.31 -8.69
CA GLY B 766 29.91 12.02 -9.95
C GLY B 766 28.65 11.71 -10.72
N LEU B 767 27.62 11.26 -10.01
CA LEU B 767 26.42 10.72 -10.63
C LEU B 767 25.31 11.76 -10.61
N GLU B 768 24.16 11.40 -11.19
CA GLU B 768 23.15 12.37 -11.55
C GLU B 768 22.49 12.99 -10.33
N PRO B 769 21.75 14.10 -10.51
CA PRO B 769 20.87 14.57 -9.44
C PRO B 769 19.87 13.49 -9.10
N TRP B 770 19.31 13.60 -7.90
CA TRP B 770 18.70 12.43 -7.29
C TRP B 770 17.41 12.03 -7.98
N ASP B 771 16.47 12.95 -8.13
CA ASP B 771 15.32 12.64 -8.96
C ASP B 771 15.78 12.47 -10.40
N GLN B 772 15.02 11.69 -11.15
CA GLN B 772 15.41 11.28 -12.50
C GLN B 772 16.74 10.53 -12.51
N TYR B 773 17.05 9.83 -11.40
CA TYR B 773 18.25 9.01 -11.34
C TYR B 773 17.99 7.65 -11.98
N PRO B 774 18.82 7.20 -12.92
CA PRO B 774 18.52 5.92 -13.57
C PRO B 774 18.64 4.75 -12.61
N THR B 775 17.85 3.75 -12.90
CA THR B 775 17.94 2.45 -12.25
C THR B 775 18.99 1.63 -13.01
N LEU B 776 19.20 0.38 -12.57
CA LEU B 776 19.81 -0.62 -13.43
C LEU B 776 19.21 -0.59 -14.82
N TRP B 777 17.89 -0.69 -14.89
CA TRP B 777 17.18 -0.64 -16.16
C TRP B 777 16.90 0.80 -16.56
N GLU B 778 17.14 1.09 -17.83
CA GLU B 778 16.64 2.30 -18.46
C GLU B 778 16.05 2.05 -19.85
N GLU B 779 16.42 0.95 -20.51
CA GLU B 779 15.98 0.66 -21.86
C GLU B 779 14.66 -0.10 -21.87
N ASN B 780 14.42 -0.93 -20.87
CA ASN B 780 13.17 -1.65 -20.71
C ASN B 780 12.28 -1.05 -19.62
N HIS B 781 12.64 0.11 -19.09
CA HIS B 781 11.82 0.79 -18.10
C HIS B 781 10.42 1.02 -18.66
N PRO B 782 9.36 0.82 -17.87
CA PRO B 782 8.02 0.85 -18.46
C PRO B 782 7.63 2.20 -19.03
N SER B 783 8.12 3.30 -18.46
CA SER B 783 7.89 4.61 -19.06
C SER B 783 8.43 4.69 -20.48
N LYS B 784 9.40 3.86 -20.83
CA LYS B 784 9.89 3.72 -22.19
C LYS B 784 9.14 2.65 -22.97
N GLN B 785 8.30 1.88 -22.32
CA GLN B 785 7.41 0.92 -22.95
C GLN B 785 6.02 1.52 -23.11
N PRO B 786 5.21 1.01 -24.04
CA PRO B 786 4.00 1.74 -24.40
C PRO B 786 2.88 1.59 -23.40
N ALA B 787 2.75 0.40 -22.84
CA ALA B 787 1.54 0.01 -22.14
C ALA B 787 1.28 0.85 -20.90
N PHE B 788 2.32 1.43 -20.31
CA PHE B 788 2.17 2.46 -19.28
C PHE B 788 1.96 3.83 -19.89
N GLN B 789 2.48 4.05 -21.09
CA GLN B 789 2.49 5.34 -21.75
C GLN B 789 1.25 5.59 -22.60
N ASP B 790 0.41 4.59 -22.82
CA ASP B 790 -0.66 4.66 -23.82
C ASP B 790 -2.02 4.76 -23.12
N SER B 791 -2.44 5.99 -22.88
CA SER B 791 -3.77 6.24 -22.36
C SER B 791 -4.07 7.71 -22.58
N ASP B 792 -5.18 8.17 -22.00
CA ASP B 792 -5.58 9.57 -22.06
C ASP B 792 -5.07 10.35 -20.87
N TYR B 793 -3.95 9.91 -20.28
CA TYR B 793 -3.49 10.39 -18.98
C TYR B 793 -2.07 10.92 -18.98
N TYR B 794 -1.13 10.24 -19.65
CA TYR B 794 0.28 10.60 -19.63
C TYR B 794 0.53 12.07 -19.95
N ARG B 795 -0.42 12.73 -20.60
CA ARG B 795 -0.37 14.16 -20.85
C ARG B 795 0.00 14.95 -19.59
N ASN B 796 -0.54 14.57 -18.43
CA ASN B 796 -0.49 15.41 -17.22
C ASN B 796 -0.06 14.60 -16.01
N GLN B 797 1.25 14.52 -15.77
CA GLN B 797 1.74 13.87 -14.57
C GLN B 797 1.42 14.71 -13.33
N TRP B 798 0.91 14.04 -12.31
CA TRP B 798 0.40 14.69 -11.11
C TRP B 798 1.41 14.62 -9.98
N ALA B 799 1.51 15.70 -9.21
CA ALA B 799 2.39 15.76 -8.06
C ALA B 799 1.85 16.82 -7.12
N MET B 800 2.35 16.82 -5.87
CA MET B 800 1.70 17.58 -4.81
C MET B 800 2.73 18.05 -3.78
N VAL B 801 3.29 19.23 -3.99
CA VAL B 801 4.24 19.77 -3.05
C VAL B 801 3.52 20.30 -1.82
N ILE B 802 4.28 20.66 -0.80
CA ILE B 802 3.78 21.12 0.49
C ILE B 802 4.69 22.27 0.89
N ASP B 803 4.17 23.50 0.91
CA ASP B 803 4.95 24.63 1.41
C ASP B 803 4.98 24.50 2.92
N LEU B 804 5.89 23.66 3.40
CA LEU B 804 5.94 23.29 4.80
C LEU B 804 6.19 24.48 5.70
N ASN B 805 6.72 25.58 5.16
CA ASN B 805 6.94 26.77 5.97
C ASN B 805 5.63 27.30 6.55
N ALA B 806 4.52 27.04 5.87
CA ALA B 806 3.18 27.33 6.40
C ALA B 806 2.42 26.03 6.42
N CYS B 807 2.72 25.29 7.48
CA CYS B 807 2.07 24.05 7.82
C CYS B 807 2.28 23.89 9.32
N THR B 808 1.25 24.05 10.13
CA THR B 808 1.46 23.99 11.57
C THR B 808 0.57 23.11 12.45
N GLY B 809 -0.11 22.10 11.94
CA GLY B 809 -1.02 21.44 12.84
C GLY B 809 -2.40 22.03 12.82
N CYS B 810 -2.83 22.65 11.72
CA CYS B 810 -4.24 22.97 11.60
C CYS B 810 -4.99 21.68 11.66
N ASN B 811 -4.44 20.67 11.02
CA ASN B 811 -4.93 19.30 11.05
C ASN B 811 -6.19 19.15 10.22
N ALA B 812 -6.55 20.15 9.43
CA ALA B 812 -7.63 20.01 8.47
C ALA B 812 -7.17 19.40 7.17
N CYS B 813 -5.86 19.30 6.97
CA CYS B 813 -5.34 18.50 5.88
C CYS B 813 -5.85 17.09 5.93
N ILE B 814 -6.11 16.58 7.14
CA ILE B 814 -6.69 15.25 7.26
C ILE B 814 -8.16 15.26 6.85
N VAL B 815 -8.97 16.04 7.55
CA VAL B 815 -10.38 15.70 7.68
C VAL B 815 -11.08 15.75 6.33
N ALA B 816 -10.61 16.61 5.44
CA ALA B 816 -11.19 16.63 4.11
C ALA B 816 -10.84 15.36 3.34
N CYS B 817 -9.68 14.76 3.62
CA CYS B 817 -9.39 13.44 3.07
C CYS B 817 -10.37 12.41 3.56
N ASP B 818 -10.72 12.53 4.83
CA ASP B 818 -11.59 11.54 5.44
C ASP B 818 -12.99 11.58 4.85
N SER B 819 -13.43 12.77 4.45
CA SER B 819 -14.78 12.91 3.90
C SER B 819 -14.82 12.77 2.38
N GLU B 820 -13.87 13.38 1.68
CA GLU B 820 -13.82 13.24 0.22
C GLU B 820 -13.64 11.79 -0.16
N ASN B 821 -12.55 11.19 0.30
CA ASN B 821 -12.24 9.80 0.03
C ASN B 821 -12.55 9.07 1.31
N ASN B 822 -13.72 8.45 1.36
CA ASN B 822 -14.39 8.12 2.60
C ASN B 822 -13.52 7.22 3.47
N ILE B 823 -13.80 7.23 4.77
CA ILE B 823 -13.18 6.30 5.70
C ILE B 823 -14.18 5.94 6.80
N PRO B 824 -13.86 4.96 7.64
CA PRO B 824 -14.49 4.87 8.95
C PRO B 824 -13.62 5.53 10.00
N MET B 825 -14.15 5.63 11.21
CA MET B 825 -13.39 6.07 12.36
C MET B 825 -12.81 4.86 13.10
N VAL B 826 -12.19 5.10 14.25
CA VAL B 826 -11.61 4.05 15.07
C VAL B 826 -11.81 4.42 16.53
N GLY B 827 -11.95 3.38 17.37
CA GLY B 827 -12.19 3.58 18.79
C GLY B 827 -10.93 3.58 19.62
N LYS B 828 -11.04 4.12 20.83
CA LYS B 828 -9.94 4.07 21.79
C LYS B 828 -9.49 2.64 22.01
N ASN B 829 -10.45 1.74 22.23
CA ASN B 829 -10.15 0.33 22.47
C ASN B 829 -9.38 -0.29 21.32
N GLU B 830 -9.49 0.28 20.12
CA GLU B 830 -8.85 -0.25 18.92
C GLU B 830 -7.55 0.46 18.60
N VAL B 831 -7.58 1.79 18.55
CA VAL B 831 -6.38 2.56 18.26
C VAL B 831 -5.31 2.40 19.32
N GLY B 832 -5.67 1.91 20.51
CA GLY B 832 -4.65 1.64 21.51
C GLY B 832 -3.59 0.68 21.01
N ARG B 833 -3.99 -0.31 20.24
CA ARG B 833 -3.04 -1.21 19.59
C ARG B 833 -2.32 -0.57 18.42
N GLY B 834 -2.67 0.67 18.08
CA GLY B 834 -1.86 1.51 17.22
C GLY B 834 -2.38 1.71 15.82
N ARG B 835 -3.50 1.10 15.45
CA ARG B 835 -4.08 1.29 14.12
C ARG B 835 -4.99 2.51 14.12
N GLU B 836 -4.85 3.33 13.09
CA GLU B 836 -5.78 4.42 12.84
C GLU B 836 -5.97 4.52 11.34
N MET B 837 -7.22 4.64 10.91
CA MET B 837 -7.50 4.79 9.49
C MET B 837 -7.59 6.26 9.11
N HIS B 838 -6.57 7.00 9.50
CA HIS B 838 -6.26 8.30 8.93
C HIS B 838 -5.10 8.09 7.98
N TRP B 839 -5.32 8.42 6.72
CA TRP B 839 -4.35 8.16 5.69
C TRP B 839 -3.20 9.14 5.75
N LEU B 840 -3.53 10.41 5.97
CA LEU B 840 -2.57 11.48 6.03
C LEU B 840 -2.10 11.66 7.46
N ARG B 841 -1.02 11.00 7.82
CA ARG B 841 -0.36 11.29 9.08
C ARG B 841 0.11 12.74 9.06
N ILE B 842 -0.03 13.41 10.21
CA ILE B 842 0.38 14.79 10.36
C ILE B 842 1.44 14.87 11.46
N ASP B 843 2.29 13.84 11.51
CA ASP B 843 3.28 13.65 12.55
C ASP B 843 4.05 14.92 12.88
N ARG B 844 4.23 15.15 14.17
CA ARG B 844 5.06 16.22 14.70
C ARG B 844 6.38 15.66 15.17
N TYR B 845 7.37 16.55 15.30
CA TYR B 845 8.70 16.16 15.72
C TYR B 845 9.29 17.29 16.54
N PHE B 846 10.18 16.92 17.45
CA PHE B 846 10.93 17.87 18.27
C PHE B 846 12.38 17.82 17.86
N VAL B 847 13.04 18.98 17.87
CA VAL B 847 14.47 19.07 17.61
C VAL B 847 15.05 20.11 18.55
N SER B 848 15.83 19.66 19.52
CA SER B 848 16.58 20.51 20.43
C SER B 848 18.06 20.42 20.09
N ASP B 849 18.84 21.37 20.62
CA ASP B 849 20.27 21.43 20.33
C ASP B 849 20.99 20.37 21.15
N GLU B 850 20.76 19.11 20.77
CA GLU B 850 21.27 17.95 21.50
C GLU B 850 20.83 17.98 22.96
N ALA B 851 19.59 18.43 23.19
CA ALA B 851 19.02 18.53 24.53
C ALA B 851 19.82 19.49 25.41
N HIS B 852 19.95 20.72 24.92
CA HIS B 852 20.77 21.71 25.60
C HIS B 852 20.02 22.33 26.77
N ALA B 853 18.91 23.02 26.48
CA ALA B 853 18.04 23.60 27.49
C ALA B 853 16.63 23.03 27.41
N ASP B 854 16.46 21.90 26.72
CA ASP B 854 15.14 21.34 26.45
C ASP B 854 14.26 22.37 25.74
N ASP B 855 14.83 22.99 24.71
CA ASP B 855 14.07 23.87 23.83
C ASP B 855 13.45 22.99 22.74
N PRO B 856 12.12 22.76 22.73
CA PRO B 856 11.57 21.78 21.78
C PRO B 856 11.74 22.17 20.33
N GLN B 857 11.25 23.34 19.93
CA GLN B 857 11.35 23.83 18.56
C GLN B 857 10.81 22.81 17.58
N ILE B 858 9.50 22.64 17.67
CA ILE B 858 8.76 21.57 17.01
C ILE B 858 8.88 21.70 15.49
N VAL B 859 8.48 20.66 14.78
CA VAL B 859 8.17 20.74 13.36
C VAL B 859 6.99 19.85 13.09
N VAL B 860 6.08 20.35 12.26
CA VAL B 860 4.95 19.57 11.74
C VAL B 860 5.17 19.39 10.26
N GLN B 861 4.78 18.24 9.75
CA GLN B 861 4.85 17.99 8.33
C GLN B 861 3.88 16.89 7.95
N PRO B 862 2.92 17.11 7.05
CA PRO B 862 2.09 16.00 6.61
C PRO B 862 2.91 15.03 5.79
N VAL B 863 2.33 13.86 5.58
CA VAL B 863 3.02 12.81 4.86
C VAL B 863 2.00 11.86 4.23
N PRO B 864 1.42 12.24 3.10
CA PRO B 864 0.61 11.28 2.36
C PRO B 864 1.49 10.25 1.70
N CYS B 865 0.91 9.37 0.91
CA CYS B 865 1.69 8.38 0.18
C CYS B 865 2.33 9.10 -0.97
N MET B 866 3.58 9.48 -0.83
CA MET B 866 4.26 10.02 -1.97
C MET B 866 4.28 8.94 -3.03
N HIS B 867 3.43 9.11 -4.02
CA HIS B 867 3.14 8.05 -4.96
C HIS B 867 4.37 7.89 -5.84
N CYS B 868 5.23 6.98 -5.42
CA CYS B 868 6.56 6.86 -5.95
C CYS B 868 6.54 6.48 -7.43
N GLU B 869 7.72 6.53 -8.03
CA GLU B 869 7.96 5.90 -9.32
C GLU B 869 8.54 4.51 -9.15
N ASN B 870 9.68 4.39 -8.48
CA ASN B 870 10.28 3.08 -8.26
C ASN B 870 9.39 2.20 -7.40
N ALA B 871 8.75 2.77 -6.43
CA ALA B 871 7.56 2.20 -5.80
C ALA B 871 7.68 0.77 -5.32
N PRO B 872 8.35 0.49 -4.22
CA PRO B 872 8.45 -0.89 -3.72
C PRO B 872 7.12 -1.57 -3.53
N CYS B 873 6.11 -0.82 -3.09
CA CYS B 873 4.81 -1.42 -2.83
C CYS B 873 4.19 -1.98 -4.07
N GLU B 874 4.28 -1.26 -5.17
CA GLU B 874 3.73 -1.72 -6.43
C GLU B 874 4.31 -3.06 -6.83
N SER B 875 5.60 -3.27 -6.59
CA SER B 875 6.26 -4.48 -7.04
C SER B 875 5.77 -5.72 -6.34
N VAL B 876 5.09 -5.55 -5.22
CA VAL B 876 5.07 -6.58 -4.21
C VAL B 876 3.70 -7.14 -3.95
N CYS B 877 2.67 -6.43 -4.29
CA CYS B 877 1.38 -7.06 -4.31
C CYS B 877 1.41 -8.21 -5.30
N PRO B 878 1.37 -9.46 -4.86
CA PRO B 878 1.27 -10.51 -5.87
C PRO B 878 0.00 -10.44 -6.66
N VAL B 879 -1.05 -10.06 -5.98
CA VAL B 879 -2.37 -9.96 -6.57
C VAL B 879 -2.50 -8.54 -7.05
N ALA B 880 -2.40 -8.32 -8.36
CA ALA B 880 -1.93 -7.04 -8.84
C ALA B 880 -2.89 -5.91 -8.51
N ALA B 881 -2.92 -5.58 -7.24
CA ALA B 881 -3.79 -4.56 -6.69
C ALA B 881 -3.10 -3.23 -6.58
N THR B 882 -1.91 -3.14 -7.14
CA THR B 882 -1.21 -1.89 -7.22
C THR B 882 -0.47 -1.84 -8.54
N VAL B 883 -0.27 -0.62 -9.01
CA VAL B 883 0.37 -0.35 -10.28
C VAL B 883 0.73 1.11 -10.31
N HIS B 884 1.83 1.45 -10.95
CA HIS B 884 2.07 2.84 -11.26
C HIS B 884 1.10 3.21 -12.36
N SER B 885 -0.09 3.63 -11.97
CA SER B 885 -1.01 4.17 -12.93
C SER B 885 -0.35 5.36 -13.62
N PRO B 886 -0.81 5.72 -14.81
CA PRO B 886 -0.24 6.90 -15.47
C PRO B 886 -0.36 8.13 -14.59
N ASP B 887 0.59 9.03 -14.79
CA ASP B 887 0.64 10.33 -14.12
C ASP B 887 1.04 10.21 -12.65
N GLY B 888 2.04 9.41 -12.36
CA GLY B 888 2.65 9.44 -11.04
C GLY B 888 1.74 9.02 -9.93
N LEU B 889 0.70 8.27 -10.25
CA LEU B 889 -0.47 8.19 -9.39
C LEU B 889 -0.47 7.00 -8.46
N ASN B 890 0.17 5.90 -8.84
CA ASN B 890 0.33 4.71 -7.99
C ASN B 890 -0.96 4.34 -7.28
N GLU B 891 -1.99 4.06 -8.07
CA GLU B 891 -3.31 4.00 -7.51
C GLU B 891 -3.61 2.62 -6.94
N MET B 892 -4.23 2.63 -5.78
CA MET B 892 -4.69 1.43 -5.13
C MET B 892 -6.07 1.08 -5.64
N VAL B 893 -6.35 -0.21 -5.68
CA VAL B 893 -7.67 -0.74 -5.92
C VAL B 893 -8.11 -1.48 -4.67
N TYR B 894 -9.24 -1.08 -4.13
CA TYR B 894 -9.75 -1.64 -2.90
C TYR B 894 -10.53 -2.92 -3.14
N ASN B 895 -10.40 -3.50 -4.33
CA ASN B 895 -11.02 -4.74 -4.73
C ASN B 895 -10.01 -5.86 -4.79
N ARG B 896 -8.97 -5.64 -5.56
CA ARG B 896 -8.07 -6.71 -5.92
C ARG B 896 -7.25 -7.18 -4.74
N CYS B 897 -7.11 -6.37 -3.71
CA CYS B 897 -6.23 -6.78 -2.64
C CYS B 897 -6.86 -7.91 -1.85
N ILE B 898 -6.02 -8.53 -1.04
CA ILE B 898 -6.39 -9.72 -0.30
C ILE B 898 -6.11 -9.58 1.19
N GLY B 899 -5.13 -8.74 1.54
CA GLY B 899 -4.84 -8.45 2.92
C GLY B 899 -3.59 -9.07 3.47
N THR B 900 -2.64 -9.45 2.62
CA THR B 900 -1.39 -9.96 3.13
C THR B 900 -0.47 -8.86 3.66
N ARG B 901 -0.82 -7.57 3.47
CA ARG B 901 -0.28 -6.42 4.20
C ARG B 901 1.16 -6.11 3.89
N TYR B 902 1.81 -6.92 3.10
CA TYR B 902 3.17 -6.65 2.71
C TYR B 902 3.25 -5.57 1.66
N CYS B 903 2.10 -5.08 1.21
CA CYS B 903 2.02 -3.80 0.55
C CYS B 903 2.52 -2.68 1.43
N SER B 904 2.34 -2.82 2.73
CA SER B 904 2.62 -1.76 3.67
C SER B 904 4.02 -1.86 4.22
N ASN B 905 4.45 -3.09 4.46
CA ASN B 905 5.68 -3.29 5.18
C ASN B 905 6.88 -2.80 4.40
N ASN B 906 6.79 -2.82 3.07
CA ASN B 906 7.89 -2.30 2.26
C ASN B 906 8.05 -0.81 2.48
N CYS B 907 6.95 -0.09 2.46
CA CYS B 907 7.02 1.35 2.27
C CYS B 907 7.72 1.99 3.45
N PRO B 908 8.73 2.84 3.24
CA PRO B 908 9.30 3.56 4.37
C PRO B 908 8.27 4.33 5.16
N TYR B 909 7.33 4.90 4.44
CA TYR B 909 6.24 5.65 5.04
C TYR B 909 5.07 4.71 5.24
N LYS B 910 4.86 4.28 6.47
CA LYS B 910 3.80 3.31 6.71
C LYS B 910 2.47 4.04 6.56
N VAL B 911 2.10 4.20 5.30
CA VAL B 911 0.89 4.93 4.91
C VAL B 911 -0.12 4.02 4.24
N ARG B 912 0.29 2.85 3.78
CA ARG B 912 -0.66 1.86 3.29
C ARG B 912 -1.41 1.35 4.51
N ARG B 913 -2.43 2.10 4.90
CA ARG B 913 -3.31 1.66 5.95
C ARG B 913 -4.09 0.43 5.50
N PHE B 914 -4.86 -0.13 6.42
CA PHE B 914 -5.46 -1.43 6.17
C PHE B 914 -6.79 -1.52 6.90
N ASN B 915 -7.84 -1.90 6.18
CA ASN B 915 -9.17 -2.01 6.76
C ASN B 915 -9.20 -3.28 7.61
N TRP B 916 -8.65 -3.16 8.82
CA TRP B 916 -8.49 -4.30 9.72
C TRP B 916 -9.80 -4.97 10.02
N PHE B 917 -10.69 -4.26 10.70
CA PHE B 917 -12.04 -4.70 10.93
C PHE B 917 -12.98 -4.09 9.90
N ASN B 918 -14.22 -4.56 9.90
CA ASN B 918 -15.24 -4.10 8.97
C ASN B 918 -16.06 -3.00 9.64
N TRP B 919 -15.42 -1.83 9.80
CA TRP B 919 -16.07 -0.73 10.49
C TRP B 919 -17.33 -0.26 9.77
N VAL B 920 -17.37 -0.40 8.46
CA VAL B 920 -18.50 0.13 7.71
C VAL B 920 -19.73 -0.75 7.84
N LYS B 921 -19.56 -2.05 8.06
CA LYS B 921 -20.72 -2.94 8.19
C LYS B 921 -21.54 -2.57 9.40
N THR B 922 -20.90 -2.26 10.51
CA THR B 922 -21.61 -1.80 11.69
C THR B 922 -22.00 -0.33 11.62
N LEU B 923 -21.74 0.33 10.51
CA LEU B 923 -22.06 1.75 10.41
C LEU B 923 -23.58 1.92 10.38
N PRO B 924 -24.12 2.93 11.06
CA PRO B 924 -25.57 2.98 11.25
C PRO B 924 -26.31 3.51 10.02
N ILE B 925 -27.60 3.73 10.19
CA ILE B 925 -28.49 4.19 9.12
C ILE B 925 -28.51 5.71 9.05
N GLN B 926 -27.57 6.37 9.74
CA GLN B 926 -27.52 7.83 9.83
C GLN B 926 -26.28 8.38 9.13
N VAL B 927 -25.09 7.93 9.53
CA VAL B 927 -23.85 8.40 8.95
C VAL B 927 -23.75 8.03 7.48
N GLN B 928 -24.48 7.01 7.06
CA GLN B 928 -24.36 6.51 5.71
C GLN B 928 -24.75 7.55 4.68
N MET B 929 -25.50 8.58 5.09
CA MET B 929 -25.72 9.73 4.21
C MET B 929 -24.42 10.41 3.82
N ALA B 930 -23.39 10.29 4.65
CA ALA B 930 -22.23 11.17 4.60
C ALA B 930 -21.15 10.68 3.66
N GLN B 931 -20.88 9.38 3.64
CA GLN B 931 -19.89 8.83 2.74
C GLN B 931 -20.27 9.16 1.30
N ASN B 932 -19.38 9.84 0.59
CA ASN B 932 -19.80 10.46 -0.64
C ASN B 932 -20.07 9.42 -1.73
N PRO B 933 -21.03 9.67 -2.62
CA PRO B 933 -21.47 8.64 -3.58
C PRO B 933 -20.63 8.59 -4.84
N ASP B 934 -19.32 8.61 -4.68
CA ASP B 934 -18.42 8.64 -5.83
C ASP B 934 -17.21 7.75 -5.67
N VAL B 935 -16.91 7.22 -4.49
CA VAL B 935 -15.68 6.50 -4.22
C VAL B 935 -16.02 5.13 -3.63
N THR B 936 -15.03 4.25 -3.66
CA THR B 936 -15.22 2.86 -3.27
C THR B 936 -14.97 2.73 -1.78
N VAL B 937 -16.03 2.69 -0.99
CA VAL B 937 -15.87 2.33 0.40
C VAL B 937 -15.40 0.88 0.44
N ARG B 938 -14.67 0.51 1.48
CA ARG B 938 -13.82 -0.65 1.46
C ARG B 938 -14.17 -1.62 2.58
N PHE B 939 -13.88 -2.90 2.32
CA PHE B 939 -14.32 -4.04 3.09
C PHE B 939 -13.13 -4.62 3.84
N ARG B 940 -13.40 -5.52 4.79
CA ARG B 940 -12.33 -6.05 5.62
C ARG B 940 -11.30 -6.77 4.76
N GLY B 941 -10.04 -6.61 5.13
CA GLY B 941 -8.96 -7.31 4.46
C GLY B 941 -8.40 -6.58 3.27
N VAL B 942 -8.35 -5.25 3.32
CA VAL B 942 -8.01 -4.43 2.18
C VAL B 942 -7.14 -3.27 2.63
N MET B 943 -6.14 -2.93 1.82
CA MET B 943 -5.30 -1.79 2.09
C MET B 943 -6.02 -0.52 1.64
N GLU B 944 -5.40 0.62 1.90
CA GLU B 944 -5.80 1.89 1.31
C GLU B 944 -4.81 2.96 1.71
N LYS B 945 -4.83 4.06 0.96
CA LYS B 945 -3.84 5.11 1.06
C LYS B 945 -4.41 6.39 0.48
N CYS B 946 -3.54 7.38 0.31
CA CYS B 946 -3.90 8.71 -0.18
C CYS B 946 -4.63 8.64 -1.52
N THR B 947 -3.93 8.21 -2.55
CA THR B 947 -4.36 8.25 -3.94
C THR B 947 -4.43 9.65 -4.51
N TYR B 948 -3.82 10.63 -3.86
CA TYR B 948 -3.91 12.03 -4.28
C TYR B 948 -5.35 12.50 -4.49
N CYS B 949 -6.30 11.99 -3.74
CA CYS B 949 -7.70 12.31 -3.96
C CYS B 949 -8.05 12.09 -5.41
N VAL B 950 -7.62 10.93 -5.94
CA VAL B 950 -7.83 10.60 -7.34
C VAL B 950 -9.25 10.84 -7.81
N GLN B 951 -10.23 10.70 -6.92
CA GLN B 951 -11.64 10.76 -7.29
C GLN B 951 -11.98 12.00 -8.11
N ARG B 952 -11.40 13.13 -7.74
CA ARG B 952 -11.61 14.38 -8.45
C ARG B 952 -10.58 14.62 -9.53
N ILE B 953 -9.62 13.72 -9.72
CA ILE B 953 -8.90 13.65 -10.99
C ILE B 953 -9.79 13.04 -12.04
N ARG B 954 -10.55 12.03 -11.64
CA ARG B 954 -11.29 11.24 -12.60
C ARG B 954 -12.44 12.03 -13.17
N GLU B 955 -13.23 12.66 -12.31
CA GLU B 955 -14.36 13.41 -12.84
C GLU B 955 -13.90 14.59 -13.68
N ALA B 956 -12.69 15.08 -13.45
CA ALA B 956 -12.14 16.16 -14.25
C ALA B 956 -11.56 15.64 -15.56
N GLN B 957 -10.65 14.67 -15.48
CA GLN B 957 -10.04 14.13 -16.68
C GLN B 957 -11.10 13.50 -17.57
N ARG B 958 -12.09 12.86 -16.99
CA ARG B 958 -13.22 12.38 -17.75
C ARG B 958 -13.93 13.54 -18.42
N GLN B 959 -14.18 14.63 -17.68
CA GLN B 959 -14.83 15.78 -18.27
C GLN B 959 -13.99 16.41 -19.36
N ALA B 960 -12.69 16.14 -19.39
CA ALA B 960 -11.83 16.55 -20.48
C ALA B 960 -11.71 15.50 -21.57
N ASN B 961 -12.13 14.28 -21.29
CA ASN B 961 -12.20 13.27 -22.34
C ASN B 961 -13.45 13.42 -23.17
N ILE B 962 -14.52 13.91 -22.56
CA ILE B 962 -15.72 14.23 -23.33
C ILE B 962 -15.38 15.28 -24.38
N GLU B 963 -14.92 16.43 -23.91
CA GLU B 963 -14.62 17.59 -24.73
C GLU B 963 -13.12 17.81 -24.70
N LYS B 964 -12.52 17.93 -25.87
CA LYS B 964 -11.07 18.01 -25.97
C LYS B 964 -10.55 19.23 -25.23
N ARG B 965 -9.64 19.01 -24.28
CA ARG B 965 -9.08 20.10 -23.52
C ARG B 965 -7.92 19.63 -22.67
N PRO B 966 -7.13 20.53 -22.11
CA PRO B 966 -6.26 20.18 -20.99
C PRO B 966 -6.98 20.35 -19.67
N LEU B 967 -6.29 20.09 -18.58
CA LEU B 967 -6.77 20.35 -17.24
C LEU B 967 -6.15 21.65 -16.75
N ARG B 968 -7.00 22.59 -16.35
CA ARG B 968 -6.53 23.93 -15.98
C ARG B 968 -5.61 23.90 -14.77
N ASP B 969 -5.06 25.06 -14.42
CA ASP B 969 -4.25 25.17 -13.22
C ASP B 969 -5.05 24.88 -11.96
N GLY B 970 -6.37 25.11 -12.00
CA GLY B 970 -7.22 24.93 -10.84
C GLY B 970 -8.57 24.32 -11.16
N GLU B 971 -8.66 23.55 -12.24
CA GLU B 971 -9.88 22.80 -12.49
C GLU B 971 -10.07 21.72 -11.45
N VAL B 972 -8.97 21.22 -10.88
CA VAL B 972 -9.00 20.18 -9.86
C VAL B 972 -8.24 20.68 -8.63
N LYS B 973 -8.83 20.43 -7.47
CA LYS B 973 -8.23 20.77 -6.19
C LYS B 973 -8.47 19.60 -5.27
N THR B 974 -7.40 19.08 -4.68
CA THR B 974 -7.52 17.96 -3.79
C THR B 974 -8.11 18.41 -2.45
N ALA B 975 -8.29 17.46 -1.55
CA ALA B 975 -8.85 17.78 -0.26
C ALA B 975 -7.81 18.37 0.67
N CYS B 976 -6.61 17.80 0.63
CA CYS B 976 -5.49 18.36 1.37
C CYS B 976 -5.15 19.74 0.86
N GLN B 977 -5.41 20.00 -0.40
CA GLN B 977 -5.20 21.31 -0.99
C GLN B 977 -6.32 22.26 -0.61
N GLN B 978 -7.54 21.90 -0.98
CA GLN B 978 -8.66 22.81 -0.90
C GLN B 978 -9.06 23.12 0.52
N ALA B 979 -8.60 22.31 1.48
CA ALA B 979 -8.92 22.53 2.88
C ALA B 979 -7.83 23.26 3.64
N CYS B 980 -6.57 23.07 3.30
CA CYS B 980 -5.49 23.66 4.05
C CYS B 980 -5.51 25.16 3.85
N PRO B 981 -5.91 25.95 4.84
CA PRO B 981 -6.10 27.37 4.55
C PRO B 981 -4.82 28.08 4.24
N ALA B 982 -3.75 27.75 4.92
CA ALA B 982 -2.43 28.10 4.43
C ALA B 982 -2.25 27.43 3.08
N GLU B 983 -2.02 28.21 2.04
CA GLU B 983 -1.93 27.62 0.72
C GLU B 983 -0.63 26.84 0.61
N ALA B 984 -0.53 25.73 1.35
CA ALA B 984 0.68 24.93 1.35
C ALA B 984 0.71 24.00 0.16
N ILE B 985 -0.27 23.16 0.06
CA ILE B 985 -0.36 22.21 -1.03
C ILE B 985 -0.93 22.90 -2.25
N THR B 986 -0.41 22.56 -3.43
CA THR B 986 -0.77 23.21 -4.68
C THR B 986 -1.31 22.25 -5.71
N PHE B 987 -0.61 21.14 -5.94
CA PHE B 987 -1.07 19.93 -6.61
C PHE B 987 -1.15 20.02 -8.14
N GLY B 988 -1.02 21.19 -8.75
CA GLY B 988 -1.13 21.31 -10.20
C GLY B 988 -0.24 20.36 -10.98
N ASP B 989 -0.72 19.89 -12.13
CA ASP B 989 -0.09 18.78 -12.81
C ASP B 989 1.34 19.09 -13.22
N LEU B 990 2.23 18.18 -12.89
CA LEU B 990 3.60 18.24 -13.37
C LEU B 990 3.60 18.12 -14.88
N ASN B 991 4.67 18.63 -15.50
CA ASN B 991 4.75 18.77 -16.95
C ASN B 991 3.57 19.58 -17.46
N ASP B 992 3.46 20.79 -16.92
CA ASP B 992 2.48 21.79 -17.31
C ASP B 992 3.02 23.12 -16.79
N PRO B 993 4.10 23.66 -17.38
CA PRO B 993 4.99 24.55 -16.64
C PRO B 993 4.36 25.81 -16.07
N ASN B 994 3.18 26.19 -16.53
CA ASN B 994 2.55 27.41 -16.04
C ASN B 994 1.91 27.24 -14.67
N ASN B 995 1.79 26.01 -14.18
CA ASN B 995 1.07 25.78 -12.93
C ASN B 995 1.95 26.05 -11.72
N ALA B 996 1.30 26.16 -10.57
CA ALA B 996 1.99 26.57 -9.35
C ALA B 996 3.00 25.53 -8.91
N VAL B 997 2.71 24.25 -9.16
CA VAL B 997 3.62 23.20 -8.72
C VAL B 997 4.98 23.35 -9.38
N VAL B 998 5.02 23.66 -10.67
CA VAL B 998 6.31 23.75 -11.34
C VAL B 998 7.09 24.94 -10.83
N LYS B 999 6.41 25.98 -10.35
CA LYS B 999 7.10 27.07 -9.68
C LYS B 999 7.54 26.66 -8.28
N GLN B 1000 6.74 25.85 -7.59
CA GLN B 1000 7.04 25.46 -6.23
C GLN B 1000 7.98 24.26 -6.16
N ARG B 1001 8.10 23.49 -7.23
CA ARG B 1001 9.09 22.44 -7.33
C ARG B 1001 10.40 22.97 -7.86
N GLN B 1002 10.35 23.87 -8.84
CA GLN B 1002 11.58 24.49 -9.32
C GLN B 1002 12.21 25.40 -8.28
N ASN B 1003 11.51 25.71 -7.18
CA ASN B 1003 12.09 26.45 -6.10
C ASN B 1003 13.29 25.69 -5.54
N ALA B 1004 14.14 26.43 -4.82
CA ALA B 1004 15.44 25.89 -4.40
C ALA B 1004 15.28 24.68 -3.51
N ARG B 1005 14.35 24.74 -2.56
CA ARG B 1005 14.19 23.70 -1.56
C ARG B 1005 13.11 22.69 -1.97
N ARG B 1006 13.37 21.99 -3.06
CA ARG B 1006 12.53 20.86 -3.43
C ARG B 1006 12.86 19.72 -2.47
N TYR B 1007 12.36 19.85 -1.25
CA TYR B 1007 12.61 18.85 -0.22
C TYR B 1007 12.04 17.52 -0.61
N GLU B 1008 12.90 16.55 -0.76
CA GLU B 1008 12.56 15.22 -1.26
C GLU B 1008 12.75 14.28 -0.08
N MET B 1009 11.65 13.89 0.55
CA MET B 1009 11.73 13.24 1.85
C MET B 1009 12.18 11.80 1.68
N LEU B 1010 13.28 11.44 2.32
CA LEU B 1010 13.93 10.14 2.15
C LEU B 1010 14.09 9.80 0.68
N ALA B 1011 14.61 10.75 -0.06
CA ALA B 1011 14.97 10.47 -1.45
C ALA B 1011 16.08 9.44 -1.54
N ALA B 1012 16.91 9.35 -0.50
CA ALA B 1012 18.14 8.58 -0.56
C ALA B 1012 17.92 7.12 -0.94
N LEU B 1013 16.71 6.60 -0.80
CA LEU B 1013 16.42 5.23 -1.14
C LEU B 1013 16.13 5.04 -2.63
N ASN B 1014 16.42 6.05 -3.46
CA ASN B 1014 16.37 5.91 -4.91
C ASN B 1014 14.96 5.55 -5.36
N VAL B 1015 14.00 6.25 -4.81
CA VAL B 1015 12.58 5.93 -4.95
C VAL B 1015 11.92 6.81 -6.01
N LYS B 1016 12.46 8.00 -6.21
CA LYS B 1016 11.95 8.95 -7.21
C LYS B 1016 10.47 9.27 -7.06
N PRO B 1017 10.03 9.83 -5.93
CA PRO B 1017 8.60 10.12 -5.78
C PRO B 1017 8.18 11.52 -6.16
N ARG B 1018 6.88 11.64 -6.39
CA ARG B 1018 6.20 12.91 -6.54
C ARG B 1018 5.97 13.45 -5.14
N THR B 1019 5.11 14.46 -5.00
CA THR B 1019 5.01 15.31 -3.82
C THR B 1019 6.40 15.67 -3.28
N SER B 1020 7.23 16.16 -4.19
CA SER B 1020 8.55 16.65 -3.86
C SER B 1020 8.39 17.97 -3.14
N TYR B 1021 8.11 17.90 -1.84
CA TYR B 1021 7.64 19.07 -1.13
C TYR B 1021 8.79 19.92 -0.63
N LEU B 1022 8.51 20.88 0.25
CA LEU B 1022 9.45 21.90 0.68
C LEU B 1022 9.77 21.73 2.15
N ALA B 1023 10.91 22.30 2.54
CA ALA B 1023 11.33 22.33 3.93
C ALA B 1023 10.75 23.54 4.62
N ARG B 1024 11.03 23.67 5.90
CA ARG B 1024 10.75 24.88 6.64
C ARG B 1024 12.00 25.74 6.67
N ILE B 1025 11.79 27.05 6.72
CA ILE B 1025 12.86 27.99 6.97
C ILE B 1025 12.43 28.78 8.20
N THR B 1026 12.79 28.28 9.37
CA THR B 1026 12.69 29.09 10.58
C THR B 1026 13.62 30.27 10.44
N ASN B 1027 13.17 31.44 10.87
CA ASN B 1027 13.91 32.68 10.71
C ASN B 1027 14.26 33.23 12.08
N PRO B 1028 15.45 32.93 12.59
CA PRO B 1028 15.86 33.57 13.85
C PRO B 1028 16.18 35.03 13.67
N ASN B 1029 16.70 35.64 14.70
CA ASN B 1029 16.97 37.06 14.82
C ASN B 1029 18.48 37.30 14.82
N PRO B 1030 18.98 38.35 14.18
CA PRO B 1030 20.32 38.82 14.54
C PRO B 1030 20.41 39.13 16.02
N ARG B 1031 21.65 39.33 16.49
CA ARG B 1031 22.01 39.13 17.89
C ARG B 1031 21.12 39.95 18.81
N LEU B 1032 21.24 41.29 18.76
CA LEU B 1032 20.30 42.20 19.41
C LEU B 1032 20.06 41.84 20.88
N LEU B 1033 21.06 41.20 21.50
CA LEU B 1033 20.89 40.49 22.76
C LEU B 1033 19.70 39.52 22.68
N GLU B 1034 19.83 38.55 21.76
CA GLU B 1034 18.89 37.43 21.65
C GLU B 1034 19.28 36.28 22.57
N GLN B 1035 20.50 35.77 22.42
CA GLN B 1035 20.98 34.55 23.09
C GLN B 1035 20.68 34.48 24.58
N VAL C 18 30.59 -49.01 10.98
CA VAL C 18 29.27 -49.21 11.54
C VAL C 18 28.68 -47.87 11.97
N LEU C 19 27.37 -47.71 11.74
CA LEU C 19 26.66 -46.51 12.13
C LEU C 19 25.30 -46.77 12.75
N VAL C 20 24.87 -48.03 12.86
CA VAL C 20 23.73 -48.42 13.68
C VAL C 20 24.17 -49.53 14.61
N GLN C 21 23.81 -49.43 15.89
CA GLN C 21 24.08 -50.45 16.89
C GLN C 21 22.79 -51.22 17.11
N GLY C 22 22.69 -52.39 16.48
CA GLY C 22 21.56 -53.27 16.70
C GLY C 22 21.90 -54.71 16.35
N GLY C 23 21.59 -55.63 17.26
CA GLY C 23 21.75 -57.03 16.97
C GLY C 23 20.62 -57.53 16.08
N LEU C 24 20.57 -57.02 14.86
CA LEU C 24 19.50 -57.30 13.91
C LEU C 24 19.99 -58.09 12.72
N THR C 25 19.04 -58.72 12.04
CA THR C 25 19.19 -59.18 10.68
C THR C 25 18.11 -58.50 9.84
N PHE C 26 18.00 -58.92 8.58
CA PHE C 26 17.05 -58.28 7.68
C PHE C 26 15.61 -58.48 8.16
N HIS C 27 15.32 -59.59 8.82
CA HIS C 27 13.97 -59.89 9.27
C HIS C 27 13.58 -59.18 10.57
N ASP C 28 14.55 -58.92 11.44
CA ASP C 28 14.23 -58.46 12.79
C ASP C 28 13.49 -57.14 12.80
N ILE C 29 13.63 -56.32 11.76
CA ILE C 29 12.91 -55.06 11.73
C ILE C 29 11.44 -55.27 11.44
N THR C 30 11.12 -56.21 10.56
CA THR C 30 9.74 -56.34 10.10
C THR C 30 8.81 -56.77 11.22
N GLU C 31 9.22 -57.73 12.04
CA GLU C 31 8.40 -58.13 13.19
C GLU C 31 8.23 -56.97 14.16
N LEU C 32 9.23 -56.10 14.27
CA LEU C 32 9.19 -55.03 15.27
C LEU C 32 8.34 -53.85 14.79
N VAL C 33 8.62 -53.36 13.59
CA VAL C 33 7.83 -52.25 13.08
C VAL C 33 6.40 -52.70 12.81
N ALA C 34 6.21 -53.99 12.51
CA ALA C 34 4.86 -54.50 12.45
C ALA C 34 4.19 -54.35 13.80
N GLN C 35 4.82 -54.82 14.87
CA GLN C 35 4.28 -54.59 16.23
C GLN C 35 4.01 -53.11 16.53
N HIS C 36 4.69 -52.20 15.85
CA HIS C 36 4.36 -50.78 15.94
C HIS C 36 3.20 -50.37 15.03
N THR C 37 2.80 -51.24 14.08
CA THR C 37 1.62 -51.02 13.25
C THR C 37 0.68 -52.23 13.20
N GLU C 38 0.78 -53.17 14.13
CA GLU C 38 0.10 -54.45 14.03
C GLU C 38 -1.34 -54.29 14.49
N LYS C 39 -1.52 -53.90 15.76
CA LYS C 39 -2.83 -53.83 16.38
C LYS C 39 -3.09 -52.42 16.88
N LYS C 40 -4.36 -52.07 16.98
CA LYS C 40 -4.81 -50.73 17.31
C LYS C 40 -5.38 -50.74 18.72
N THR C 41 -4.49 -50.59 19.70
CA THR C 41 -4.91 -50.34 21.07
C THR C 41 -3.88 -49.58 21.92
N PRO C 42 -3.41 -48.40 21.50
CA PRO C 42 -2.61 -47.56 22.39
C PRO C 42 -3.45 -46.66 23.28
N LYS C 43 -2.89 -46.36 24.45
CA LYS C 43 -3.51 -45.49 25.45
C LYS C 43 -2.94 -44.07 25.46
N ALA C 44 -1.62 -43.95 25.37
CA ALA C 44 -1.01 -42.62 25.29
C ALA C 44 -1.46 -41.90 24.04
N TRP C 45 -1.66 -42.65 22.95
CA TRP C 45 -2.37 -42.14 21.79
C TRP C 45 -3.67 -41.47 22.18
N TRP C 46 -4.51 -42.18 22.92
CA TRP C 46 -5.82 -41.66 23.29
C TRP C 46 -5.72 -40.39 24.12
N ALA C 47 -4.56 -40.12 24.71
CA ALA C 47 -4.32 -38.84 25.37
C ALA C 47 -3.78 -37.79 24.39
N ALA C 48 -2.88 -38.19 23.51
CA ALA C 48 -2.28 -37.26 22.57
C ALA C 48 -3.32 -36.78 21.57
N PHE C 49 -4.07 -37.69 20.99
CA PHE C 49 -5.16 -37.34 20.09
C PHE C 49 -6.25 -36.53 20.78
N SER C 50 -6.27 -36.53 22.12
CA SER C 50 -7.21 -35.68 22.84
C SER C 50 -6.65 -34.27 22.99
N VAL C 51 -5.45 -34.14 23.55
CA VAL C 51 -4.89 -32.83 23.81
C VAL C 51 -4.47 -32.15 22.50
N ALA C 52 -3.96 -32.92 21.54
CA ALA C 52 -3.52 -32.33 20.29
C ALA C 52 -4.72 -31.88 19.46
N PHE C 53 -5.70 -32.76 19.26
CA PHE C 53 -6.91 -32.36 18.57
C PHE C 53 -7.59 -31.22 19.30
N LEU C 54 -7.54 -31.20 20.63
CA LEU C 54 -8.01 -30.04 21.38
C LEU C 54 -7.21 -28.81 21.00
N GLY C 55 -5.92 -28.97 20.75
CA GLY C 55 -5.12 -27.87 20.24
C GLY C 55 -5.60 -27.44 18.86
N MET C 56 -5.91 -28.42 18.00
CA MET C 56 -6.44 -28.10 16.68
C MET C 56 -7.81 -27.46 16.78
N LEU C 57 -8.59 -27.88 17.77
CA LEU C 57 -9.89 -27.28 17.97
C LEU C 57 -9.74 -25.83 18.38
N THR C 58 -8.79 -25.54 19.28
CA THR C 58 -8.51 -24.16 19.63
C THR C 58 -8.05 -23.36 18.42
N LEU C 59 -7.32 -24.01 17.51
CA LEU C 59 -6.87 -23.33 16.31
C LEU C 59 -8.06 -22.85 15.49
N VAL C 60 -8.91 -23.78 15.05
CA VAL C 60 -10.04 -23.39 14.22
C VAL C 60 -11.11 -22.65 15.01
N ALA C 61 -11.13 -22.84 16.34
CA ALA C 61 -12.04 -22.08 17.19
C ALA C 61 -11.72 -20.61 17.13
N MET C 62 -10.45 -20.27 16.88
CA MET C 62 -10.04 -18.88 16.75
C MET C 62 -9.77 -18.45 15.31
N LEU C 63 -9.73 -19.40 14.38
CA LEU C 63 -9.38 -19.11 13.00
C LEU C 63 -10.60 -18.87 12.13
N ALA C 64 -11.78 -19.32 12.55
CA ALA C 64 -13.02 -18.92 11.90
C ALA C 64 -13.75 -17.84 12.67
N TYR C 65 -13.54 -17.81 14.00
CA TYR C 65 -13.79 -16.60 14.79
C TYR C 65 -13.11 -15.40 14.14
N GLN C 66 -11.90 -15.61 13.63
CA GLN C 66 -11.17 -14.61 12.88
C GLN C 66 -11.92 -14.10 11.66
N VAL C 67 -12.11 -14.98 10.68
CA VAL C 67 -12.45 -14.54 9.35
C VAL C 67 -13.88 -14.02 9.28
N TRP C 68 -14.77 -14.52 10.15
CA TRP C 68 -16.08 -13.89 10.24
C TRP C 68 -16.01 -12.48 10.82
N ASN C 69 -14.91 -12.12 11.49
CA ASN C 69 -14.82 -10.87 12.22
C ASN C 69 -13.84 -9.88 11.61
N GLY C 70 -12.58 -10.27 11.48
CA GLY C 70 -11.58 -9.40 10.87
C GLY C 70 -10.22 -9.56 11.51
N VAL C 71 -9.20 -9.20 10.71
CA VAL C 71 -7.81 -9.50 11.03
C VAL C 71 -7.38 -8.94 12.37
N GLY C 72 -7.81 -7.73 12.68
CA GLY C 72 -7.24 -6.99 13.80
C GLY C 72 -7.42 -7.59 15.17
N VAL C 73 -8.09 -8.74 15.28
CA VAL C 73 -8.11 -9.44 16.54
C VAL C 73 -6.75 -10.02 16.84
N TRP C 74 -5.97 -10.37 15.81
CA TRP C 74 -4.55 -10.53 16.05
C TRP C 74 -3.96 -9.18 16.44
N GLY C 75 -2.77 -9.21 17.01
CA GLY C 75 -2.22 -8.01 17.63
C GLY C 75 -1.47 -7.09 16.70
N ASN C 76 -1.86 -7.06 15.43
CA ASN C 76 -1.07 -6.40 14.41
C ASN C 76 -1.48 -4.94 14.26
N ASN C 77 -0.55 -4.05 14.56
CA ASN C 77 -0.63 -2.66 14.11
C ASN C 77 -0.29 -2.62 12.63
N ILE C 78 -0.38 -1.45 12.00
CA ILE C 78 -0.07 -1.37 10.58
C ILE C 78 1.42 -1.35 10.27
N PRO C 79 2.31 -0.71 11.05
CA PRO C 79 3.72 -0.80 10.69
C PRO C 79 4.20 -2.22 10.75
N VAL C 80 3.93 -2.88 11.88
CA VAL C 80 4.10 -4.33 12.00
C VAL C 80 2.76 -4.95 11.63
N GLY C 81 2.55 -5.10 10.33
CA GLY C 81 1.31 -5.65 9.84
C GLY C 81 1.12 -7.12 10.12
N TRP C 82 2.20 -7.83 10.44
CA TRP C 82 2.21 -9.27 10.39
C TRP C 82 2.08 -9.95 11.76
N GLY C 83 3.03 -9.72 12.65
CA GLY C 83 2.99 -10.39 13.94
C GLY C 83 3.23 -11.89 13.85
N TRP C 84 2.64 -12.59 14.81
CA TRP C 84 2.95 -13.99 15.04
C TRP C 84 2.55 -14.97 13.92
N PRO C 85 1.49 -14.74 13.13
CA PRO C 85 1.14 -15.72 12.09
C PRO C 85 2.22 -16.01 11.07
N ILE C 86 2.71 -15.00 10.35
CA ILE C 86 3.74 -15.28 9.35
C ILE C 86 5.05 -15.64 10.02
N VAL C 87 5.30 -15.11 11.21
CA VAL C 87 6.41 -15.57 12.03
C VAL C 87 6.35 -17.08 12.17
N ASN C 88 5.15 -17.58 12.45
CA ASN C 88 4.96 -19.01 12.57
C ASN C 88 5.01 -19.70 11.22
N PHE C 89 4.73 -18.99 10.14
CA PHE C 89 4.88 -19.63 8.84
C PHE C 89 6.34 -19.91 8.54
N VAL C 90 7.22 -18.96 8.82
CA VAL C 90 8.63 -19.21 8.64
C VAL C 90 9.09 -20.27 9.62
N PHE C 91 8.55 -20.27 10.83
CA PHE C 91 8.80 -21.34 11.77
C PHE C 91 8.35 -22.69 11.21
N TRP C 92 7.07 -22.84 10.97
CA TRP C 92 6.50 -24.13 10.58
C TRP C 92 6.82 -24.52 9.14
N VAL C 93 7.67 -23.78 8.43
CA VAL C 93 8.31 -24.28 7.22
C VAL C 93 9.82 -24.43 7.43
N GLY C 94 10.42 -23.50 8.16
CA GLY C 94 11.80 -23.64 8.57
C GLY C 94 12.02 -24.86 9.41
N ILE C 95 11.01 -25.25 10.17
CA ILE C 95 11.08 -26.46 10.97
C ILE C 95 11.09 -27.67 10.06
N GLY C 96 10.50 -27.55 8.89
CA GLY C 96 10.23 -28.69 8.05
C GLY C 96 11.31 -29.05 7.07
N HIS C 97 12.15 -28.08 6.69
CA HIS C 97 13.23 -28.40 5.76
C HIS C 97 14.16 -29.47 6.30
N ALA C 98 14.30 -29.56 7.62
CA ALA C 98 15.11 -30.60 8.25
C ALA C 98 14.78 -31.99 7.72
N GLY C 99 13.48 -32.28 7.62
CA GLY C 99 13.08 -33.63 7.30
C GLY C 99 13.40 -34.00 5.85
N THR C 100 13.17 -33.08 4.93
CA THR C 100 13.37 -33.41 3.52
C THR C 100 14.84 -33.41 3.15
N LEU C 101 15.65 -32.61 3.85
CA LEU C 101 17.04 -32.51 3.45
C LEU C 101 17.86 -33.66 3.99
N ILE C 102 17.51 -34.23 5.13
CA ILE C 102 18.19 -35.46 5.53
C ILE C 102 17.79 -36.65 4.67
N SER C 103 16.73 -36.50 3.86
CA SER C 103 16.40 -37.47 2.83
C SER C 103 17.22 -37.21 1.57
N ALA C 104 17.43 -35.93 1.25
CA ALA C 104 18.12 -35.54 0.03
C ALA C 104 19.64 -35.42 0.21
N ILE C 105 20.05 -34.52 1.11
CA ILE C 105 21.47 -34.21 1.33
C ILE C 105 22.23 -35.47 1.66
N LEU C 106 21.72 -36.23 2.62
CA LEU C 106 22.45 -37.38 3.12
C LEU C 106 22.59 -38.48 2.08
N PHE C 107 21.86 -38.40 0.97
CA PHE C 107 22.12 -39.24 -0.17
C PHE C 107 23.07 -38.59 -1.16
N LEU C 108 23.06 -37.27 -1.24
CA LEU C 108 23.99 -36.58 -2.12
C LEU C 108 25.42 -36.78 -1.64
N PHE C 109 25.70 -36.44 -0.39
CA PHE C 109 26.94 -36.83 0.24
C PHE C 109 27.01 -38.33 0.51
N ARG C 110 25.86 -39.02 0.44
CA ARG C 110 25.75 -40.47 0.56
C ARG C 110 26.45 -40.97 1.81
N GLN C 111 26.07 -40.39 2.95
CA GLN C 111 26.66 -40.74 4.22
C GLN C 111 26.16 -42.07 4.76
N ARG C 112 25.15 -42.67 4.13
CA ARG C 112 24.70 -44.03 4.45
C ARG C 112 24.30 -44.14 5.90
N TRP C 113 23.72 -43.06 6.42
CA TRP C 113 23.55 -42.82 7.84
C TRP C 113 22.13 -42.38 8.21
N ARG C 114 21.46 -41.71 7.27
CA ARG C 114 20.12 -41.16 7.49
C ARG C 114 19.07 -42.23 7.72
N THR C 115 19.35 -43.48 7.35
CA THR C 115 18.31 -44.48 7.15
C THR C 115 17.48 -44.72 8.41
N SER C 116 18.06 -44.52 9.60
CA SER C 116 17.36 -44.84 10.82
C SER C 116 16.19 -43.89 11.10
N ILE C 117 16.16 -42.72 10.47
CA ILE C 117 15.24 -41.66 10.86
C ILE C 117 14.48 -41.06 9.68
N ASN C 118 14.90 -41.35 8.45
CA ASN C 118 14.48 -40.56 7.30
C ASN C 118 12.97 -40.55 7.12
N ARG C 119 12.35 -41.73 7.09
CA ARG C 119 10.95 -41.82 6.74
C ARG C 119 10.04 -41.14 7.75
N ALA C 120 10.51 -40.97 8.98
CA ALA C 120 9.76 -40.21 9.97
C ALA C 120 9.94 -38.71 9.83
N ALA C 121 10.77 -38.26 8.89
CA ALA C 121 11.15 -36.87 8.81
C ALA C 121 10.34 -36.08 7.80
N GLU C 122 10.07 -36.62 6.62
CA GLU C 122 9.25 -35.88 5.68
C GLU C 122 7.83 -35.75 6.20
N ALA C 123 7.39 -36.70 7.02
CA ALA C 123 6.26 -36.45 7.90
C ALA C 123 6.46 -35.16 8.69
N MET C 124 7.56 -35.10 9.44
CA MET C 124 7.89 -33.93 10.23
C MET C 124 8.07 -32.67 9.37
N THR C 125 8.19 -32.82 8.05
CA THR C 125 8.17 -31.72 7.10
C THR C 125 6.77 -31.46 6.57
N ILE C 126 6.09 -32.50 6.09
CA ILE C 126 4.87 -32.34 5.32
C ILE C 126 3.75 -31.80 6.19
N PHE C 127 3.70 -32.23 7.44
CA PHE C 127 2.66 -31.72 8.33
C PHE C 127 3.00 -30.32 8.79
N ALA C 128 4.29 -30.03 8.95
CA ALA C 128 4.73 -28.66 9.19
C ALA C 128 4.31 -27.76 8.03
N VAL C 129 4.43 -28.26 6.80
CA VAL C 129 4.04 -27.48 5.63
C VAL C 129 2.53 -27.29 5.60
N ILE C 130 1.76 -28.23 6.14
CA ILE C 130 0.32 -28.05 6.19
C ILE C 130 -0.03 -26.92 7.17
N CYS C 131 0.42 -27.07 8.42
CA CYS C 131 0.16 -26.01 9.40
C CYS C 131 0.94 -24.74 9.09
N ALA C 132 1.86 -24.77 8.14
CA ALA C 132 2.48 -23.57 7.62
C ALA C 132 1.56 -22.90 6.60
N LEU C 133 1.20 -23.62 5.55
CA LEU C 133 0.45 -23.06 4.42
C LEU C 133 -0.86 -22.44 4.87
N ILE C 134 -1.42 -22.91 5.98
CA ILE C 134 -2.67 -22.28 6.45
C ILE C 134 -2.45 -20.79 6.73
N PHE C 135 -1.27 -20.41 7.19
CA PHE C 135 -1.05 -19.01 7.57
C PHE C 135 -1.14 -18.08 6.36
N PRO C 136 -0.38 -18.26 5.28
CA PRO C 136 -0.60 -17.43 4.09
C PRO C 136 -2.03 -17.43 3.57
N THR C 137 -2.78 -18.50 3.80
CA THR C 137 -4.18 -18.50 3.45
C THR C 137 -5.05 -17.73 4.43
N PHE C 138 -4.52 -17.40 5.62
CA PHE C 138 -5.36 -16.94 6.72
C PHE C 138 -4.90 -15.67 7.43
N HIS C 139 -3.62 -15.32 7.41
CA HIS C 139 -3.24 -14.01 7.91
C HIS C 139 -3.63 -12.91 6.96
N VAL C 140 -3.97 -13.26 5.72
CA VAL C 140 -4.72 -12.35 4.88
C VAL C 140 -6.08 -12.11 5.50
N GLY C 141 -6.70 -11.01 5.11
CA GLY C 141 -8.05 -10.71 5.56
C GLY C 141 -9.10 -11.28 4.65
N ARG C 142 -8.80 -11.32 3.35
CA ARG C 142 -9.73 -11.84 2.34
C ARG C 142 -9.20 -13.20 1.89
N VAL C 143 -9.60 -14.24 2.62
CA VAL C 143 -9.17 -15.59 2.29
C VAL C 143 -9.84 -16.06 1.01
N TRP C 144 -11.15 -15.86 0.93
CA TRP C 144 -11.94 -16.36 -0.19
C TRP C 144 -11.41 -15.87 -1.53
N ALA C 145 -10.86 -14.67 -1.56
CA ALA C 145 -10.25 -14.13 -2.76
C ALA C 145 -8.74 -14.30 -2.72
N ILE C 146 -8.33 -15.57 -2.68
CA ILE C 146 -6.93 -15.94 -2.82
C ILE C 146 -6.68 -16.79 -4.05
N TYR C 147 -7.69 -17.44 -4.60
CA TYR C 147 -7.55 -18.14 -5.86
C TYR C 147 -7.15 -17.21 -7.00
N TRP C 148 -7.41 -15.91 -6.86
CA TRP C 148 -6.84 -14.93 -7.78
C TRP C 148 -5.33 -14.98 -7.77
N THR C 149 -4.73 -15.31 -6.62
CA THR C 149 -3.28 -15.41 -6.55
C THR C 149 -2.74 -16.48 -7.48
N LEU C 150 -3.52 -17.53 -7.72
CA LEU C 150 -3.10 -18.58 -8.62
C LEU C 150 -3.21 -18.10 -10.06
N PRO C 151 -2.39 -18.64 -10.99
CA PRO C 151 -2.39 -18.19 -12.39
C PRO C 151 -3.43 -18.90 -13.24
N ILE C 152 -4.64 -19.05 -12.72
CA ILE C 152 -5.71 -19.62 -13.53
C ILE C 152 -6.17 -18.59 -14.54
N PRO C 153 -6.48 -18.95 -15.78
CA PRO C 153 -7.16 -17.98 -16.63
C PRO C 153 -8.56 -17.78 -16.08
N ASN C 154 -8.75 -16.68 -15.37
CA ASN C 154 -9.91 -16.52 -14.52
C ASN C 154 -11.04 -15.87 -15.30
N GLN C 155 -12.09 -15.45 -14.60
CA GLN C 155 -13.31 -15.02 -15.26
C GLN C 155 -13.14 -13.70 -16.00
N MET C 156 -12.01 -13.03 -15.84
CA MET C 156 -11.61 -11.89 -16.64
C MET C 156 -10.20 -12.12 -17.19
N GLU C 157 -9.59 -11.09 -17.77
CA GLU C 157 -8.25 -11.20 -18.32
C GLU C 157 -7.21 -10.78 -17.29
N MET C 158 -7.26 -11.41 -16.12
CA MET C 158 -6.38 -11.11 -15.01
C MET C 158 -5.54 -12.30 -14.58
N TRP C 159 -4.36 -12.00 -14.06
CA TRP C 159 -3.40 -13.00 -13.63
C TRP C 159 -2.50 -12.38 -12.58
N PRO C 160 -1.84 -13.19 -11.76
CA PRO C 160 -1.08 -12.62 -10.63
C PRO C 160 0.16 -11.85 -11.05
N GLN C 161 0.92 -11.37 -10.07
CA GLN C 161 2.09 -10.53 -10.29
C GLN C 161 3.31 -11.31 -9.82
N PHE C 162 4.14 -11.73 -10.77
CA PHE C 162 5.25 -12.62 -10.48
C PHE C 162 6.50 -11.90 -10.01
N LYS C 163 6.40 -10.63 -9.64
CA LYS C 163 7.48 -9.91 -9.00
C LYS C 163 7.31 -9.92 -7.49
N SER C 164 6.43 -10.76 -6.99
CA SER C 164 5.99 -10.73 -5.60
C SER C 164 6.39 -12.01 -4.87
N PRO C 165 7.30 -11.97 -3.92
CA PRO C 165 7.68 -13.22 -3.23
C PRO C 165 6.56 -13.83 -2.44
N LEU C 166 5.51 -13.08 -2.12
CA LEU C 166 4.34 -13.72 -1.54
C LEU C 166 3.70 -14.70 -2.51
N LEU C 167 3.96 -14.56 -3.80
CA LEU C 167 3.46 -15.51 -4.80
C LEU C 167 4.42 -16.67 -4.99
N TRP C 168 5.71 -16.36 -4.99
CA TRP C 168 6.72 -17.39 -5.04
C TRP C 168 6.51 -18.38 -3.91
N ASP C 169 6.17 -17.87 -2.73
CA ASP C 169 5.79 -18.70 -1.60
C ASP C 169 4.70 -19.69 -1.96
N VAL C 170 3.70 -19.24 -2.71
CA VAL C 170 2.57 -20.12 -3.05
C VAL C 170 3.03 -21.25 -3.94
N PHE C 171 3.68 -20.91 -5.06
CA PHE C 171 4.18 -21.96 -5.94
C PHE C 171 5.21 -22.83 -5.24
N ALA C 172 6.09 -22.23 -4.46
CA ALA C 172 7.09 -22.97 -3.72
C ALA C 172 6.44 -23.97 -2.79
N VAL C 173 5.56 -23.50 -1.91
CA VAL C 173 4.94 -24.38 -0.94
C VAL C 173 3.95 -25.32 -1.62
N SER C 174 3.27 -24.88 -2.66
CA SER C 174 2.40 -25.75 -3.42
C SER C 174 3.18 -26.69 -4.32
N SER C 175 4.49 -26.51 -4.42
CA SER C 175 5.40 -27.49 -4.99
C SER C 175 6.15 -28.25 -3.92
N TYR C 176 6.39 -27.65 -2.77
CA TYR C 176 7.19 -28.25 -1.73
C TYR C 176 6.36 -29.20 -0.88
N PHE C 177 5.08 -28.89 -0.69
CA PHE C 177 4.15 -29.87 -0.18
C PHE C 177 4.09 -31.09 -1.10
N ILE C 178 4.25 -30.85 -2.40
CA ILE C 178 4.07 -31.91 -3.38
C ILE C 178 5.34 -32.72 -3.56
N VAL C 179 6.45 -32.06 -3.83
CA VAL C 179 7.70 -32.76 -4.08
C VAL C 179 8.14 -33.49 -2.83
N SER C 180 8.04 -32.86 -1.66
CA SER C 180 8.39 -33.55 -0.44
C SER C 180 7.45 -34.72 -0.19
N LEU C 181 6.15 -34.55 -0.48
CA LEU C 181 5.23 -35.67 -0.39
C LEU C 181 5.63 -36.77 -1.35
N VAL C 182 5.59 -36.47 -2.65
CA VAL C 182 5.85 -37.45 -3.69
C VAL C 182 7.20 -38.11 -3.51
N PHE C 183 8.15 -37.41 -2.90
CA PHE C 183 9.43 -38.00 -2.54
C PHE C 183 9.36 -38.80 -1.25
N TRP C 184 8.38 -38.53 -0.39
CA TRP C 184 8.11 -39.36 0.78
C TRP C 184 7.24 -40.56 0.45
N TYR C 185 6.17 -40.32 -0.30
CA TYR C 185 5.32 -41.39 -0.78
C TYR C 185 6.12 -42.40 -1.57
N VAL C 186 6.93 -41.92 -2.52
CA VAL C 186 7.85 -42.82 -3.20
C VAL C 186 8.86 -43.39 -2.22
N GLY C 187 9.22 -42.63 -1.19
CA GLY C 187 10.16 -43.14 -0.21
C GLY C 187 9.65 -44.35 0.53
N LEU C 188 8.33 -44.45 0.70
CA LEU C 188 7.72 -45.47 1.54
C LEU C 188 7.01 -46.56 0.74
N ILE C 189 7.36 -46.72 -0.53
CA ILE C 189 6.79 -47.81 -1.32
C ILE C 189 7.13 -49.18 -0.72
N PRO C 190 8.38 -49.47 -0.34
CA PRO C 190 8.65 -50.80 0.23
C PRO C 190 7.92 -51.08 1.50
N ASP C 191 7.57 -50.05 2.27
CA ASP C 191 6.69 -50.27 3.42
C ASP C 191 5.37 -50.86 2.98
N LEU C 192 4.66 -50.16 2.11
CA LEU C 192 3.38 -50.64 1.64
C LEU C 192 3.52 -52.02 1.01
N ALA C 193 4.63 -52.28 0.34
CA ALA C 193 4.92 -53.64 -0.10
C ALA C 193 4.99 -54.58 1.09
N THR C 194 5.75 -54.20 2.11
CA THR C 194 5.89 -55.02 3.30
C THR C 194 4.56 -55.22 3.99
N LEU C 195 3.78 -54.16 4.12
CA LEU C 195 2.53 -54.23 4.85
C LEU C 195 1.46 -54.91 4.01
N ARG C 196 1.45 -54.66 2.70
CA ARG C 196 0.58 -55.41 1.80
C ARG C 196 0.92 -56.87 1.83
N ASP C 197 2.20 -57.20 2.00
CA ASP C 197 2.59 -58.58 2.08
C ASP C 197 2.19 -59.21 3.40
N ARG C 198 2.17 -58.41 4.47
CA ARG C 198 1.80 -58.94 5.78
C ARG C 198 0.30 -59.03 5.98
N ALA C 199 -0.46 -58.09 5.41
CA ALA C 199 -1.90 -58.02 5.61
C ALA C 199 -2.61 -59.31 5.22
N ALA C 200 -2.02 -60.13 4.37
CA ALA C 200 -2.62 -61.40 3.99
C ALA C 200 -2.35 -62.47 5.03
N LEU C 201 -1.09 -62.62 5.41
CA LEU C 201 -0.66 -63.75 6.23
C LEU C 201 -0.64 -63.42 7.71
N MET C 202 -0.31 -62.18 8.08
CA MET C 202 -0.30 -61.79 9.49
C MET C 202 -0.44 -60.27 9.56
N GLY C 203 -1.56 -59.80 10.10
CA GLY C 203 -1.81 -58.37 10.12
C GLY C 203 -3.21 -58.06 10.61
N ARG C 204 -3.64 -56.83 10.33
CA ARG C 204 -4.93 -56.36 10.81
C ARG C 204 -6.05 -57.19 10.23
N ARG C 205 -6.24 -57.10 8.91
CA ARG C 205 -7.36 -57.74 8.22
C ARG C 205 -6.89 -58.19 6.85
N LEU C 206 -7.71 -59.06 6.25
CA LEU C 206 -7.55 -59.35 4.84
C LEU C 206 -7.77 -58.12 3.98
N ARG C 207 -8.52 -57.14 4.47
CA ARG C 207 -8.84 -55.93 3.74
C ARG C 207 -7.92 -54.76 4.11
N ALA C 208 -6.74 -55.05 4.66
CA ALA C 208 -5.66 -54.07 4.66
C ALA C 208 -4.79 -54.20 3.43
N LYS C 209 -4.67 -55.43 2.92
CA LYS C 209 -4.06 -55.66 1.62
C LYS C 209 -4.72 -54.82 0.54
N ILE C 210 -6.05 -54.85 0.48
CA ILE C 210 -6.78 -54.07 -0.51
C ILE C 210 -6.62 -52.58 -0.26
N LEU C 211 -6.31 -52.19 0.97
CA LEU C 211 -5.98 -50.80 1.24
C LEU C 211 -4.56 -50.47 0.82
N GLY C 212 -3.67 -51.45 0.83
CA GLY C 212 -2.28 -51.23 0.46
C GLY C 212 -2.01 -51.28 -1.02
N PHE C 213 -2.95 -50.83 -1.86
CA PHE C 213 -2.67 -50.71 -3.29
C PHE C 213 -1.71 -49.57 -3.60
N PHE C 214 -1.32 -48.77 -2.60
CA PHE C 214 -0.23 -47.83 -2.76
C PHE C 214 1.10 -48.51 -3.01
N ALA C 215 1.19 -49.82 -2.77
CA ALA C 215 2.32 -50.61 -3.25
C ALA C 215 2.53 -50.41 -4.74
N LEU C 216 1.44 -50.26 -5.49
CA LEU C 216 1.47 -50.06 -6.93
C LEU C 216 2.23 -51.21 -7.60
N GLY C 217 1.66 -52.41 -7.46
CA GLY C 217 2.19 -53.60 -8.09
C GLY C 217 3.64 -53.84 -7.75
N TRP C 218 4.01 -53.70 -6.49
CA TRP C 218 5.39 -53.85 -6.11
C TRP C 218 5.81 -55.31 -6.05
N CYS C 219 7.02 -55.58 -6.51
CA CYS C 219 7.66 -56.87 -6.33
C CYS C 219 9.14 -56.76 -5.99
N GLY C 220 9.69 -55.56 -5.91
CA GLY C 220 11.11 -55.39 -5.62
C GLY C 220 12.02 -55.85 -6.73
N ALA C 221 11.62 -55.63 -7.98
CA ALA C 221 12.32 -56.21 -9.11
C ALA C 221 13.57 -55.42 -9.48
N ASN C 222 14.44 -56.07 -10.25
CA ASN C 222 15.61 -55.40 -10.81
C ASN C 222 15.20 -54.24 -11.71
N ARG C 223 14.26 -54.52 -12.62
CA ARG C 223 13.98 -53.63 -13.75
C ARG C 223 13.65 -52.23 -13.30
N HIS C 224 12.97 -52.09 -12.16
CA HIS C 224 12.56 -50.79 -11.66
C HIS C 224 13.23 -50.40 -10.36
N TRP C 225 13.92 -51.30 -9.67
CA TRP C 225 14.60 -50.87 -8.46
C TRP C 225 15.80 -50.00 -8.81
N ARG C 226 16.49 -50.32 -9.90
CA ARG C 226 17.55 -49.42 -10.36
C ARG C 226 17.00 -48.03 -10.62
N ASN C 227 15.82 -47.98 -11.23
CA ASN C 227 15.18 -46.70 -11.51
C ASN C 227 14.86 -45.99 -10.20
N TYR C 228 14.42 -46.74 -9.19
CA TYR C 228 14.10 -46.14 -7.90
C TYR C 228 15.32 -45.46 -7.31
N GLU C 229 16.49 -46.06 -7.50
CA GLU C 229 17.71 -45.44 -6.97
C GLU C 229 17.99 -44.12 -7.65
N LYS C 230 18.00 -44.12 -8.99
CA LYS C 230 18.30 -42.89 -9.71
C LYS C 230 17.22 -41.84 -9.51
N VAL C 231 15.98 -42.25 -9.28
CA VAL C 231 14.93 -41.31 -8.91
C VAL C 231 15.19 -40.75 -7.52
N TYR C 232 15.48 -41.61 -6.55
CA TYR C 232 15.85 -41.13 -5.23
C TYR C 232 17.09 -40.25 -5.30
N MET C 233 18.00 -40.55 -6.23
CA MET C 233 19.09 -39.64 -6.53
C MET C 233 18.56 -38.36 -7.14
N LEU C 234 17.61 -38.48 -8.05
CA LEU C 234 17.09 -37.34 -8.77
C LEU C 234 16.44 -36.37 -7.81
N LEU C 235 15.47 -36.83 -7.04
CA LEU C 235 14.78 -35.98 -6.10
C LEU C 235 15.71 -35.47 -5.02
N ALA C 236 16.77 -36.20 -4.70
CA ALA C 236 17.76 -35.67 -3.77
C ALA C 236 18.44 -34.43 -4.36
N GLY C 237 18.98 -34.57 -5.56
CA GLY C 237 19.57 -33.48 -6.30
C GLY C 237 18.58 -32.57 -7.00
N LEU C 238 17.28 -32.74 -6.73
CA LEU C 238 16.23 -31.95 -7.36
C LEU C 238 15.21 -31.41 -6.37
N ALA C 239 15.22 -31.87 -5.12
CA ALA C 239 14.49 -31.25 -4.03
C ALA C 239 15.38 -30.36 -3.19
N THR C 240 16.69 -30.68 -3.10
CA THR C 240 17.58 -29.73 -2.42
C THR C 240 17.69 -28.41 -3.16
N PRO C 241 17.87 -28.37 -4.48
CA PRO C 241 17.79 -27.07 -5.17
C PRO C 241 16.45 -26.40 -5.00
N LEU C 242 15.40 -27.17 -4.68
CA LEU C 242 14.11 -26.58 -4.37
C LEU C 242 14.05 -26.14 -2.91
N VAL C 243 14.60 -26.93 -1.98
CA VAL C 243 14.60 -26.52 -0.58
C VAL C 243 15.37 -25.23 -0.38
N LEU C 244 16.52 -25.11 -1.06
CA LEU C 244 17.32 -23.90 -1.03
C LEU C 244 16.63 -22.75 -1.76
N SER C 245 15.52 -23.00 -2.43
CA SER C 245 14.70 -21.95 -3.02
C SER C 245 13.42 -21.70 -2.26
N VAL C 246 12.89 -22.70 -1.57
CA VAL C 246 11.65 -22.50 -0.82
C VAL C 246 11.90 -21.58 0.35
N HIS C 247 12.82 -21.95 1.23
CA HIS C 247 13.04 -21.10 2.38
C HIS C 247 13.72 -19.80 1.96
N SER C 248 14.47 -19.84 0.87
CA SER C 248 15.08 -18.63 0.35
C SER C 248 14.02 -17.68 -0.18
N VAL C 249 13.01 -18.20 -0.87
CA VAL C 249 11.84 -17.40 -1.22
C VAL C 249 11.23 -16.78 0.02
N VAL C 250 10.97 -17.62 1.02
CA VAL C 250 10.40 -17.13 2.27
C VAL C 250 11.36 -16.22 3.04
N SER C 251 12.62 -16.15 2.62
CA SER C 251 13.52 -15.08 3.04
C SER C 251 13.57 -13.92 2.07
N PHE C 252 13.39 -14.21 0.78
CA PHE C 252 13.40 -13.16 -0.24
C PHE C 252 12.30 -12.17 0.05
N ASP C 253 11.16 -12.67 0.55
CA ASP C 253 10.05 -11.77 0.86
C ASP C 253 10.48 -10.72 1.87
N PHE C 254 11.38 -11.06 2.77
CA PHE C 254 11.85 -10.07 3.72
C PHE C 254 12.91 -9.18 3.08
N ALA C 255 13.98 -9.81 2.60
CA ALA C 255 15.18 -9.05 2.24
C ALA C 255 15.04 -8.30 0.94
N VAL C 256 14.08 -8.66 0.09
CA VAL C 256 13.85 -7.89 -1.11
C VAL C 256 13.41 -6.47 -0.77
N SER C 257 12.85 -6.27 0.41
CA SER C 257 12.29 -4.99 0.80
C SER C 257 13.36 -3.92 0.94
N ILE C 258 12.90 -2.72 1.27
CA ILE C 258 13.77 -1.56 1.48
C ILE C 258 14.11 -1.38 2.95
N ILE C 259 13.50 -2.15 3.84
CA ILE C 259 13.76 -2.06 5.29
C ILE C 259 15.23 -2.31 5.55
N PRO C 260 15.89 -1.60 6.48
CA PRO C 260 17.33 -1.84 6.66
C PRO C 260 17.61 -3.16 7.35
N GLY C 261 16.77 -3.54 8.31
CA GLY C 261 16.95 -4.80 8.98
C GLY C 261 16.64 -6.00 8.14
N TRP C 262 16.12 -5.81 6.93
CA TRP C 262 15.84 -6.90 6.01
C TRP C 262 16.72 -6.87 4.78
N HIS C 263 16.95 -5.70 4.18
CA HIS C 263 17.62 -5.61 2.89
C HIS C 263 19.02 -6.18 2.90
N THR C 264 19.61 -6.37 4.08
CA THR C 264 20.87 -7.08 4.20
C THR C 264 20.81 -8.43 3.50
N THR C 265 21.75 -8.66 2.60
CA THR C 265 21.63 -9.71 1.60
C THR C 265 22.00 -11.10 2.10
N ILE C 266 22.62 -11.23 3.28
CA ILE C 266 23.01 -12.54 3.80
C ILE C 266 21.83 -13.37 4.27
N PHE C 267 20.64 -12.81 4.30
CA PHE C 267 19.53 -13.49 4.96
C PHE C 267 19.09 -14.82 4.34
N PRO C 268 19.10 -15.04 3.04
CA PRO C 268 18.55 -16.29 2.52
C PRO C 268 19.37 -17.50 2.93
N PRO C 269 20.70 -17.45 2.84
CA PRO C 269 21.48 -18.51 3.51
C PRO C 269 21.24 -18.57 5.00
N TYR C 270 21.02 -17.42 5.63
CA TYR C 270 20.87 -17.37 7.07
C TYR C 270 19.61 -18.07 7.52
N PHE C 271 18.46 -17.61 7.05
CA PHE C 271 17.19 -18.22 7.41
C PHE C 271 17.19 -19.69 7.08
N VAL C 272 17.84 -20.09 5.99
CA VAL C 272 18.00 -21.51 5.72
C VAL C 272 18.72 -22.19 6.88
N ALA C 273 19.82 -21.62 7.32
CA ALA C 273 20.50 -22.18 8.50
C ALA C 273 19.60 -22.11 9.72
N GLY C 274 18.73 -21.11 9.78
CA GLY C 274 17.71 -21.09 10.81
C GLY C 274 16.76 -22.25 10.66
N ALA C 275 16.43 -22.62 9.44
CA ALA C 275 15.56 -23.77 9.21
C ALA C 275 16.24 -25.05 9.63
N ILE C 276 17.54 -25.16 9.41
CA ILE C 276 18.30 -26.28 9.95
C ILE C 276 18.23 -26.27 11.47
N PHE C 277 18.68 -25.16 12.06
CA PHE C 277 18.81 -24.97 13.48
C PHE C 277 17.47 -24.92 14.18
N SER C 278 16.37 -24.84 13.44
CA SER C 278 15.01 -24.98 13.95
C SER C 278 14.50 -26.39 13.77
N GLY C 279 14.71 -26.97 12.60
CA GLY C 279 14.07 -28.22 12.26
C GLY C 279 14.65 -29.38 13.05
N PHE C 280 15.97 -29.53 13.01
CA PHE C 280 16.61 -30.55 13.84
C PHE C 280 16.37 -30.29 15.32
N ALA C 281 16.15 -29.03 15.69
CA ALA C 281 15.83 -28.70 17.07
C ALA C 281 14.44 -29.18 17.46
N MET C 282 13.62 -29.58 16.50
CA MET C 282 12.37 -30.26 16.80
C MET C 282 12.43 -31.77 16.59
N VAL C 283 13.14 -32.22 15.56
CA VAL C 283 13.27 -33.65 15.31
C VAL C 283 13.81 -34.35 16.54
N VAL C 284 14.78 -33.75 17.19
CA VAL C 284 15.31 -34.33 18.42
C VAL C 284 14.24 -34.40 19.50
N THR C 285 13.36 -33.39 19.54
CA THR C 285 12.25 -33.45 20.49
C THR C 285 11.32 -34.61 20.19
N LEU C 286 11.14 -34.93 18.91
CA LEU C 286 10.31 -36.07 18.55
C LEU C 286 11.06 -37.38 18.77
N MET C 287 12.35 -37.43 18.47
CA MET C 287 13.10 -38.67 18.59
C MET C 287 13.29 -39.07 20.04
N VAL C 288 13.53 -38.11 20.93
CA VAL C 288 13.64 -38.42 22.35
C VAL C 288 12.36 -39.10 22.84
N ILE C 289 11.21 -38.49 22.57
CA ILE C 289 9.94 -39.08 22.98
C ILE C 289 9.54 -40.26 22.10
N ALA C 290 10.14 -40.40 20.92
CA ALA C 290 10.04 -41.61 20.12
C ALA C 290 11.20 -42.55 20.38
N ARG C 291 11.84 -42.42 21.53
CA ARG C 291 12.92 -43.29 21.96
C ARG C 291 12.72 -43.82 23.38
N LYS C 292 11.95 -43.13 24.21
CA LYS C 292 11.77 -43.57 25.60
C LYS C 292 10.71 -44.68 25.71
N ALA C 293 9.46 -44.37 25.37
CA ALA C 293 8.36 -45.32 25.52
C ALA C 293 8.21 -46.20 24.27
N TYR C 294 7.95 -45.58 23.12
CA TYR C 294 7.91 -46.27 21.83
C TYR C 294 9.19 -45.90 21.12
N GLY C 295 10.22 -46.71 21.35
CA GLY C 295 11.56 -46.41 20.88
C GLY C 295 12.18 -47.60 20.18
N LEU C 296 13.27 -47.31 19.47
CA LEU C 296 14.06 -48.32 18.76
C LEU C 296 15.50 -48.16 19.22
N GLU C 297 15.84 -48.81 20.33
CA GLU C 297 17.20 -48.78 20.83
C GLU C 297 18.18 -49.36 19.82
N ASN C 298 17.76 -50.41 19.11
CA ASN C 298 18.66 -51.11 18.22
C ASN C 298 18.78 -50.45 16.86
N VAL C 299 17.84 -49.57 16.48
CA VAL C 299 17.84 -48.93 15.18
C VAL C 299 18.04 -47.42 15.29
N ILE C 300 17.40 -46.78 16.27
CA ILE C 300 17.71 -45.38 16.59
C ILE C 300 18.86 -45.45 17.59
N THR C 301 20.06 -45.62 17.06
CA THR C 301 21.24 -45.65 17.92
C THR C 301 21.52 -44.25 18.43
N ILE C 302 21.93 -44.17 19.70
CA ILE C 302 22.20 -42.87 20.30
C ILE C 302 23.36 -42.20 19.59
N ASP C 303 24.25 -42.99 19.00
CA ASP C 303 25.31 -42.43 18.17
C ASP C 303 24.77 -41.66 16.97
N HIS C 304 23.52 -41.94 16.56
CA HIS C 304 22.93 -41.20 15.47
C HIS C 304 22.65 -39.77 15.89
N LEU C 305 21.96 -39.59 17.01
CA LEU C 305 21.72 -38.24 17.52
C LEU C 305 23.03 -37.50 17.78
N GLU C 306 24.08 -38.23 18.14
CA GLU C 306 25.39 -37.62 18.34
C GLU C 306 25.87 -36.97 17.06
N LYS C 307 25.97 -37.75 15.98
CA LYS C 307 26.34 -37.19 14.68
C LYS C 307 25.23 -36.35 14.06
N MET C 308 24.06 -36.29 14.69
CA MET C 308 22.99 -35.43 14.22
C MET C 308 23.20 -34.00 14.64
N ASN C 309 23.63 -33.79 15.87
CA ASN C 309 23.72 -32.43 16.37
C ASN C 309 24.91 -31.66 15.82
N ILE C 310 25.82 -32.28 15.08
CA ILE C 310 26.84 -31.51 14.38
C ILE C 310 26.18 -30.58 13.38
N ILE C 311 25.47 -31.13 12.41
CA ILE C 311 24.81 -30.32 11.39
C ILE C 311 23.84 -29.32 12.01
N MET C 312 23.35 -29.59 13.21
CA MET C 312 22.76 -28.54 14.03
C MET C 312 23.82 -27.53 14.47
N LEU C 313 24.89 -28.01 15.10
CA LEU C 313 25.93 -27.13 15.65
C LEU C 313 26.72 -26.39 14.56
N VAL C 314 26.72 -26.93 13.34
CA VAL C 314 27.17 -26.17 12.18
C VAL C 314 26.38 -24.89 12.12
N THR C 315 25.06 -25.00 12.02
CA THR C 315 24.19 -23.85 12.04
C THR C 315 24.03 -23.25 13.43
N GLY C 316 24.54 -23.89 14.47
CA GLY C 316 24.73 -23.27 15.76
C GLY C 316 25.78 -22.19 15.74
N THR C 317 26.61 -22.17 14.69
CA THR C 317 27.60 -21.12 14.50
C THR C 317 27.44 -20.34 13.21
N MET C 318 26.97 -20.97 12.14
CA MET C 318 26.69 -20.25 10.91
C MET C 318 25.57 -19.24 11.14
N VAL C 319 24.54 -19.62 11.91
CA VAL C 319 23.57 -18.63 12.36
C VAL C 319 24.26 -17.54 13.17
N GLY C 320 25.28 -17.90 13.95
CA GLY C 320 25.94 -16.92 14.79
C GLY C 320 26.80 -15.94 14.02
N PHE C 321 27.40 -16.41 12.94
CA PHE C 321 28.28 -15.55 12.15
C PHE C 321 27.48 -14.42 11.52
N ALA C 322 26.23 -14.68 11.16
CA ALA C 322 25.44 -13.65 10.53
C ALA C 322 25.08 -12.54 11.51
N TYR C 323 24.72 -12.90 12.74
CA TYR C 323 24.50 -11.91 13.78
C TYR C 323 25.69 -11.00 13.92
N ILE C 324 26.89 -11.55 13.77
CA ILE C 324 28.07 -10.69 13.78
C ILE C 324 28.03 -9.74 12.59
N THR C 325 27.73 -10.26 11.40
CA THR C 325 27.69 -9.40 10.21
C THR C 325 26.65 -8.30 10.35
N GLU C 326 25.43 -8.66 10.74
CA GLU C 326 24.42 -7.68 11.11
C GLU C 326 25.00 -6.66 12.10
N PHE C 327 25.43 -7.16 13.26
CA PHE C 327 26.01 -6.32 14.30
C PHE C 327 27.28 -5.62 13.83
N PHE C 328 27.88 -6.06 12.73
CA PHE C 328 29.10 -5.47 12.19
C PHE C 328 28.76 -4.33 11.23
N ILE C 329 27.97 -4.64 10.20
CA ILE C 329 27.63 -3.68 9.17
C ILE C 329 26.91 -2.48 9.73
N ALA C 330 26.28 -2.63 10.90
CA ALA C 330 25.84 -1.44 11.62
C ALA C 330 27.01 -0.49 11.90
N TRP C 331 28.19 -1.06 12.18
CA TRP C 331 29.40 -0.28 12.39
C TRP C 331 30.17 -0.04 11.12
N TYR C 332 29.95 -0.84 10.08
CA TYR C 332 30.63 -0.71 8.80
C TYR C 332 29.63 -0.32 7.74
N SER C 333 29.60 0.96 7.40
CA SER C 333 29.03 1.44 6.15
C SER C 333 27.53 1.30 6.12
N GLY C 334 26.90 1.32 7.26
CA GLY C 334 25.46 1.29 7.31
C GLY C 334 24.84 2.63 6.99
N VAL C 335 23.57 2.60 6.62
CA VAL C 335 22.78 3.80 6.50
C VAL C 335 22.64 4.31 7.93
N PRO C 336 22.45 5.61 8.18
CA PRO C 336 22.21 6.05 9.57
C PRO C 336 20.94 5.49 10.20
N TYR C 337 20.08 4.82 9.43
CA TYR C 337 18.95 4.07 9.95
C TYR C 337 19.34 2.65 10.29
N GLU C 338 20.03 1.97 9.36
CA GLU C 338 20.53 0.64 9.65
C GLU C 338 21.51 0.66 10.81
N GLN C 339 22.22 1.77 11.01
CA GLN C 339 22.96 1.96 12.25
C GLN C 339 22.03 1.84 13.44
N TYR C 340 20.86 2.48 13.37
CA TYR C 340 19.92 2.44 14.47
C TYR C 340 19.13 1.15 14.51
N ALA C 341 18.97 0.49 13.36
CA ALA C 341 18.08 -0.64 13.25
C ALA C 341 18.47 -1.77 14.18
N PHE C 342 19.76 -1.94 14.45
CA PHE C 342 20.25 -3.05 15.26
C PHE C 342 20.57 -2.64 16.68
N ILE C 343 20.87 -1.36 16.89
CA ILE C 343 20.87 -0.82 18.25
C ILE C 343 19.50 -1.02 18.86
N ASN C 344 18.45 -0.87 18.06
CA ASN C 344 17.10 -1.22 18.49
C ASN C 344 17.03 -2.66 18.96
N ARG C 345 17.61 -3.58 18.19
CA ARG C 345 17.47 -4.99 18.48
C ARG C 345 18.06 -5.33 19.83
N ALA C 346 19.25 -4.82 20.11
CA ALA C 346 19.84 -5.05 21.42
C ALA C 346 19.21 -4.14 22.47
N THR C 347 19.23 -2.84 22.21
CA THR C 347 18.82 -1.83 23.18
C THR C 347 17.52 -1.22 22.74
N GLY C 348 16.47 -1.41 23.53
CA GLY C 348 15.16 -0.96 23.18
C GLY C 348 14.07 -1.80 23.82
N PRO C 349 12.90 -1.87 23.20
CA PRO C 349 11.82 -2.67 23.80
C PRO C 349 12.15 -4.14 23.89
N TYR C 350 12.73 -4.71 22.84
CA TYR C 350 12.94 -6.14 22.73
C TYR C 350 14.31 -6.57 23.25
N ALA C 351 14.85 -5.86 24.23
CA ALA C 351 16.05 -6.33 24.90
C ALA C 351 15.81 -7.68 25.57
N TRP C 352 14.58 -7.94 26.00
CA TRP C 352 14.25 -9.26 26.52
C TRP C 352 14.44 -10.33 25.46
N ALA C 353 14.21 -9.98 24.20
CA ALA C 353 14.34 -10.96 23.13
C ALA C 353 15.79 -11.14 22.72
N TYR C 354 16.40 -10.11 22.15
CA TYR C 354 17.62 -10.32 21.36
C TYR C 354 18.81 -10.68 22.23
N TRP C 355 18.99 -9.99 23.36
CA TRP C 355 20.07 -10.33 24.28
C TRP C 355 19.98 -11.81 24.67
N THR C 356 18.78 -12.25 25.03
CA THR C 356 18.60 -13.62 25.46
C THR C 356 18.52 -14.57 24.28
N MET C 357 17.96 -14.13 23.15
CA MET C 357 17.77 -14.99 21.99
C MET C 357 19.11 -15.38 21.40
N MET C 358 19.86 -14.39 20.93
CA MET C 358 21.21 -14.64 20.44
C MET C 358 21.99 -15.43 21.47
N SER C 359 21.93 -15.02 22.75
CA SER C 359 22.62 -15.77 23.77
C SER C 359 22.07 -17.19 23.89
N CYS C 360 20.77 -17.35 23.77
CA CYS C 360 20.16 -18.67 23.83
C CYS C 360 20.61 -19.53 22.66
N ASN C 361 20.56 -18.97 21.47
CA ASN C 361 20.95 -19.69 20.27
C ASN C 361 22.46 -19.78 20.11
N LEU C 362 23.26 -19.10 20.94
CA LEU C 362 24.71 -19.19 20.92
C LEU C 362 25.30 -19.90 22.13
N ILE C 363 24.86 -19.57 23.35
CA ILE C 363 25.34 -20.25 24.55
C ILE C 363 25.14 -21.75 24.41
N PHE C 364 23.89 -22.17 24.26
CA PHE C 364 23.58 -23.59 24.31
C PHE C 364 24.33 -24.39 23.25
N PRO C 365 24.40 -23.98 21.99
CA PRO C 365 25.32 -24.68 21.06
C PRO C 365 26.78 -24.60 21.44
N GLN C 366 27.30 -23.43 21.84
CA GLN C 366 28.68 -23.38 22.31
C GLN C 366 28.82 -23.91 23.74
N PHE C 367 27.70 -24.21 24.40
CA PHE C 367 27.66 -25.00 25.62
C PHE C 367 27.24 -26.44 25.35
N PHE C 368 26.96 -26.77 24.10
CA PHE C 368 26.52 -28.10 23.71
C PHE C 368 27.72 -29.03 23.62
N TRP C 369 28.68 -28.70 22.77
CA TRP C 369 29.84 -29.58 22.61
C TRP C 369 30.69 -29.52 23.87
N ILE C 370 30.48 -30.48 24.78
CA ILE C 370 31.34 -30.63 25.94
C ILE C 370 31.79 -32.07 26.08
N LYS C 371 30.84 -32.98 26.31
CA LYS C 371 31.14 -34.39 26.58
C LYS C 371 30.92 -35.20 25.30
N LYS C 372 31.76 -34.91 24.31
CA LYS C 372 31.67 -35.50 22.98
C LYS C 372 30.25 -35.32 22.46
N LEU C 373 29.89 -34.07 22.26
CA LEU C 373 28.61 -33.64 21.67
C LEU C 373 27.42 -33.93 22.58
N ARG C 374 27.65 -34.33 23.83
CA ARG C 374 26.58 -34.57 24.81
C ARG C 374 25.59 -35.61 24.27
N ARG C 375 26.12 -36.83 24.17
CA ARG C 375 25.30 -37.98 23.78
C ARG C 375 24.11 -38.21 24.71
N ASN C 376 24.17 -37.69 25.94
CA ASN C 376 23.14 -37.92 26.93
C ASN C 376 21.77 -37.51 26.42
N ILE C 377 20.84 -38.46 26.47
CA ILE C 377 19.51 -38.29 25.89
C ILE C 377 18.65 -37.28 26.63
N PRO C 378 18.62 -37.20 27.97
CA PRO C 378 17.64 -36.30 28.58
C PRO C 378 17.99 -34.83 28.40
N PHE C 379 19.28 -34.51 28.24
CA PHE C 379 19.66 -33.14 27.92
C PHE C 379 19.14 -32.72 26.57
N MET C 380 18.92 -33.68 25.67
CA MET C 380 18.48 -33.36 24.33
C MET C 380 17.14 -32.66 24.35
N PHE C 381 16.20 -33.17 25.15
CA PHE C 381 14.85 -32.61 25.17
C PHE C 381 14.85 -31.20 25.75
N ILE C 382 15.55 -31.01 26.88
CA ILE C 382 15.55 -29.72 27.55
C ILE C 382 16.37 -28.71 26.76
N ALA C 383 17.25 -29.17 25.87
CA ALA C 383 18.00 -28.27 25.01
C ALA C 383 17.32 -28.04 23.67
N SER C 384 16.80 -29.09 23.06
CA SER C 384 16.22 -28.98 21.73
C SER C 384 15.01 -28.07 21.73
N ILE C 385 14.24 -28.08 22.82
CA ILE C 385 13.24 -27.02 23.01
C ILE C 385 13.91 -25.66 22.96
N VAL C 386 14.83 -25.42 23.90
CA VAL C 386 15.38 -24.09 24.12
C VAL C 386 16.11 -23.58 22.90
N VAL C 387 16.74 -24.48 22.15
CA VAL C 387 17.31 -24.10 20.86
C VAL C 387 16.21 -23.61 19.93
N ASN C 388 15.02 -24.21 20.03
CA ASN C 388 13.96 -23.83 19.09
C ASN C 388 13.21 -22.57 19.50
N ILE C 389 13.12 -22.31 20.81
CA ILE C 389 12.36 -21.16 21.28
C ILE C 389 12.99 -19.87 20.78
N GLY C 390 14.32 -19.87 20.64
CA GLY C 390 14.98 -18.75 20.03
C GLY C 390 14.62 -18.57 18.57
N MET C 391 14.22 -19.65 17.90
CA MET C 391 13.86 -19.56 16.49
C MET C 391 12.54 -18.82 16.32
N TRP C 392 11.56 -19.15 17.16
CA TRP C 392 10.34 -18.37 17.14
C TRP C 392 10.63 -16.93 17.52
N PHE C 393 11.65 -16.70 18.34
CA PHE C 393 12.10 -15.33 18.54
C PHE C 393 12.91 -14.82 17.37
N GLU C 394 13.66 -15.68 16.69
CA GLU C 394 14.52 -15.26 15.58
C GLU C 394 13.69 -14.63 14.49
N ARG C 395 12.51 -15.16 14.28
CA ARG C 395 11.63 -14.65 13.26
C ARG C 395 10.63 -13.64 13.81
N PHE C 396 10.44 -13.61 15.13
CA PHE C 396 9.74 -12.50 15.75
C PHE C 396 10.66 -11.30 15.96
N VAL C 397 11.96 -11.51 15.95
CA VAL C 397 12.94 -10.44 16.09
C VAL C 397 13.25 -9.87 14.72
N ILE C 398 13.74 -10.71 13.80
CA ILE C 398 14.23 -10.21 12.53
C ILE C 398 13.13 -9.53 11.75
N THR C 399 11.97 -10.16 11.66
CA THR C 399 10.85 -9.56 10.96
C THR C 399 10.47 -8.23 11.61
N ILE C 400 10.15 -8.25 12.90
CA ILE C 400 9.36 -7.21 13.50
C ILE C 400 10.22 -6.13 14.16
N THR C 401 11.37 -6.51 14.71
CA THR C 401 12.16 -5.56 15.46
C THR C 401 12.74 -4.46 14.59
N SER C 402 12.80 -4.67 13.28
CA SER C 402 13.19 -3.66 12.32
C SER C 402 12.04 -3.25 11.41
N LEU C 403 10.82 -3.70 11.71
CA LEU C 403 9.65 -3.31 10.96
C LEU C 403 8.87 -2.21 11.64
N HIS C 404 8.97 -2.10 12.95
CA HIS C 404 8.82 -0.83 13.62
C HIS C 404 10.20 -0.24 13.78
N ARG C 405 10.25 1.09 13.94
CA ARG C 405 11.50 1.82 13.93
C ARG C 405 12.23 1.59 12.62
N ASP C 406 11.56 2.03 11.56
CA ASP C 406 12.07 1.92 10.20
C ASP C 406 11.75 3.22 9.46
N TYR C 407 12.76 4.08 9.36
CA TYR C 407 12.78 5.24 8.48
C TYR C 407 11.81 6.34 8.88
N LEU C 408 11.10 6.22 10.00
CA LEU C 408 10.35 7.34 10.56
C LEU C 408 10.23 7.17 12.06
N PRO C 409 10.12 8.26 12.82
CA PRO C 409 9.62 8.14 14.18
C PRO C 409 8.11 8.06 14.24
N SER C 410 7.45 8.62 13.22
CA SER C 410 6.01 8.55 13.13
C SER C 410 5.52 7.11 13.15
N SER C 411 6.25 6.22 12.49
CA SER C 411 5.93 4.79 12.53
C SER C 411 6.73 4.09 13.61
N TRP C 412 6.67 4.62 14.82
CA TRP C 412 7.19 3.95 16.01
C TRP C 412 6.00 3.44 16.82
N ASP C 413 5.89 2.12 16.93
CA ASP C 413 4.84 1.50 17.72
C ASP C 413 5.29 0.11 18.16
N TYR C 414 5.19 -0.15 19.45
CA TYR C 414 5.38 -1.49 20.00
C TYR C 414 4.31 -2.42 19.44
N PHE C 415 4.58 -3.72 19.56
CA PHE C 415 3.69 -4.78 19.10
C PHE C 415 3.17 -5.53 20.31
N VAL C 416 1.89 -5.31 20.62
CA VAL C 416 1.21 -6.00 21.72
C VAL C 416 0.51 -7.22 21.13
N PRO C 417 0.97 -8.44 21.39
CA PRO C 417 0.27 -9.61 20.84
C PRO C 417 -0.95 -9.99 21.65
N THR C 418 -2.07 -10.22 20.97
CA THR C 418 -3.31 -10.57 21.63
C THR C 418 -3.31 -12.01 22.09
N TRP C 419 -4.26 -12.30 22.99
CA TRP C 419 -4.53 -13.65 23.47
C TRP C 419 -5.00 -14.59 22.38
N VAL C 420 -5.33 -14.09 21.19
CA VAL C 420 -5.62 -14.96 20.05
C VAL C 420 -4.38 -15.26 19.23
N ASP C 421 -3.36 -14.40 19.27
CA ASP C 421 -2.08 -14.71 18.64
C ASP C 421 -1.51 -16.01 19.20
N VAL C 422 -1.66 -16.21 20.51
CA VAL C 422 -0.98 -17.30 21.18
C VAL C 422 -1.72 -18.61 20.99
N LEU C 423 -3.05 -18.58 20.92
CA LEU C 423 -3.79 -19.82 20.70
C LEU C 423 -3.65 -20.32 19.28
N THR C 424 -3.19 -19.48 18.36
CA THR C 424 -2.89 -19.93 17.00
C THR C 424 -1.52 -20.58 16.97
N LEU C 425 -0.53 -19.94 17.59
CA LEU C 425 0.75 -20.61 17.82
C LEU C 425 0.58 -21.98 18.46
N ILE C 426 -0.12 -22.01 19.59
CA ILE C 426 -0.39 -23.27 20.28
C ILE C 426 -1.13 -24.23 19.36
N GLY C 427 -2.15 -23.73 18.66
CA GLY C 427 -2.88 -24.56 17.73
C GLY C 427 -2.02 -25.11 16.62
N SER C 428 -0.95 -24.41 16.27
CA SER C 428 -0.04 -24.94 15.26
C SER C 428 0.69 -26.15 15.79
N PHE C 429 1.08 -26.10 17.06
CA PHE C 429 1.57 -27.34 17.69
C PHE C 429 0.49 -28.40 17.71
N GLY C 430 -0.76 -27.99 17.90
CA GLY C 430 -1.86 -28.92 17.99
C GLY C 430 -2.06 -29.69 16.72
N LEU C 431 -2.29 -28.99 15.61
CA LEU C 431 -2.51 -29.65 14.33
C LEU C 431 -1.27 -30.40 13.88
N PHE C 432 -0.07 -29.86 14.18
CA PHE C 432 1.15 -30.58 13.87
C PHE C 432 1.15 -31.95 14.52
N PHE C 433 1.12 -31.99 15.86
CA PHE C 433 1.07 -33.28 16.55
C PHE C 433 -0.16 -34.09 16.16
N THR C 434 -1.29 -33.42 15.94
CA THR C 434 -2.54 -34.12 15.66
C THR C 434 -2.41 -34.94 14.38
N LEU C 435 -1.88 -34.31 13.34
CA LEU C 435 -1.79 -34.95 12.04
C LEU C 435 -0.46 -35.66 11.84
N PHE C 436 0.58 -35.26 12.55
CA PHE C 436 1.83 -36.00 12.50
C PHE C 436 1.66 -37.36 13.15
N LEU C 437 0.98 -37.39 14.29
CA LEU C 437 0.70 -38.66 14.94
C LEU C 437 -0.24 -39.50 14.11
N LEU C 438 -1.21 -38.87 13.42
CA LEU C 438 -2.26 -39.61 12.75
C LEU C 438 -1.71 -40.56 11.69
N PHE C 439 -1.08 -40.02 10.64
CA PHE C 439 -0.48 -40.91 9.64
C PHE C 439 0.68 -41.71 10.21
N LEU C 440 1.42 -41.15 11.20
CA LEU C 440 2.57 -41.89 11.72
C LEU C 440 2.15 -43.23 12.31
N ARG C 441 1.00 -43.28 12.98
CA ARG C 441 0.53 -44.56 13.48
C ARG C 441 0.09 -45.49 12.37
N PHE C 442 -0.22 -44.95 11.18
CA PHE C 442 -0.63 -45.77 10.05
C PHE C 442 0.58 -46.21 9.22
N VAL C 443 1.39 -45.25 8.78
CA VAL C 443 2.58 -45.56 8.01
C VAL C 443 3.62 -46.10 8.98
N PRO C 444 4.69 -46.74 8.53
CA PRO C 444 5.77 -47.08 9.47
C PRO C 444 6.68 -45.90 9.71
N MET C 445 7.20 -45.84 10.93
CA MET C 445 8.07 -44.73 11.32
C MET C 445 9.39 -44.78 10.57
N VAL C 446 10.10 -45.86 10.70
CA VAL C 446 11.48 -45.96 10.26
C VAL C 446 11.53 -46.32 8.79
N ALA C 447 12.57 -45.87 8.11
CA ALA C 447 12.78 -46.17 6.70
C ALA C 447 13.30 -47.60 6.53
N ILE C 448 12.46 -48.55 6.92
CA ILE C 448 12.88 -49.93 7.11
C ILE C 448 13.42 -50.57 5.83
N ALA C 449 13.08 -50.00 4.68
CA ALA C 449 13.56 -50.55 3.42
C ALA C 449 15.06 -50.43 3.32
N GLU C 450 15.58 -49.23 3.54
CA GLU C 450 17.00 -48.97 3.33
C GLU C 450 17.84 -49.29 4.55
N VAL C 451 17.23 -49.30 5.74
CA VAL C 451 17.96 -49.64 6.98
C VAL C 451 18.63 -50.99 6.83
N LYS C 452 17.83 -52.03 6.60
CA LYS C 452 18.39 -53.35 6.43
C LYS C 452 19.12 -53.53 5.10
N GLY C 453 19.14 -52.52 4.24
CA GLY C 453 19.81 -52.61 2.96
C GLY C 453 21.16 -51.94 2.90
N VAL C 454 21.51 -51.11 3.88
CA VAL C 454 22.67 -50.23 3.79
C VAL C 454 23.82 -50.65 4.71
N LEU C 455 23.62 -50.59 6.02
CA LEU C 455 24.69 -50.88 6.96
C LEU C 455 24.85 -52.37 7.25
N PRO C 456 23.75 -53.14 7.42
CA PRO C 456 23.93 -54.58 7.66
C PRO C 456 24.49 -55.32 6.47
N GLU C 457 24.45 -56.65 6.54
CA GLU C 457 25.21 -57.50 5.64
C GLU C 457 24.68 -57.58 4.21
N ALA C 458 23.82 -56.64 3.80
CA ALA C 458 23.43 -56.49 2.40
C ALA C 458 24.63 -56.36 1.47
N ASP C 459 25.78 -55.92 1.96
CA ASP C 459 26.99 -55.86 1.15
C ASP C 459 27.31 -57.25 0.59
N PRO C 460 27.64 -57.39 -0.70
CA PRO C 460 27.98 -58.72 -1.19
C PRO C 460 29.34 -59.28 -0.76
N HIS C 461 30.03 -58.63 0.17
CA HIS C 461 31.37 -59.09 0.60
C HIS C 461 31.23 -59.87 1.90
N PHE C 462 30.89 -61.16 1.76
CA PHE C 462 30.80 -62.08 2.89
C PHE C 462 31.16 -63.50 2.47
N ILE D 23 4.36 -71.78 -15.41
CA ILE D 23 5.17 -71.49 -16.59
C ILE D 23 5.34 -69.99 -16.76
N TYR D 24 4.55 -69.19 -16.03
CA TYR D 24 4.81 -67.75 -16.00
C TYR D 24 6.19 -67.45 -15.44
N GLY D 25 6.75 -68.35 -14.65
CA GLY D 25 8.14 -68.23 -14.25
C GLY D 25 8.45 -69.04 -13.00
N LEU D 26 9.64 -68.80 -12.50
CA LEU D 26 10.27 -69.58 -11.46
C LEU D 26 10.35 -68.78 -10.16
N LEU D 27 11.06 -69.35 -9.19
CA LEU D 27 11.44 -68.63 -7.99
C LEU D 27 12.68 -69.30 -7.42
N ALA D 28 13.47 -68.54 -6.68
CA ALA D 28 14.74 -69.02 -6.14
C ALA D 28 14.96 -68.46 -4.75
N GLU D 29 14.84 -69.32 -3.74
CA GLU D 29 15.00 -68.92 -2.35
C GLU D 29 16.48 -68.79 -2.03
N PHE D 30 17.05 -67.62 -2.31
CA PHE D 30 18.43 -67.31 -1.98
C PHE D 30 18.46 -66.42 -0.75
N SER D 31 18.86 -66.99 0.39
CA SER D 31 19.07 -66.21 1.61
C SER D 31 20.40 -65.49 1.61
N ASP D 32 21.34 -65.90 0.78
CA ASP D 32 22.63 -65.23 0.68
C ASP D 32 22.40 -63.79 0.20
N PRO D 33 22.90 -62.77 0.91
CA PRO D 33 22.84 -61.42 0.34
C PRO D 33 23.80 -61.22 -0.83
N ALA D 34 24.84 -62.03 -0.93
CA ALA D 34 25.91 -61.81 -1.88
C ALA D 34 25.78 -62.62 -3.16
N ALA D 35 25.02 -63.72 -3.14
CA ALA D 35 24.98 -64.59 -4.30
C ALA D 35 24.38 -63.89 -5.50
N LEU D 36 23.45 -62.98 -5.30
CA LEU D 36 22.72 -62.39 -6.42
C LEU D 36 23.62 -61.61 -7.35
N LEU D 37 24.79 -61.18 -6.89
CA LEU D 37 25.77 -60.59 -7.79
C LEU D 37 26.43 -61.66 -8.66
N HIS D 38 27.05 -62.66 -8.01
CA HIS D 38 27.91 -63.61 -8.71
C HIS D 38 27.12 -64.75 -9.33
N ALA D 39 26.08 -65.23 -8.64
CA ALA D 39 25.26 -66.32 -9.15
C ALA D 39 24.47 -65.90 -10.37
N ALA D 40 23.67 -64.83 -10.26
CA ALA D 40 22.83 -64.39 -11.36
C ALA D 40 23.64 -63.83 -12.53
N ARG D 41 24.87 -63.35 -12.27
CA ARG D 41 25.71 -62.94 -13.37
C ARG D 41 26.12 -64.10 -14.26
N GLN D 42 26.12 -65.33 -13.73
CA GLN D 42 26.42 -66.50 -14.56
C GLN D 42 25.40 -66.67 -15.66
N VAL D 43 24.12 -66.44 -15.34
CA VAL D 43 23.05 -66.88 -16.22
C VAL D 43 22.68 -65.83 -17.24
N ARG D 44 22.92 -64.55 -16.95
CA ARG D 44 22.77 -63.58 -18.04
C ARG D 44 23.78 -63.86 -19.16
N LYS D 45 24.94 -64.40 -18.81
CA LYS D 45 25.92 -64.80 -19.81
C LYS D 45 25.58 -66.18 -20.37
N ALA D 46 25.58 -67.18 -19.49
CA ALA D 46 25.39 -68.57 -19.90
C ALA D 46 23.90 -68.85 -19.99
N GLY D 47 23.37 -68.80 -21.20
CA GLY D 47 21.98 -69.10 -21.43
C GLY D 47 21.16 -67.91 -21.89
N TYR D 48 20.34 -67.38 -20.99
CA TYR D 48 19.26 -66.46 -21.32
C TYR D 48 19.46 -65.12 -20.62
N ARG D 49 18.45 -64.26 -20.69
CA ARG D 49 18.59 -62.85 -20.38
C ARG D 49 18.20 -62.51 -18.95
N HIS D 50 17.27 -63.25 -18.36
CA HIS D 50 16.86 -63.06 -16.97
C HIS D 50 16.29 -61.66 -16.75
N PHE D 51 15.12 -61.45 -17.35
CA PHE D 51 14.49 -60.13 -17.39
C PHE D 51 14.23 -59.54 -16.02
N ASP D 52 14.22 -60.33 -14.94
CA ASP D 52 13.66 -59.87 -13.67
C ASP D 52 14.36 -60.55 -12.50
N ALA D 53 15.11 -59.77 -11.73
CA ALA D 53 15.67 -60.19 -10.46
C ALA D 53 14.98 -59.45 -9.32
N HIS D 54 14.78 -60.14 -8.20
CA HIS D 54 13.90 -59.68 -7.14
C HIS D 54 14.64 -59.61 -5.81
N SER D 55 14.68 -58.41 -5.23
CA SER D 55 15.05 -58.23 -3.84
C SER D 55 14.70 -56.79 -3.44
N PRO D 56 14.57 -56.52 -2.14
CA PRO D 56 14.12 -55.18 -1.73
C PRO D 56 15.10 -54.08 -2.07
N PHE D 57 16.32 -54.24 -1.63
CA PHE D 57 17.33 -53.18 -1.59
C PHE D 57 18.24 -53.29 -2.79
N PRO D 58 19.09 -52.27 -3.05
CA PRO D 58 20.01 -52.38 -4.19
C PRO D 58 21.19 -53.27 -3.82
N ILE D 59 21.20 -54.48 -4.38
CA ILE D 59 22.38 -55.32 -4.25
C ILE D 59 23.51 -54.56 -4.95
N HIS D 60 24.48 -54.10 -4.18
CA HIS D 60 25.35 -53.03 -4.63
C HIS D 60 26.28 -53.51 -5.73
N GLY D 61 26.54 -52.62 -6.68
CA GLY D 61 27.34 -52.96 -7.84
C GLY D 61 26.68 -53.98 -8.75
N MET D 62 25.35 -53.97 -8.84
CA MET D 62 24.65 -54.90 -9.73
C MET D 62 24.90 -54.53 -11.19
N ASP D 63 24.48 -53.34 -11.59
CA ASP D 63 24.57 -52.91 -12.99
C ASP D 63 26.01 -52.67 -13.45
N GLU D 64 27.00 -52.90 -12.58
CA GLU D 64 28.39 -52.99 -13.04
C GLU D 64 28.50 -53.96 -14.21
N ALA D 65 27.90 -55.15 -14.04
CA ALA D 65 27.77 -56.12 -15.12
C ALA D 65 26.37 -56.72 -15.20
N MET D 66 25.68 -56.85 -14.06
CA MET D 66 24.51 -57.72 -13.99
C MET D 66 23.31 -57.12 -14.73
N GLY D 67 22.85 -55.97 -14.27
CA GLY D 67 21.55 -55.47 -14.68
C GLY D 67 21.42 -54.99 -16.11
N LEU D 68 22.49 -55.06 -16.89
CA LEU D 68 22.47 -54.63 -18.30
C LEU D 68 22.04 -53.17 -18.42
N GLY D 69 22.86 -52.28 -17.88
CA GLY D 69 22.57 -50.87 -17.98
C GLY D 69 23.78 -49.97 -17.91
N ASN D 70 23.92 -49.08 -18.90
CA ASN D 70 24.88 -47.98 -18.77
C ASN D 70 24.44 -47.02 -17.68
N SER D 71 23.14 -46.78 -17.58
CA SER D 71 22.56 -45.93 -16.55
C SER D 71 21.05 -46.05 -16.66
N LYS D 72 20.34 -45.25 -15.88
CA LYS D 72 18.96 -44.92 -16.20
C LYS D 72 18.89 -44.36 -17.61
N VAL D 73 17.77 -44.63 -18.28
CA VAL D 73 17.55 -44.17 -19.64
C VAL D 73 16.66 -42.93 -19.62
N ALA D 74 15.82 -42.83 -18.61
CA ALA D 74 14.77 -41.82 -18.60
C ALA D 74 15.24 -40.44 -18.14
N PHE D 75 16.54 -40.18 -17.98
CA PHE D 75 16.97 -38.79 -18.00
C PHE D 75 16.67 -38.17 -19.35
N ILE D 76 16.83 -38.94 -20.43
CA ILE D 76 16.41 -38.51 -21.75
C ILE D 76 14.90 -38.30 -21.80
N THR D 77 14.16 -38.92 -20.89
CA THR D 77 12.75 -38.64 -20.69
C THR D 77 12.50 -37.54 -19.66
N PHE D 78 13.47 -37.23 -18.81
CA PHE D 78 13.50 -36.01 -18.00
C PHE D 78 13.77 -34.77 -18.86
N PHE D 79 14.24 -35.00 -20.10
CA PHE D 79 14.40 -33.95 -21.09
C PHE D 79 13.14 -33.10 -21.21
N THR D 80 12.01 -33.75 -21.45
CA THR D 80 10.76 -33.03 -21.67
C THR D 80 10.17 -32.46 -20.38
N GLY D 81 10.68 -32.84 -19.22
CA GLY D 81 10.16 -32.29 -17.98
C GLY D 81 10.67 -30.89 -17.76
N THR D 82 11.99 -30.75 -17.90
CA THR D 82 12.58 -29.43 -17.66
C THR D 82 12.18 -28.44 -18.75
N ILE D 83 12.13 -28.87 -20.00
CA ILE D 83 11.89 -27.92 -21.08
C ILE D 83 10.50 -27.32 -20.99
N ALA D 84 9.49 -28.16 -20.81
CA ALA D 84 8.12 -27.66 -20.78
C ALA D 84 7.90 -26.78 -19.59
N GLY D 85 8.35 -27.19 -18.40
CA GLY D 85 8.22 -26.30 -17.25
C GLY D 85 8.98 -25.01 -17.42
N PHE D 86 10.22 -25.10 -17.91
CA PHE D 86 11.01 -23.91 -18.22
C PHE D 86 10.26 -23.03 -19.22
N ALA D 87 9.78 -23.63 -20.29
CA ALA D 87 9.02 -22.90 -21.28
C ALA D 87 7.71 -22.41 -20.70
N LEU D 88 7.14 -23.15 -19.75
CA LEU D 88 5.87 -22.77 -19.15
C LEU D 88 6.03 -21.45 -18.42
N ALA D 89 6.94 -21.39 -17.46
CA ALA D 89 7.17 -20.14 -16.74
C ALA D 89 7.61 -19.02 -17.70
N TRP D 90 8.60 -19.32 -18.54
CA TRP D 90 9.10 -18.31 -19.47
C TRP D 90 8.03 -17.90 -20.49
N TRP D 91 7.04 -18.75 -20.74
CA TRP D 91 5.88 -18.40 -21.55
C TRP D 91 4.76 -17.82 -20.70
N MET D 92 4.77 -18.12 -19.40
CA MET D 92 3.86 -17.53 -18.44
C MET D 92 4.22 -16.09 -18.15
N GLN D 93 5.32 -15.59 -18.72
CA GLN D 93 5.69 -14.19 -18.52
C GLN D 93 5.89 -13.42 -19.81
N TRP D 94 6.46 -14.02 -20.86
CA TRP D 94 6.44 -13.32 -22.14
C TRP D 94 5.01 -13.14 -22.64
N TRP D 95 4.09 -14.03 -22.25
CA TRP D 95 2.69 -13.84 -22.58
C TRP D 95 1.98 -12.95 -21.59
N MET D 96 2.54 -12.75 -20.40
CA MET D 96 1.81 -12.18 -19.28
C MET D 96 2.31 -10.81 -18.85
N GLY D 97 3.62 -10.63 -18.75
CA GLY D 97 4.15 -9.45 -18.11
C GLY D 97 4.22 -8.25 -19.01
N ALA D 98 4.33 -8.47 -20.32
CA ALA D 98 4.46 -7.40 -21.29
C ALA D 98 3.31 -7.36 -22.27
N VAL D 99 2.98 -8.48 -22.89
CA VAL D 99 2.15 -8.43 -24.09
C VAL D 99 0.68 -8.42 -23.74
N ASP D 100 0.26 -9.15 -22.72
CA ASP D 100 -1.14 -9.27 -22.34
C ASP D 100 -1.29 -8.84 -20.89
N TYR D 101 -1.90 -7.69 -20.69
CA TYR D 101 -2.09 -7.08 -19.38
C TYR D 101 -0.75 -6.89 -18.68
N PRO D 102 0.03 -5.93 -19.13
CA PRO D 102 1.19 -5.50 -18.37
C PRO D 102 0.82 -4.46 -17.33
N LEU D 103 1.80 -4.05 -16.55
CA LEU D 103 1.58 -3.13 -15.46
C LEU D 103 2.91 -2.48 -15.12
N ASN D 104 2.89 -1.18 -14.84
CA ASN D 104 4.09 -0.50 -14.36
C ASN D 104 4.19 -0.66 -12.85
N ILE D 105 4.28 -1.91 -12.43
CA ILE D 105 4.53 -2.19 -11.02
C ILE D 105 5.98 -1.89 -10.73
N SER D 106 6.22 -0.74 -10.09
CA SER D 106 7.52 -0.39 -9.54
C SER D 106 8.59 -0.22 -10.60
N GLY D 107 8.20 0.09 -11.82
CA GLY D 107 9.19 0.15 -12.86
C GLY D 107 9.86 -1.17 -13.17
N LYS D 108 9.28 -2.28 -12.75
CA LYS D 108 9.88 -3.56 -13.03
C LYS D 108 9.81 -3.81 -14.54
N PRO D 109 10.94 -4.01 -15.24
CA PRO D 109 10.90 -4.00 -16.71
C PRO D 109 10.30 -5.20 -17.40
N PHE D 110 9.08 -5.61 -17.01
CA PHE D 110 8.32 -6.56 -17.80
C PHE D 110 9.06 -7.88 -17.97
N PHE D 111 9.04 -8.70 -16.92
CA PHE D 111 9.56 -10.07 -16.87
C PHE D 111 11.05 -10.14 -17.14
N ALA D 112 11.77 -9.10 -16.74
CA ALA D 112 13.21 -9.21 -16.61
C ALA D 112 13.55 -10.41 -15.75
N LEU D 113 14.65 -11.06 -16.10
CA LEU D 113 14.92 -12.43 -15.65
C LEU D 113 14.83 -12.66 -14.15
N PRO D 114 15.43 -11.84 -13.27
CA PRO D 114 15.72 -12.29 -11.90
C PRO D 114 14.49 -12.69 -11.11
N PRO D 115 13.46 -11.84 -10.96
CA PRO D 115 12.29 -12.27 -10.22
C PRO D 115 11.51 -13.37 -10.91
N SER D 116 11.86 -13.69 -12.15
CA SER D 116 11.34 -14.86 -12.82
C SER D 116 12.18 -16.09 -12.54
N VAL D 117 13.44 -15.94 -12.14
CA VAL D 117 14.29 -17.10 -11.88
C VAL D 117 13.68 -18.03 -10.82
N PRO D 118 13.23 -17.56 -9.68
CA PRO D 118 12.71 -18.52 -8.69
C PRO D 118 11.35 -19.13 -9.06
N ILE D 119 10.86 -18.82 -10.25
CA ILE D 119 9.74 -19.53 -10.85
C ILE D 119 10.17 -20.29 -12.11
N ILE D 120 10.97 -19.66 -12.98
CA ILE D 120 11.59 -20.32 -14.11
C ILE D 120 12.62 -21.36 -13.64
N PHE D 121 12.98 -21.36 -12.36
CA PHE D 121 13.69 -22.46 -11.74
C PHE D 121 12.71 -23.38 -11.02
N GLU D 122 11.99 -22.83 -10.06
CA GLU D 122 11.32 -23.68 -9.08
C GLU D 122 10.09 -24.35 -9.67
N LEU D 123 9.27 -23.62 -10.43
CA LEU D 123 8.10 -24.25 -11.04
C LEU D 123 8.49 -25.32 -12.05
N THR D 124 9.68 -25.17 -12.64
CA THR D 124 10.21 -26.22 -13.47
C THR D 124 10.37 -27.48 -12.67
N ILE D 125 10.84 -27.35 -11.42
CA ILE D 125 11.15 -28.52 -10.61
C ILE D 125 9.91 -29.39 -10.43
N LEU D 126 8.77 -28.78 -10.12
CA LEU D 126 7.53 -29.54 -9.98
C LEU D 126 7.19 -30.27 -11.26
N PHE D 127 6.94 -29.52 -12.34
CA PHE D 127 6.48 -30.18 -13.56
C PHE D 127 7.55 -31.08 -14.20
N SER D 128 8.82 -30.91 -13.81
CA SER D 128 9.90 -31.73 -14.32
C SER D 128 10.18 -32.92 -13.42
N ALA D 129 9.86 -32.82 -12.13
CA ALA D 129 9.99 -33.95 -11.22
C ALA D 129 8.88 -34.95 -11.45
N LEU D 130 7.64 -34.47 -11.56
CA LEU D 130 6.52 -35.37 -11.75
C LEU D 130 6.67 -36.19 -13.01
N ALA D 131 7.16 -35.58 -14.09
CA ALA D 131 7.51 -36.37 -15.26
C ALA D 131 8.66 -37.32 -14.95
N GLY D 132 9.59 -36.89 -14.09
CA GLY D 132 10.64 -37.78 -13.63
C GLY D 132 10.12 -38.99 -12.87
N VAL D 133 8.91 -38.89 -12.33
CA VAL D 133 8.28 -39.98 -11.61
C VAL D 133 7.16 -40.62 -12.43
N ALA D 134 6.59 -39.91 -13.40
CA ALA D 134 5.67 -40.55 -14.34
C ALA D 134 6.40 -41.60 -15.14
N THR D 135 7.68 -41.36 -15.44
CA THR D 135 8.52 -42.42 -15.96
C THR D 135 8.63 -43.56 -14.94
N MET D 136 8.93 -43.22 -13.69
CA MET D 136 9.09 -44.22 -12.65
C MET D 136 7.84 -45.09 -12.54
N LEU D 137 6.67 -44.51 -12.68
CA LEU D 137 5.42 -45.26 -12.70
C LEU D 137 5.12 -45.83 -14.08
N ALA D 138 6.07 -45.77 -15.02
CA ALA D 138 5.88 -46.24 -16.38
C ALA D 138 6.86 -47.31 -16.80
N LEU D 139 7.96 -47.50 -16.08
CA LEU D 139 8.94 -48.52 -16.46
C LEU D 139 8.35 -49.89 -16.15
N ASN D 140 7.91 -50.58 -17.21
CA ASN D 140 7.12 -51.81 -17.11
C ASN D 140 5.79 -51.57 -16.40
N GLY D 141 5.33 -50.31 -16.38
CA GLY D 141 4.06 -49.94 -15.79
C GLY D 141 3.83 -50.42 -14.38
N LEU D 142 4.54 -49.83 -13.41
CA LEU D 142 4.47 -50.27 -12.01
C LEU D 142 3.08 -50.55 -11.49
N PRO D 143 2.05 -49.76 -11.78
CA PRO D 143 0.72 -50.15 -11.33
C PRO D 143 0.21 -51.38 -12.08
N ARG D 144 0.72 -52.54 -11.68
CA ARG D 144 0.15 -53.83 -12.03
C ARG D 144 0.05 -54.67 -10.76
N PRO D 145 -0.88 -54.31 -9.86
CA PRO D 145 -1.13 -55.19 -8.71
C PRO D 145 -1.53 -56.60 -9.10
N TYR D 146 -2.14 -56.79 -10.27
CA TYR D 146 -2.22 -58.13 -10.83
C TYR D 146 -0.82 -58.62 -11.08
N ASN D 147 -0.47 -59.73 -10.46
CA ASN D 147 0.91 -60.18 -10.44
C ASN D 147 0.88 -61.68 -10.19
N PRO D 148 0.67 -62.50 -11.22
CA PRO D 148 0.30 -63.90 -10.99
C PRO D 148 1.35 -64.72 -10.27
N LEU D 149 2.55 -64.18 -10.05
CA LEU D 149 3.52 -64.80 -9.16
C LEU D 149 3.37 -64.33 -7.72
N PHE D 150 2.78 -63.16 -7.49
CA PHE D 150 2.86 -62.59 -6.14
C PHE D 150 2.00 -63.35 -5.14
N TYR D 151 0.92 -64.01 -5.59
CA TYR D 151 0.18 -64.87 -4.67
C TYR D 151 0.84 -66.21 -4.50
N SER D 152 2.08 -66.39 -4.96
CA SER D 152 2.88 -67.54 -4.57
C SER D 152 2.92 -67.65 -3.06
N LYS D 153 2.61 -68.85 -2.56
CA LYS D 153 2.35 -69.06 -1.15
C LYS D 153 3.57 -68.82 -0.26
N ASN D 154 4.77 -68.63 -0.84
CA ASN D 154 5.97 -68.39 -0.06
C ASN D 154 6.80 -67.22 -0.57
N PHE D 155 6.42 -66.60 -1.69
CA PHE D 155 6.97 -65.30 -2.02
C PHE D 155 6.50 -64.23 -1.04
N MET D 156 5.46 -64.50 -0.27
CA MET D 156 4.91 -63.57 0.71
C MET D 156 5.84 -63.29 1.90
N ARG D 157 7.07 -63.81 1.91
CA ARG D 157 8.09 -63.40 2.87
C ARG D 157 9.25 -62.86 2.05
N VAL D 158 8.91 -61.99 1.09
CA VAL D 158 9.89 -61.47 0.15
C VAL D 158 10.96 -60.66 0.89
N THR D 159 10.56 -59.83 1.83
CA THR D 159 11.49 -58.87 2.42
C THR D 159 12.52 -59.53 3.30
N ASP D 160 12.30 -60.76 3.72
CA ASP D 160 13.04 -61.37 4.81
C ASP D 160 13.60 -62.74 4.47
N ASP D 161 12.88 -63.54 3.69
CA ASP D 161 13.24 -64.95 3.53
C ASP D 161 14.46 -65.10 2.64
N GLY D 162 14.38 -64.56 1.43
CA GLY D 162 15.45 -64.68 0.47
C GLY D 162 15.32 -63.61 -0.58
N PHE D 163 16.27 -63.62 -1.51
CA PHE D 163 16.42 -62.59 -2.52
C PHE D 163 16.29 -63.29 -3.86
N PHE D 164 15.17 -63.10 -4.51
CA PHE D 164 14.66 -64.09 -5.44
C PHE D 164 15.06 -63.79 -6.87
N LEU D 165 14.83 -64.78 -7.73
CA LEU D 165 15.04 -64.70 -9.16
C LEU D 165 13.74 -65.06 -9.86
N PHE D 166 13.72 -64.89 -11.17
CA PHE D 166 12.48 -65.05 -11.93
C PHE D 166 12.79 -64.97 -13.40
N VAL D 167 12.00 -65.68 -14.20
CA VAL D 167 12.10 -65.66 -15.65
C VAL D 167 10.70 -65.64 -16.24
N ALA D 168 10.45 -64.71 -17.16
CA ALA D 168 9.27 -64.86 -17.99
C ALA D 168 9.53 -65.96 -19.00
N ALA D 169 8.50 -66.31 -19.76
CA ALA D 169 8.62 -67.37 -20.77
C ALA D 169 9.29 -66.81 -22.01
N SER D 170 10.58 -66.52 -21.86
CA SER D 170 11.38 -66.00 -22.96
C SER D 170 11.56 -67.07 -24.03
N ASP D 171 12.22 -66.68 -25.13
CA ASP D 171 12.51 -67.63 -26.19
C ASP D 171 13.30 -68.84 -25.70
N PRO D 172 14.33 -68.71 -24.86
CA PRO D 172 14.86 -69.90 -24.18
C PRO D 172 13.97 -70.26 -23.00
N LYS D 173 12.91 -70.99 -23.33
CA LYS D 173 11.76 -71.13 -22.44
C LYS D 173 12.14 -71.87 -21.17
N PHE D 174 11.45 -71.51 -20.08
CA PHE D 174 11.70 -72.12 -18.79
C PHE D 174 11.37 -73.60 -18.84
N ASP D 175 12.40 -74.42 -18.82
CA ASP D 175 12.31 -75.87 -18.98
C ASP D 175 13.02 -76.51 -17.80
N PRO D 176 13.04 -77.84 -17.67
CA PRO D 176 13.76 -78.44 -16.54
C PRO D 176 15.23 -78.07 -16.46
N THR D 177 15.85 -77.67 -17.57
CA THR D 177 17.25 -77.25 -17.52
C THR D 177 17.43 -76.03 -16.63
N ALA D 178 16.48 -75.10 -16.64
CA ALA D 178 16.60 -73.91 -15.79
C ALA D 178 16.49 -74.30 -14.32
N THR D 179 15.54 -75.17 -14.00
CA THR D 179 15.49 -75.72 -12.65
C THR D 179 16.78 -76.45 -12.32
N ARG D 180 17.37 -77.11 -13.31
CA ARG D 180 18.65 -77.78 -13.10
C ARG D 180 19.77 -76.76 -13.01
N GLN D 181 19.64 -75.62 -13.70
CA GLN D 181 20.66 -74.59 -13.64
C GLN D 181 20.74 -74.02 -12.24
N LEU D 182 19.60 -73.61 -11.71
CA LEU D 182 19.54 -73.09 -10.36
C LEU D 182 19.55 -74.18 -9.30
N LEU D 183 19.64 -75.45 -9.70
CA LEU D 183 19.82 -76.51 -8.71
C LEU D 183 21.13 -76.35 -7.97
N GLU D 184 22.19 -75.98 -8.69
CA GLU D 184 23.49 -75.76 -8.08
C GLU D 184 23.72 -74.31 -7.68
N GLN D 185 22.80 -73.42 -8.01
CA GLN D 185 22.77 -72.09 -7.41
C GLN D 185 21.85 -72.21 -6.20
N LEU D 186 22.45 -72.25 -5.02
CA LEU D 186 21.81 -72.84 -3.84
C LEU D 186 20.54 -72.13 -3.45
N GLY D 187 19.40 -72.77 -3.72
CA GLY D 187 18.09 -72.21 -3.44
C GLY D 187 17.36 -73.02 -2.40
N GLY D 188 16.74 -72.32 -1.44
CA GLY D 188 15.96 -73.00 -0.43
C GLY D 188 14.78 -73.78 -1.00
N TYR D 189 14.29 -73.37 -2.16
CA TYR D 189 13.21 -74.07 -2.86
C TYR D 189 13.03 -73.38 -4.21
N ASN D 190 12.21 -73.99 -5.06
CA ASN D 190 11.97 -73.51 -6.42
C ASN D 190 10.49 -73.65 -6.76
N ILE D 191 9.73 -72.58 -6.54
CA ILE D 191 8.35 -72.52 -6.99
C ILE D 191 8.33 -72.39 -8.51
N GLU D 192 7.26 -72.90 -9.14
CA GLU D 192 7.08 -72.86 -10.58
C GLU D 192 5.63 -72.45 -10.82
N VAL D 193 5.42 -71.15 -10.96
CA VAL D 193 4.09 -70.58 -11.16
C VAL D 193 3.49 -71.05 -12.47
N ILE E 28 -31.83 -15.42 -19.23
CA ILE E 28 -32.46 -16.72 -19.08
C ILE E 28 -32.72 -16.99 -17.60
N SER E 29 -31.66 -16.94 -16.81
CA SER E 29 -31.67 -17.41 -15.43
C SER E 29 -32.44 -16.41 -14.58
N SER E 30 -33.78 -16.52 -14.66
CA SER E 30 -34.70 -15.43 -14.34
C SER E 30 -34.48 -14.77 -12.97
N LYS E 31 -33.81 -15.45 -12.04
CA LYS E 31 -33.57 -14.89 -10.72
C LYS E 31 -32.30 -14.04 -10.74
N PRO E 32 -32.07 -13.24 -9.71
CA PRO E 32 -30.81 -12.54 -9.60
C PRO E 32 -29.66 -13.53 -9.52
N PRO E 33 -28.67 -13.44 -10.40
CA PRO E 33 -27.74 -14.55 -10.55
C PRO E 33 -26.76 -14.65 -9.39
N VAL E 34 -26.13 -15.80 -9.29
CA VAL E 34 -25.18 -16.04 -8.22
C VAL E 34 -23.93 -15.20 -8.46
N HIS E 35 -23.65 -14.28 -7.54
CA HIS E 35 -22.36 -13.62 -7.43
C HIS E 35 -21.79 -14.01 -6.08
N PRO E 36 -20.71 -14.79 -6.00
CA PRO E 36 -20.29 -15.30 -4.69
C PRO E 36 -19.86 -14.21 -3.71
N ASN E 37 -18.93 -13.35 -4.13
CA ASN E 37 -18.36 -12.33 -3.25
C ASN E 37 -19.19 -11.06 -3.34
N LEU E 38 -20.23 -11.00 -2.51
CA LEU E 38 -21.09 -9.83 -2.38
C LEU E 38 -20.54 -8.81 -1.40
N ASN E 39 -19.23 -8.85 -1.14
CA ASN E 39 -18.62 -7.97 -0.16
C ASN E 39 -18.84 -6.50 -0.50
N MET E 40 -18.67 -6.16 -1.78
CA MET E 40 -18.55 -4.78 -2.20
C MET E 40 -19.39 -4.47 -3.42
N ASP E 41 -20.28 -5.36 -3.83
CA ASP E 41 -21.23 -5.03 -4.89
C ASP E 41 -22.11 -3.87 -4.48
N PHE E 42 -22.91 -4.09 -3.45
CA PHE E 42 -23.91 -3.15 -2.99
C PHE E 42 -23.30 -2.46 -1.79
N GLN E 43 -22.53 -1.41 -2.08
CA GLN E 43 -21.78 -0.70 -1.06
C GLN E 43 -22.70 -0.22 0.04
N GLU E 44 -22.15 -0.12 1.24
CA GLU E 44 -22.96 0.28 2.38
C GLU E 44 -23.47 1.70 2.20
N LYS E 45 -22.62 2.58 1.68
CA LYS E 45 -23.11 3.85 1.17
C LYS E 45 -23.89 3.63 -0.11
N PHE E 46 -24.73 4.60 -0.44
CA PHE E 46 -25.65 4.49 -1.55
C PHE E 46 -25.48 5.68 -2.48
N GLU E 47 -25.38 5.38 -3.77
CA GLU E 47 -25.28 6.39 -4.80
C GLU E 47 -26.67 6.96 -5.05
N ALA E 48 -26.73 8.01 -5.85
CA ALA E 48 -27.99 8.56 -6.31
C ALA E 48 -28.84 7.47 -6.96
N GLN E 49 -30.15 7.68 -7.00
CA GLN E 49 -31.13 6.74 -7.53
C GLN E 49 -30.88 5.33 -7.01
N GLU E 50 -30.99 5.20 -5.69
CA GLU E 50 -30.76 3.95 -4.99
C GLU E 50 -31.63 3.92 -3.74
N LEU E 51 -31.94 2.71 -3.29
CA LEU E 51 -32.82 2.55 -2.14
C LEU E 51 -32.16 3.09 -0.89
N ASN E 52 -32.96 3.74 -0.06
CA ASN E 52 -32.51 4.31 1.21
C ASN E 52 -33.50 3.88 2.29
N PRO E 53 -33.15 2.93 3.17
CA PRO E 53 -34.19 2.34 4.04
C PRO E 53 -34.56 3.17 5.26
N PHE E 54 -34.21 4.45 5.29
CA PHE E 54 -34.51 5.30 6.44
C PHE E 54 -35.79 6.09 6.28
N PHE E 55 -35.86 6.92 5.25
CA PHE E 55 -36.82 8.00 5.17
C PHE E 55 -38.21 7.47 4.82
N ALA E 56 -39.20 8.37 4.95
CA ALA E 56 -40.58 8.03 4.61
C ALA E 56 -40.68 7.54 3.17
N ASP E 57 -40.26 8.38 2.22
CA ASP E 57 -40.17 7.97 0.83
C ASP E 57 -38.84 7.27 0.64
N ARG E 58 -38.88 5.95 0.42
CA ARG E 58 -37.67 5.19 0.26
C ARG E 58 -36.95 5.69 -0.97
N ARG E 59 -35.89 6.45 -0.76
CA ARG E 59 -35.28 7.22 -1.84
C ARG E 59 -33.99 7.82 -1.32
N ALA E 60 -33.02 7.95 -2.21
CA ALA E 60 -31.70 8.47 -1.85
C ALA E 60 -31.54 9.95 -2.14
N MET E 61 -32.30 10.47 -3.09
CA MET E 61 -32.09 11.84 -3.54
C MET E 61 -32.37 12.86 -2.44
N ARG E 62 -33.53 12.72 -1.78
CA ARG E 62 -34.00 13.72 -0.82
C ARG E 62 -34.00 15.10 -1.48
N PRO E 63 -34.99 15.42 -2.31
CA PRO E 63 -34.91 16.63 -3.16
C PRO E 63 -34.70 17.89 -2.35
N PRO E 64 -34.33 18.99 -3.00
CA PRO E 64 -33.91 20.18 -2.26
C PRO E 64 -35.09 21.03 -1.84
N VAL E 65 -34.85 21.88 -0.86
CA VAL E 65 -35.84 22.83 -0.39
C VAL E 65 -35.96 23.92 -1.45
N PRO E 66 -37.13 24.52 -1.66
CA PRO E 66 -37.21 25.62 -2.62
C PRO E 66 -36.35 26.80 -2.16
N GLY E 67 -36.05 27.68 -3.11
CA GLY E 67 -35.27 28.87 -2.85
C GLY E 67 -33.78 28.67 -2.92
N THR E 68 -33.31 27.45 -2.77
CA THR E 68 -31.88 27.18 -2.84
C THR E 68 -31.36 27.52 -4.24
N VAL E 69 -30.07 27.87 -4.30
CA VAL E 69 -29.45 28.36 -5.53
C VAL E 69 -28.07 27.75 -5.67
N PRO E 70 -27.66 27.27 -6.85
CA PRO E 70 -26.29 26.78 -7.01
C PRO E 70 -25.26 27.88 -7.05
N ARG E 71 -24.00 27.45 -7.05
CA ARG E 71 -22.84 28.30 -7.30
C ARG E 71 -22.42 28.09 -8.74
N GLY E 72 -23.09 28.79 -9.65
CA GLY E 72 -22.78 28.75 -11.06
C GLY E 72 -23.99 28.61 -11.96
N LEU E 73 -25.20 28.70 -11.40
CA LEU E 73 -26.43 28.53 -12.16
C LEU E 73 -27.43 29.63 -11.82
N LEU E 74 -26.94 30.78 -11.39
CA LEU E 74 -27.79 31.95 -11.28
C LEU E 74 -28.30 32.34 -12.65
N LYS E 75 -29.46 32.97 -12.68
CA LYS E 75 -29.98 33.54 -13.92
C LYS E 75 -29.17 34.77 -14.28
N GLU E 76 -27.92 34.53 -14.66
CA GLU E 76 -27.01 35.62 -14.94
C GLU E 76 -27.60 36.49 -16.02
N ASP E 77 -27.70 35.95 -17.22
CA ASP E 77 -28.41 36.57 -18.32
C ASP E 77 -29.74 35.86 -18.46
N THR E 78 -30.79 36.53 -18.00
CA THR E 78 -32.13 35.99 -18.14
C THR E 78 -32.55 35.68 -19.58
N PRO E 79 -32.12 36.41 -20.61
CA PRO E 79 -32.52 36.00 -21.97
C PRO E 79 -32.13 34.59 -22.30
N PHE E 80 -30.94 34.19 -21.88
CA PHE E 80 -30.36 32.94 -22.32
C PHE E 80 -30.84 31.77 -21.50
N TYR E 81 -31.44 32.04 -20.35
CA TYR E 81 -32.04 30.99 -19.54
C TYR E 81 -33.55 31.03 -19.54
N PHE E 82 -34.13 32.22 -19.65
CA PHE E 82 -35.58 32.41 -19.67
C PHE E 82 -35.96 33.24 -20.88
N GLY E 83 -37.26 33.36 -21.09
CA GLY E 83 -37.80 34.37 -21.97
C GLY E 83 -38.43 35.52 -21.21
N LYS E 84 -38.75 35.31 -19.93
CA LYS E 84 -39.23 36.37 -19.05
C LYS E 84 -38.03 37.24 -18.71
N THR E 85 -37.71 38.11 -19.65
CA THR E 85 -36.38 38.66 -19.82
C THR E 85 -36.33 40.17 -19.68
N ALA E 86 -37.38 40.87 -20.09
CA ALA E 86 -37.51 42.30 -19.92
C ALA E 86 -38.80 42.55 -19.15
N ASP E 87 -39.20 43.81 -19.10
CA ASP E 87 -40.54 44.11 -18.59
C ASP E 87 -41.59 43.30 -19.34
N GLY E 88 -41.51 43.30 -20.66
CA GLY E 88 -42.17 42.27 -21.43
C GLY E 88 -41.61 40.91 -21.08
N ALA E 89 -42.52 39.94 -20.90
CA ALA E 89 -42.16 38.65 -20.37
C ALA E 89 -41.71 37.67 -21.45
N TYR E 90 -41.40 38.14 -22.65
CA TYR E 90 -41.04 37.27 -23.75
C TYR E 90 -40.09 37.99 -24.68
N VAL E 91 -39.41 37.22 -25.53
CA VAL E 91 -38.31 37.70 -26.33
C VAL E 91 -38.56 37.41 -27.80
N GLU E 92 -38.17 38.35 -28.64
CA GLU E 92 -38.48 38.30 -30.07
C GLU E 92 -37.51 37.40 -30.82
N ARG E 93 -36.25 37.38 -30.41
CA ARG E 93 -35.18 36.75 -31.17
C ARG E 93 -34.24 35.96 -30.25
N ILE E 94 -33.48 35.04 -30.86
CA ILE E 94 -32.51 34.25 -30.11
C ILE E 94 -31.36 35.15 -29.68
N PRO E 95 -30.89 35.08 -28.44
CA PRO E 95 -29.81 35.98 -28.04
C PRO E 95 -28.46 35.53 -28.58
N VAL E 96 -28.29 34.22 -28.67
CA VAL E 96 -27.00 33.64 -29.05
C VAL E 96 -26.78 33.80 -30.54
N ALA E 97 -25.52 34.01 -30.92
CA ALA E 97 -25.13 33.91 -32.31
C ALA E 97 -25.18 32.45 -32.73
N VAL E 98 -25.99 32.15 -33.76
CA VAL E 98 -26.40 30.79 -34.05
C VAL E 98 -25.63 30.29 -35.27
N THR E 99 -24.58 29.53 -35.01
CA THR E 99 -23.94 28.74 -36.03
C THR E 99 -24.84 27.54 -36.36
N PRO E 100 -24.66 26.90 -37.52
CA PRO E 100 -25.49 25.73 -37.81
C PRO E 100 -25.18 24.54 -36.92
N GLU E 101 -24.00 24.50 -36.29
CA GLU E 101 -23.72 23.41 -35.37
C GLU E 101 -24.68 23.39 -34.18
N LEU E 102 -25.12 24.57 -33.74
CA LEU E 102 -26.22 24.63 -32.79
C LEU E 102 -27.46 23.98 -33.38
N VAL E 103 -27.73 24.24 -34.66
CA VAL E 103 -28.92 23.70 -35.29
C VAL E 103 -28.78 22.21 -35.55
N ALA E 104 -27.57 21.70 -35.64
CA ALA E 104 -27.37 20.27 -35.74
C ALA E 104 -27.98 19.55 -34.55
N ARG E 105 -27.64 20.00 -33.35
CA ARG E 105 -28.32 19.50 -32.16
C ARG E 105 -29.80 19.82 -32.24
N GLY E 106 -30.17 20.94 -32.85
CA GLY E 106 -31.58 21.24 -33.01
C GLY E 106 -32.34 20.15 -33.76
N ARG E 107 -31.81 19.77 -34.92
CA ARG E 107 -32.41 18.68 -35.69
C ARG E 107 -32.42 17.39 -34.88
N GLU E 108 -31.28 17.05 -34.29
CA GLU E 108 -31.17 15.79 -33.57
C GLU E 108 -32.09 15.77 -32.37
N ARG E 109 -32.01 16.81 -31.53
CA ARG E 109 -32.83 16.90 -30.35
C ARG E 109 -34.30 16.96 -30.68
N TYR E 110 -34.66 17.46 -31.86
CA TYR E 110 -36.06 17.48 -32.24
C TYR E 110 -36.57 16.09 -32.52
N ASN E 111 -35.79 15.30 -33.23
CA ASN E 111 -36.27 14.00 -33.69
C ASN E 111 -36.10 12.90 -32.63
N ILE E 112 -35.93 13.26 -31.36
CA ILE E 112 -35.82 12.31 -30.27
C ILE E 112 -36.86 12.55 -29.19
N TYR E 113 -37.14 13.82 -28.86
CA TYR E 113 -38.12 14.16 -27.84
C TYR E 113 -39.07 15.26 -28.28
N CYS E 114 -39.14 15.58 -29.56
CA CYS E 114 -40.11 16.55 -30.02
C CYS E 114 -40.81 16.19 -31.30
N ALA E 115 -40.25 15.35 -32.16
CA ALA E 115 -40.93 14.91 -33.36
C ALA E 115 -41.86 13.74 -33.11
N VAL E 116 -41.96 13.27 -31.86
CA VAL E 116 -42.79 12.13 -31.58
C VAL E 116 -44.25 12.45 -31.86
N CYS E 117 -44.65 13.68 -31.59
CA CYS E 117 -46.04 14.09 -31.68
C CYS E 117 -46.26 15.21 -32.69
N HIS E 118 -45.52 16.30 -32.59
CA HIS E 118 -45.65 17.35 -33.60
C HIS E 118 -45.16 16.87 -34.94
N GLY E 119 -44.23 15.92 -34.95
CA GLY E 119 -43.77 15.31 -36.18
C GLY E 119 -42.54 15.99 -36.76
N GLN E 120 -41.83 15.24 -37.60
CA GLN E 120 -40.64 15.77 -38.23
C GLN E 120 -40.94 16.98 -39.09
N ALA E 121 -42.16 17.09 -39.61
CA ALA E 121 -42.56 18.19 -40.46
C ALA E 121 -43.38 19.24 -39.73
N GLY E 122 -43.63 19.06 -38.45
CA GLY E 122 -44.41 20.05 -37.71
C GLY E 122 -45.90 19.89 -37.87
N ASP E 123 -46.38 19.83 -39.11
CA ASP E 123 -47.80 19.67 -39.39
C ASP E 123 -48.18 18.20 -39.52
N GLY E 124 -47.42 17.44 -40.30
CA GLY E 124 -47.66 16.01 -40.34
C GLY E 124 -47.42 15.43 -38.96
N GLN E 125 -48.51 15.11 -38.28
CA GLN E 125 -48.44 14.78 -36.87
C GLN E 125 -47.74 13.43 -36.68
N GLY E 126 -46.92 13.35 -35.65
CA GLY E 126 -46.09 12.20 -35.42
C GLY E 126 -46.88 10.94 -35.10
N ILE E 127 -46.13 9.93 -34.65
CA ILE E 127 -46.67 8.58 -34.51
C ILE E 127 -47.80 8.56 -33.48
N ILE E 128 -47.67 9.37 -32.43
CA ILE E 128 -48.66 9.35 -31.35
C ILE E 128 -50.01 9.81 -31.87
N MET E 129 -50.02 10.95 -32.54
CA MET E 129 -51.28 11.53 -32.97
C MET E 129 -51.84 10.79 -34.18
N ARG E 130 -50.97 10.33 -35.08
CA ARG E 130 -51.44 9.46 -36.15
C ARG E 130 -51.79 8.08 -35.62
N GLY E 131 -51.27 7.73 -34.44
CA GLY E 131 -51.77 6.56 -33.74
C GLY E 131 -53.14 6.88 -33.15
N ASN E 132 -54.12 6.05 -33.46
CA ASN E 132 -55.49 6.36 -33.05
C ASN E 132 -55.56 6.21 -31.54
N TYR E 133 -55.35 7.31 -30.84
CA TYR E 133 -55.16 7.34 -29.40
C TYR E 133 -56.01 8.45 -28.81
N GLY E 134 -56.09 8.47 -27.48
CA GLY E 134 -56.91 9.44 -26.79
C GLY E 134 -56.15 10.69 -26.39
N TYR E 135 -55.35 11.23 -27.30
CA TYR E 135 -54.46 12.34 -27.00
C TYR E 135 -54.91 13.62 -27.72
N THR E 136 -54.60 14.75 -27.09
CA THR E 136 -54.97 16.06 -27.61
C THR E 136 -54.16 16.40 -28.85
N PRO E 137 -54.76 16.70 -30.00
CA PRO E 137 -53.96 17.06 -31.15
C PRO E 137 -53.41 18.47 -31.03
N ALA E 138 -52.15 18.62 -31.42
CA ALA E 138 -51.42 19.87 -31.27
C ALA E 138 -51.43 20.65 -32.58
N PRO E 139 -51.20 21.96 -32.54
CA PRO E 139 -51.24 22.75 -33.77
C PRO E 139 -49.94 22.65 -34.54
N SER E 140 -50.07 22.68 -35.86
CA SER E 140 -48.90 22.67 -36.72
C SER E 140 -48.09 23.94 -36.53
N PHE E 141 -46.77 23.78 -36.43
CA PHE E 141 -45.90 24.94 -36.29
C PHE E 141 -45.96 25.83 -37.52
N HIS E 142 -46.30 25.26 -38.67
CA HIS E 142 -46.35 26.01 -39.91
C HIS E 142 -47.49 27.02 -39.96
N ASP E 143 -48.46 26.90 -39.06
CA ASP E 143 -49.52 27.90 -38.97
C ASP E 143 -48.91 29.26 -38.68
N ASP E 144 -49.40 30.28 -39.39
CA ASP E 144 -48.81 31.60 -39.30
C ASP E 144 -48.88 32.17 -37.89
N ARG E 145 -49.82 31.70 -37.07
CA ARG E 145 -49.87 32.16 -35.68
C ARG E 145 -48.61 31.78 -34.92
N LEU E 146 -47.97 30.68 -35.31
CA LEU E 146 -46.70 30.27 -34.72
C LEU E 146 -45.49 30.80 -35.47
N ARG E 147 -45.66 31.17 -36.73
CA ARG E 147 -44.52 31.64 -37.51
C ARG E 147 -44.08 33.02 -37.10
N ASN E 148 -44.91 33.76 -36.35
CA ASN E 148 -44.54 35.06 -35.78
C ASN E 148 -44.88 35.06 -34.30
N VAL E 149 -43.94 34.58 -33.49
CA VAL E 149 -44.11 34.51 -32.04
C VAL E 149 -42.78 34.83 -31.39
N GLU E 150 -42.84 35.42 -30.21
CA GLU E 150 -41.67 35.62 -29.37
C GLU E 150 -40.97 34.29 -29.15
N ASP E 151 -39.74 34.18 -29.65
CA ASP E 151 -38.99 32.93 -29.48
C ASP E 151 -38.77 32.60 -28.03
N GLY E 152 -38.71 33.62 -27.16
CA GLY E 152 -38.64 33.37 -25.74
C GLY E 152 -39.88 32.68 -25.21
N TYR E 153 -41.02 32.84 -25.87
CA TYR E 153 -42.21 32.12 -25.45
C TYR E 153 -42.08 30.65 -25.78
N ILE E 154 -41.76 30.35 -27.04
CA ILE E 154 -41.57 28.97 -27.46
C ILE E 154 -40.50 28.29 -26.63
N PHE E 155 -39.52 29.04 -26.16
CA PHE E 155 -38.61 28.54 -25.14
C PHE E 155 -39.37 28.21 -23.85
N ASP E 156 -40.21 29.14 -23.40
CA ASP E 156 -40.97 28.92 -22.18
C ASP E 156 -41.93 27.75 -22.31
N VAL E 157 -42.37 27.46 -23.53
CA VAL E 157 -43.21 26.29 -23.79
C VAL E 157 -42.49 25.03 -23.37
N ILE E 158 -41.16 25.04 -23.39
CA ILE E 158 -40.37 23.87 -23.03
C ILE E 158 -40.06 23.86 -21.54
N SER E 159 -39.77 25.03 -20.99
CA SER E 159 -39.32 25.10 -19.60
C SER E 159 -40.47 24.98 -18.60
N HIS E 160 -41.68 25.29 -19.01
CA HIS E 160 -42.81 25.42 -18.09
C HIS E 160 -44.04 24.67 -18.54
N GLY E 161 -44.18 24.38 -19.83
CA GLY E 161 -45.31 23.63 -20.33
C GLY E 161 -46.47 24.51 -20.73
N VAL E 162 -47.51 23.84 -21.20
CA VAL E 162 -48.70 24.50 -21.75
C VAL E 162 -49.91 23.70 -21.25
N ARG E 163 -51.08 24.32 -21.36
CA ARG E 163 -52.35 23.83 -20.83
C ARG E 163 -52.53 22.32 -20.92
N ASN E 164 -52.34 21.77 -22.12
CA ASN E 164 -52.51 20.34 -22.36
C ASN E 164 -51.19 19.61 -22.52
N MET E 165 -50.09 20.32 -22.69
CA MET E 165 -48.81 19.72 -22.99
C MET E 165 -47.88 19.81 -21.78
N PRO E 166 -47.08 18.78 -21.52
CA PRO E 166 -46.10 18.90 -20.43
C PRO E 166 -44.98 19.85 -20.78
N ALA E 167 -44.06 20.01 -19.84
CA ALA E 167 -42.78 20.63 -20.10
C ALA E 167 -41.76 19.58 -20.48
N TYR E 168 -40.63 20.03 -21.00
CA TYR E 168 -39.47 19.20 -21.23
C TYR E 168 -38.18 19.80 -20.73
N GLY E 169 -38.12 21.12 -20.55
CA GLY E 169 -36.99 21.75 -19.89
C GLY E 169 -36.81 21.33 -18.45
N HIS E 170 -37.76 20.61 -17.87
CA HIS E 170 -37.53 19.98 -16.58
C HIS E 170 -36.36 19.01 -16.66
N GLN E 171 -36.09 18.45 -17.84
CA GLN E 171 -35.05 17.45 -18.01
C GLN E 171 -34.03 17.76 -19.11
N ILE E 172 -34.45 18.37 -20.22
CA ILE E 172 -33.49 18.53 -21.32
C ILE E 172 -32.54 19.68 -21.00
N PRO E 173 -31.34 19.71 -21.53
CA PRO E 173 -30.46 20.86 -21.32
C PRO E 173 -31.08 22.13 -21.87
N VAL E 174 -30.53 23.26 -21.46
CA VAL E 174 -31.10 24.56 -21.84
C VAL E 174 -30.56 25.04 -23.19
N ALA E 175 -29.31 24.73 -23.50
CA ALA E 175 -28.84 25.01 -24.83
C ALA E 175 -29.62 24.21 -25.86
N ASP E 176 -30.05 23.01 -25.50
CA ASP E 176 -30.94 22.27 -26.37
C ASP E 176 -32.29 22.96 -26.50
N ARG E 177 -32.76 23.63 -25.46
CA ARG E 177 -33.98 24.41 -25.57
C ARG E 177 -33.84 25.54 -26.57
N TRP E 178 -32.61 25.96 -26.87
CA TRP E 178 -32.40 26.96 -27.91
C TRP E 178 -32.18 26.34 -29.28
N ALA E 179 -31.32 25.33 -29.34
CA ALA E 179 -31.04 24.66 -30.60
C ALA E 179 -32.32 24.09 -31.20
N ILE E 180 -33.18 23.56 -30.34
CA ILE E 180 -34.46 23.04 -30.78
C ILE E 180 -35.27 24.12 -31.45
N VAL E 181 -35.11 25.36 -31.00
CA VAL E 181 -35.95 26.43 -31.50
C VAL E 181 -35.44 26.89 -32.85
N ALA E 182 -34.13 27.02 -32.99
CA ALA E 182 -33.59 27.40 -34.29
C ALA E 182 -33.99 26.40 -35.35
N TYR E 183 -33.98 25.12 -35.01
CA TYR E 183 -34.46 24.12 -35.96
C TYR E 183 -35.94 24.33 -36.24
N VAL E 184 -36.73 24.63 -35.22
CA VAL E 184 -38.14 24.91 -35.42
C VAL E 184 -38.33 26.13 -36.31
N ARG E 185 -37.75 27.26 -35.92
CA ARG E 185 -37.92 28.50 -36.66
C ARG E 185 -37.38 28.36 -38.09
N ALA E 186 -36.34 27.53 -38.26
CA ALA E 186 -35.93 27.15 -39.60
C ALA E 186 -36.96 26.23 -40.25
N LEU E 187 -37.51 25.31 -39.49
CA LEU E 187 -38.50 24.39 -40.02
C LEU E 187 -39.79 25.13 -40.34
N GLN E 188 -40.05 26.21 -39.64
CA GLN E 188 -41.13 27.12 -40.02
C GLN E 188 -40.80 27.77 -41.34
N ARG E 189 -39.53 28.12 -41.54
CA ARG E 189 -39.11 28.73 -42.79
C ARG E 189 -39.07 27.75 -43.94
N SER E 190 -39.22 26.45 -43.66
CA SER E 190 -39.50 25.50 -44.73
C SER E 190 -40.76 25.91 -45.48
N GLN E 191 -41.89 25.96 -44.77
CA GLN E 191 -43.06 26.62 -45.30
C GLN E 191 -42.78 28.12 -45.39
N HIS E 192 -43.65 28.83 -46.11
CA HIS E 192 -43.33 30.15 -46.68
C HIS E 192 -42.20 29.98 -47.70
N ALA E 193 -42.24 28.85 -48.40
CA ALA E 193 -41.32 28.51 -49.47
C ALA E 193 -41.78 27.17 -50.00
N THR E 194 -41.49 26.88 -51.26
CA THR E 194 -41.87 25.60 -51.85
C THR E 194 -40.77 24.56 -51.68
N ALA E 195 -40.26 24.45 -50.45
CA ALA E 195 -39.47 23.32 -49.99
C ALA E 195 -40.33 22.40 -49.13
N ALA E 196 -41.60 22.33 -49.46
CA ALA E 196 -42.61 21.73 -48.60
C ALA E 196 -42.75 20.24 -48.87
N ASP E 197 -43.63 19.61 -48.08
CA ASP E 197 -43.98 18.20 -48.22
C ASP E 197 -42.74 17.30 -48.08
N VAL E 198 -42.14 17.36 -46.91
CA VAL E 198 -41.01 16.46 -46.63
C VAL E 198 -41.51 15.03 -46.59
N PRO E 199 -40.80 14.04 -47.13
CA PRO E 199 -41.24 12.66 -46.95
C PRO E 199 -41.12 12.24 -45.49
N GLU E 200 -42.13 11.51 -45.03
CA GLU E 200 -42.19 11.02 -43.66
C GLU E 200 -42.18 9.50 -43.65
N GLU E 201 -41.53 8.93 -42.62
CA GLU E 201 -41.36 7.49 -42.47
C GLU E 201 -42.29 6.93 -41.40
N VAL E 202 -43.43 7.58 -41.20
CA VAL E 202 -44.29 7.25 -40.06
C VAL E 202 -44.92 5.88 -40.23
N ARG E 203 -45.36 5.55 -41.44
CA ARG E 203 -46.11 4.31 -41.65
C ARG E 203 -45.28 3.08 -41.25
N ALA E 204 -43.98 3.08 -41.59
CA ALA E 204 -43.11 2.00 -41.16
C ALA E 204 -43.04 1.92 -39.64
N ARG E 205 -43.21 3.05 -38.96
CA ARG E 205 -43.16 3.05 -37.50
C ARG E 205 -44.46 2.56 -36.89
N LEU E 206 -45.60 2.84 -37.53
CA LEU E 206 -46.86 2.26 -37.06
C LEU E 206 -46.81 0.74 -37.12
N GLN E 207 -46.16 0.21 -38.15
CA GLN E 207 -46.07 -1.24 -38.27
C GLN E 207 -45.01 -1.83 -37.35
N GLY E 208 -43.84 -1.20 -37.30
CA GLY E 208 -42.72 -1.72 -36.57
C GLY E 208 -41.85 -2.69 -37.35
N GLU E 209 -42.38 -3.26 -38.43
CA GLU E 209 -41.60 -4.13 -39.30
C GLU E 209 -42.03 -3.94 -40.75
N ARG F 35 61.63 -30.04 -15.05
CA ARG F 35 60.92 -31.00 -14.22
C ARG F 35 59.43 -30.69 -14.18
N ILE F 36 58.69 -31.59 -13.56
CA ILE F 36 57.25 -31.39 -13.38
C ILE F 36 56.97 -30.20 -12.46
N TRP F 37 57.91 -29.87 -11.58
CA TRP F 37 57.68 -28.83 -10.59
C TRP F 37 58.13 -27.45 -11.02
N ALA F 38 59.12 -27.36 -11.89
CA ALA F 38 59.74 -26.09 -12.22
C ALA F 38 59.22 -25.47 -13.49
N VAL F 39 58.40 -26.16 -14.28
CA VAL F 39 57.97 -25.60 -15.56
C VAL F 39 56.82 -24.62 -15.32
N PRO F 40 55.78 -24.96 -14.55
CA PRO F 40 54.84 -23.90 -14.14
C PRO F 40 55.49 -22.82 -13.32
N LEU F 41 56.61 -23.12 -12.66
CA LEU F 41 57.28 -22.14 -11.82
C LEU F 41 58.21 -21.25 -12.64
N ALA F 42 59.09 -21.82 -13.45
CA ALA F 42 60.03 -21.04 -14.22
C ALA F 42 59.31 -20.27 -15.31
N ILE F 43 58.28 -20.84 -15.91
CA ILE F 43 57.51 -20.10 -16.91
C ILE F 43 56.62 -19.07 -16.23
N GLY F 44 56.09 -19.39 -15.05
CA GLY F 44 55.27 -18.44 -14.35
C GLY F 44 56.06 -17.35 -13.66
N VAL F 45 57.16 -17.70 -12.99
CA VAL F 45 58.02 -16.70 -12.38
C VAL F 45 58.87 -16.01 -13.44
N GLY F 46 59.22 -16.71 -14.51
CA GLY F 46 59.72 -16.02 -15.69
C GLY F 46 58.74 -14.98 -16.17
N LEU F 47 57.44 -15.31 -16.09
CA LEU F 47 56.42 -14.35 -16.47
C LEU F 47 56.15 -13.32 -15.38
N LEU F 48 56.26 -13.71 -14.10
CA LEU F 48 56.02 -12.77 -13.01
C LEU F 48 57.12 -11.73 -12.97
N ILE F 49 58.38 -12.17 -13.09
CA ILE F 49 59.49 -11.25 -13.18
C ILE F 49 59.34 -10.38 -14.42
N VAL F 50 58.76 -10.92 -15.50
CA VAL F 50 58.42 -10.05 -16.62
C VAL F 50 57.35 -9.04 -16.21
N SER F 51 56.39 -9.46 -15.40
CA SER F 51 55.32 -8.57 -14.97
C SER F 51 55.78 -7.60 -13.89
N LEU F 52 57.05 -7.65 -13.50
CA LEU F 52 57.65 -6.51 -12.81
C LEU F 52 57.47 -5.25 -13.63
N VAL F 53 57.47 -5.39 -14.96
CA VAL F 53 57.18 -4.28 -15.86
C VAL F 53 55.85 -3.62 -15.51
N GLY F 54 54.90 -4.40 -15.03
CA GLY F 54 53.64 -3.80 -14.58
C GLY F 54 53.82 -2.92 -13.37
N TRP F 55 54.47 -3.44 -12.33
CA TRP F 55 54.73 -2.65 -11.14
C TRP F 55 55.58 -1.43 -11.45
N ALA F 56 56.35 -1.47 -12.54
CA ALA F 56 57.15 -0.34 -12.97
C ALA F 56 56.40 0.55 -13.96
N ILE F 57 55.70 -0.04 -14.92
CA ILE F 57 55.08 0.68 -16.03
C ILE F 57 53.59 0.37 -16.03
N ASP F 58 52.79 1.38 -16.33
CA ASP F 58 51.35 1.35 -16.08
C ASP F 58 51.08 0.90 -14.65
N ALA F 59 51.51 1.76 -13.74
CA ALA F 59 51.69 1.38 -12.35
C ALA F 59 50.38 0.92 -11.72
N ARG F 60 49.42 1.84 -11.59
CA ARG F 60 48.19 1.54 -10.85
C ARG F 60 47.40 0.40 -11.48
N GLN F 61 47.65 0.08 -12.74
CA GLN F 61 47.01 -1.07 -13.35
C GLN F 61 47.48 -2.37 -12.70
N PHE F 62 48.78 -2.51 -12.52
CA PHE F 62 49.34 -3.80 -12.16
C PHE F 62 49.05 -4.18 -10.72
N TYR F 63 48.91 -3.20 -9.83
CA TYR F 63 48.60 -3.52 -8.44
C TYR F 63 47.28 -4.28 -8.32
N PHE F 64 46.36 -4.06 -9.26
CA PHE F 64 45.00 -4.53 -9.11
C PHE F 64 44.72 -5.68 -10.05
N SER F 65 45.48 -5.79 -11.13
CA SER F 65 45.68 -7.09 -11.76
C SER F 65 46.41 -8.05 -10.83
N TYR F 66 47.18 -7.52 -9.89
CA TYR F 66 47.81 -8.37 -8.90
C TYR F 66 46.81 -8.81 -7.86
N LEU F 67 45.86 -7.96 -7.51
CA LEU F 67 44.83 -8.38 -6.56
C LEU F 67 43.97 -9.48 -7.14
N VAL F 68 43.43 -9.27 -8.35
CA VAL F 68 42.59 -10.30 -8.98
C VAL F 68 43.36 -11.61 -9.14
N GLY F 69 44.69 -11.53 -9.29
CA GLY F 69 45.48 -12.76 -9.30
C GLY F 69 45.79 -13.31 -7.92
N TRP F 70 46.18 -12.42 -7.02
CA TRP F 70 46.62 -12.79 -5.69
C TRP F 70 45.49 -13.43 -4.91
N THR F 71 44.33 -12.80 -4.94
CA THR F 71 43.20 -13.35 -4.23
C THR F 71 42.72 -14.63 -4.87
N PHE F 72 42.92 -14.80 -6.18
CA PHE F 72 42.58 -16.07 -6.79
C PHE F 72 43.41 -17.20 -6.20
N CYS F 73 44.72 -16.98 -6.11
CA CYS F 73 45.57 -17.95 -5.41
C CYS F 73 45.12 -18.15 -3.97
N LEU F 74 44.59 -17.10 -3.35
CA LEU F 74 44.10 -17.23 -1.99
C LEU F 74 42.82 -18.04 -1.96
N THR F 75 41.89 -17.75 -2.85
CA THR F 75 40.68 -18.55 -2.98
C THR F 75 41.01 -19.99 -3.28
N LEU F 76 42.05 -20.22 -4.06
CA LEU F 76 42.48 -21.59 -4.30
C LEU F 76 42.92 -22.22 -2.99
N ALA F 77 43.68 -21.47 -2.18
CA ALA F 77 44.03 -21.92 -0.85
C ALA F 77 42.79 -22.07 0.02
N LEU F 78 41.87 -21.12 -0.08
CA LEU F 78 40.72 -21.04 0.80
C LEU F 78 39.73 -22.16 0.49
N GLY F 79 39.40 -22.32 -0.79
CA GLY F 79 38.48 -23.33 -1.23
C GLY F 79 38.97 -24.72 -0.89
N SER F 80 40.14 -25.11 -1.42
CA SER F 80 40.55 -26.50 -1.24
C SER F 80 40.88 -26.83 0.21
N LEU F 81 41.11 -25.83 1.06
CA LEU F 81 41.26 -26.13 2.48
C LEU F 81 39.91 -26.52 3.08
N PHE F 82 38.88 -25.71 2.83
CA PHE F 82 37.54 -26.06 3.29
C PHE F 82 37.08 -27.41 2.77
N PHE F 83 37.59 -27.81 1.60
CA PHE F 83 37.37 -29.17 1.12
C PHE F 83 37.94 -30.19 2.10
N VAL F 84 39.13 -29.92 2.62
CA VAL F 84 39.71 -30.86 3.60
C VAL F 84 38.87 -30.90 4.88
N MET F 85 38.48 -29.73 5.36
CA MET F 85 37.70 -29.63 6.58
C MET F 85 36.42 -30.46 6.50
N ILE F 86 35.55 -30.12 5.56
CA ILE F 86 34.29 -30.84 5.42
C ILE F 86 34.50 -32.31 5.13
N GLN F 87 35.66 -32.68 4.55
CA GLN F 87 35.97 -34.09 4.41
C GLN F 87 36.13 -34.77 5.76
N HIS F 88 36.48 -34.01 6.80
CA HIS F 88 36.65 -34.62 8.13
C HIS F 88 35.45 -34.48 9.06
N LEU F 89 34.70 -33.38 8.99
CA LEU F 89 33.61 -33.18 9.94
C LEU F 89 32.55 -34.26 9.84
N THR F 90 31.85 -34.29 8.71
CA THR F 90 30.98 -35.41 8.35
C THR F 90 31.88 -36.32 7.53
N ARG F 91 32.58 -37.19 8.24
CA ARG F 91 33.74 -37.89 7.68
C ARG F 91 33.34 -38.71 6.47
N ALA F 92 34.21 -38.70 5.47
CA ALA F 92 33.93 -39.27 4.16
C ALA F 92 35.14 -40.09 3.74
N GLN F 93 35.03 -41.40 3.88
CA GLN F 93 36.09 -42.31 3.46
C GLN F 93 36.01 -42.67 1.99
N TRP F 94 35.20 -41.95 1.21
CA TRP F 94 34.93 -42.31 -0.19
C TRP F 94 35.69 -41.47 -1.19
N VAL F 95 36.26 -40.34 -0.76
CA VAL F 95 36.92 -39.40 -1.64
C VAL F 95 38.33 -39.15 -1.11
N VAL F 96 38.91 -40.15 -0.45
CA VAL F 96 40.14 -39.95 0.31
C VAL F 96 41.39 -40.02 -0.55
N ALA F 97 41.34 -40.69 -1.70
CA ALA F 97 42.46 -40.59 -2.64
C ALA F 97 42.67 -39.17 -3.13
N VAL F 98 41.66 -38.30 -3.00
CA VAL F 98 41.71 -36.91 -3.43
C VAL F 98 41.83 -36.04 -2.18
N ARG F 99 42.47 -36.56 -1.13
CA ARG F 99 42.60 -35.89 0.16
C ARG F 99 43.99 -35.30 0.36
N ARG F 100 45.03 -36.10 0.12
CA ARG F 100 46.40 -35.65 0.37
C ARG F 100 46.76 -34.44 -0.47
N LEU F 101 46.17 -34.30 -1.64
CA LEU F 101 46.61 -33.32 -2.61
C LEU F 101 46.09 -31.90 -2.27
N PRO F 102 44.83 -31.75 -1.87
CA PRO F 102 44.44 -30.47 -1.24
C PRO F 102 45.36 -30.00 -0.12
N GLU F 103 45.78 -30.96 0.71
CA GLU F 103 46.63 -30.64 1.84
C GLU F 103 47.94 -30.04 1.38
N ALA F 104 48.44 -30.50 0.24
CA ALA F 104 49.62 -29.88 -0.35
C ALA F 104 49.32 -28.44 -0.71
N LEU F 105 48.12 -28.20 -1.22
CA LEU F 105 47.80 -26.86 -1.72
C LEU F 105 47.86 -25.80 -0.63
N VAL F 106 47.62 -26.20 0.61
CA VAL F 106 47.44 -25.20 1.67
C VAL F 106 48.72 -24.39 1.94
N TRP F 107 49.89 -25.05 2.03
CA TRP F 107 51.12 -24.35 2.41
C TRP F 107 51.56 -23.31 1.38
N THR F 108 50.86 -23.21 0.25
CA THR F 108 50.87 -21.99 -0.54
C THR F 108 50.75 -20.75 0.33
N PHE F 109 49.70 -20.71 1.15
CA PHE F 109 49.28 -19.47 1.78
C PHE F 109 50.37 -18.80 2.62
N PRO F 110 51.24 -19.54 3.31
CA PRO F 110 52.48 -18.91 3.80
C PRO F 110 53.31 -18.25 2.72
N VAL F 111 53.42 -18.84 1.52
CA VAL F 111 54.12 -18.15 0.44
C VAL F 111 53.29 -16.97 -0.07
N LEU F 112 51.98 -17.08 0.05
CA LEU F 112 51.11 -15.97 -0.30
C LEU F 112 51.32 -14.78 0.62
N ILE F 113 51.92 -14.99 1.79
CA ILE F 113 52.27 -13.87 2.67
C ILE F 113 53.25 -12.93 1.96
N VAL F 114 54.43 -13.44 1.62
CA VAL F 114 55.47 -12.60 1.05
C VAL F 114 55.06 -12.08 -0.32
N LEU F 115 54.02 -12.65 -0.92
CA LEU F 115 53.43 -12.05 -2.11
C LEU F 115 52.32 -11.04 -1.80
N PHE F 116 52.09 -10.72 -0.53
CA PHE F 116 51.27 -9.57 -0.15
C PHE F 116 51.98 -8.24 -0.40
N ILE F 117 53.30 -8.26 -0.62
CA ILE F 117 54.07 -7.02 -0.65
C ILE F 117 53.60 -6.05 -1.71
N PRO F 118 53.36 -6.45 -2.96
CA PRO F 118 53.00 -5.45 -3.98
C PRO F 118 51.72 -4.70 -3.68
N ILE F 119 50.83 -5.26 -2.86
CA ILE F 119 49.65 -4.50 -2.46
C ILE F 119 50.07 -3.33 -1.60
N LEU F 120 51.03 -3.55 -0.70
CA LEU F 120 51.29 -2.60 0.37
C LEU F 120 51.89 -1.30 -0.15
N PHE F 121 52.70 -1.34 -1.20
CA PHE F 121 53.20 -0.11 -1.78
C PHE F 121 52.08 0.64 -2.49
N GLY F 122 51.16 -0.08 -3.12
CA GLY F 122 49.98 0.49 -3.74
C GLY F 122 48.74 0.51 -2.87
N LEU F 123 48.86 0.08 -1.61
CA LEU F 123 47.72 0.06 -0.72
C LEU F 123 47.21 1.47 -0.43
N HIS F 124 48.12 2.43 -0.34
CA HIS F 124 47.74 3.82 -0.19
C HIS F 124 47.09 4.41 -1.44
N ASP F 125 47.11 3.67 -2.56
CA ASP F 125 46.54 4.13 -3.81
C ASP F 125 45.22 3.43 -4.16
N LEU F 126 44.83 2.38 -3.45
CA LEU F 126 43.72 1.52 -3.85
C LEU F 126 42.42 1.78 -3.11
N TYR F 127 42.42 1.56 -1.79
CA TYR F 127 41.16 1.37 -1.09
C TYR F 127 40.36 2.65 -0.92
N HIS F 128 40.95 3.81 -1.13
CA HIS F 128 40.32 5.12 -1.17
C HIS F 128 39.98 5.63 0.24
N TRP F 129 40.09 4.81 1.29
CA TRP F 129 40.07 5.31 2.66
C TRP F 129 41.45 5.51 3.25
N THR F 130 42.48 5.01 2.59
CA THR F 130 43.85 5.25 3.01
C THR F 130 44.33 6.65 2.66
N HIS F 131 43.60 7.38 1.83
CA HIS F 131 44.04 8.67 1.33
C HIS F 131 44.19 9.69 2.46
N HIS F 132 43.39 9.56 3.52
CA HIS F 132 43.35 10.42 4.70
C HIS F 132 43.48 11.91 4.40
N GLU F 133 42.81 12.35 3.34
CA GLU F 133 42.58 13.77 3.08
C GLU F 133 41.08 14.04 3.00
N LEU F 134 40.28 13.22 3.70
CA LEU F 134 38.86 13.14 3.44
C LEU F 134 37.95 13.10 4.67
N TYR F 135 38.42 12.71 5.85
CA TYR F 135 37.50 12.49 6.96
C TYR F 135 36.98 13.82 7.49
N ASP F 136 37.85 14.61 8.11
CA ASP F 136 37.67 16.03 8.34
C ASP F 136 38.97 16.81 8.14
N PRO F 137 39.76 16.58 7.05
CA PRO F 137 40.71 17.63 6.65
C PRO F 137 40.06 18.71 5.79
N SER F 138 40.89 19.59 5.23
CA SER F 138 40.44 20.78 4.52
C SER F 138 39.80 20.47 3.16
N SER F 139 39.67 19.20 2.77
CA SER F 139 39.12 18.88 1.47
C SER F 139 37.62 19.21 1.45
N PRO F 140 37.03 19.41 0.27
CA PRO F 140 35.58 19.61 0.22
C PRO F 140 34.77 18.42 0.70
N GLU F 141 35.38 17.24 0.79
CA GLU F 141 34.66 16.02 1.12
C GLU F 141 34.79 15.73 2.61
N TYR F 142 33.65 15.56 3.27
CA TYR F 142 33.57 14.90 4.56
C TYR F 142 32.77 13.64 4.28
N ASP F 143 33.47 12.63 3.81
CA ASP F 143 32.84 11.37 3.48
C ASP F 143 32.43 10.69 4.77
N PRO F 144 31.15 10.29 4.94
CA PRO F 144 30.74 9.77 6.26
C PRO F 144 31.45 8.48 6.60
N ILE F 145 32.70 8.65 7.02
CA ILE F 145 33.60 7.57 7.37
C ILE F 145 34.25 7.85 8.73
N LEU F 146 34.11 9.09 9.22
CA LEU F 146 34.86 9.55 10.39
C LEU F 146 34.54 8.71 11.63
N ALA F 147 33.29 8.74 12.08
CA ALA F 147 32.88 8.02 13.27
C ALA F 147 32.38 6.60 12.99
N GLY F 148 32.19 6.24 11.72
CA GLY F 148 31.63 4.95 11.37
C GLY F 148 32.65 3.88 11.11
N LYS F 149 33.58 4.15 10.18
CA LYS F 149 34.51 3.14 9.69
C LYS F 149 35.92 3.27 10.24
N HIS F 150 36.35 4.49 10.56
CA HIS F 150 37.75 4.77 10.88
C HIS F 150 38.30 3.90 12.00
N ALA F 151 37.43 3.34 12.85
CA ALA F 151 37.89 2.38 13.85
C ALA F 151 38.23 1.04 13.22
N TYR F 152 37.38 0.57 12.30
CA TYR F 152 37.63 -0.71 11.65
C TYR F 152 38.75 -0.60 10.63
N LEU F 153 38.87 0.54 9.96
CA LEU F 153 39.86 0.74 8.91
C LEU F 153 40.79 1.89 9.29
N ASN F 154 42.06 1.55 9.43
CA ASN F 154 43.15 2.48 9.63
C ASN F 154 44.38 1.66 9.27
N VAL F 155 45.10 2.06 8.23
CA VAL F 155 45.95 1.12 7.49
C VAL F 155 46.97 0.37 8.35
N PRO F 156 47.42 0.88 9.50
CA PRO F 156 48.15 -0.02 10.41
C PRO F 156 47.28 -1.06 11.05
N PHE F 157 45.97 -0.82 11.16
CA PHE F 157 45.07 -1.89 11.58
C PHE F 157 44.91 -2.92 10.49
N PHE F 158 44.85 -2.48 9.23
CA PHE F 158 44.76 -3.42 8.12
C PHE F 158 45.93 -4.39 8.10
N LEU F 159 47.11 -3.91 8.53
CA LEU F 159 48.24 -4.80 8.74
C LEU F 159 47.86 -5.98 9.62
N VAL F 160 47.27 -5.72 10.78
CA VAL F 160 46.99 -6.79 11.73
C VAL F 160 45.74 -7.55 11.34
N ARG F 161 44.79 -6.91 10.66
CA ARG F 161 43.57 -7.60 10.27
C ARG F 161 43.84 -8.70 9.25
N ILE F 162 45.01 -8.68 8.61
CA ILE F 162 45.42 -9.79 7.75
C ILE F 162 46.59 -10.59 8.35
N ALA F 163 47.55 -9.90 8.95
CA ALA F 163 48.64 -10.59 9.63
C ALA F 163 48.13 -11.47 10.77
N PHE F 164 46.95 -11.18 11.29
CA PHE F 164 46.28 -12.09 12.21
C PHE F 164 45.83 -13.35 11.50
N TYR F 165 45.35 -13.21 10.27
CA TYR F 165 44.85 -14.36 9.53
C TYR F 165 46.00 -15.30 9.18
N PHE F 166 47.19 -14.74 8.99
CA PHE F 166 48.36 -15.58 8.73
C PHE F 166 48.69 -16.45 9.93
N PHE F 167 48.27 -16.06 11.13
CA PHE F 167 48.44 -16.87 12.32
C PHE F 167 47.35 -17.93 12.47
N ILE F 168 46.36 -17.97 11.56
CA ILE F 168 45.31 -18.97 11.60
C ILE F 168 45.39 -19.86 10.37
N TRP F 169 45.20 -19.28 9.18
CA TRP F 169 45.12 -20.08 7.97
C TRP F 169 46.45 -20.76 7.65
N THR F 170 47.56 -20.22 8.13
CA THR F 170 48.81 -20.95 8.07
C THR F 170 48.92 -21.94 9.22
N LEU F 171 48.43 -21.56 10.40
CA LEU F 171 48.47 -22.44 11.56
C LEU F 171 47.72 -23.74 11.28
N LEU F 172 46.65 -23.64 10.51
CA LEU F 172 46.01 -24.84 9.98
C LEU F 172 47.01 -25.65 9.18
N ALA F 173 47.82 -25.00 8.36
CA ALA F 173 48.81 -25.72 7.57
C ALA F 173 49.83 -26.39 8.47
N TYR F 174 50.49 -25.63 9.32
CA TYR F 174 51.51 -26.17 10.20
C TYR F 174 50.96 -27.13 11.22
N LYS F 175 49.63 -27.22 11.37
CA LYS F 175 48.99 -28.16 12.27
C LYS F 175 48.27 -29.29 11.55
N LEU F 176 47.95 -29.11 10.27
CA LEU F 176 47.30 -30.11 9.44
C LEU F 176 48.30 -30.72 8.45
N TYR F 177 48.93 -29.89 7.64
CA TYR F 177 49.88 -30.39 6.65
C TYR F 177 51.08 -31.06 7.32
N THR F 178 51.52 -30.51 8.45
CA THR F 178 52.54 -31.19 9.25
C THR F 178 52.04 -32.53 9.75
N LEU F 179 50.72 -32.67 9.93
CA LEU F 179 50.15 -33.88 10.47
C LEU F 179 49.85 -34.91 9.38
N SER F 180 49.07 -34.51 8.40
CA SER F 180 48.57 -35.45 7.41
C SER F 180 49.68 -35.97 6.52
N VAL F 181 50.72 -35.17 6.28
CA VAL F 181 51.90 -35.74 5.63
C VAL F 181 52.60 -36.73 6.55
N ARG F 182 52.37 -36.64 7.85
CA ARG F 182 53.18 -37.31 8.86
C ARG F 182 52.51 -38.56 9.43
N GLN F 183 51.22 -38.73 9.20
CA GLN F 183 50.56 -39.99 9.53
C GLN F 183 50.99 -41.11 8.59
N ASP F 184 51.67 -40.78 7.49
CA ASP F 184 52.21 -41.80 6.60
C ASP F 184 53.42 -42.49 7.21
N VAL F 185 54.47 -41.71 7.48
CA VAL F 185 55.74 -42.30 7.89
C VAL F 185 55.73 -42.64 9.36
N ASP F 186 55.18 -41.75 10.18
CA ASP F 186 55.07 -41.94 11.63
C ASP F 186 53.62 -42.12 12.01
N PRO F 187 53.01 -43.27 11.74
CA PRO F 187 51.58 -43.45 12.03
C PRO F 187 51.31 -43.38 13.52
N ASP F 188 50.20 -42.75 13.87
CA ASP F 188 49.88 -42.41 15.24
C ASP F 188 48.93 -43.44 15.84
N PRO F 189 48.77 -43.44 17.17
CA PRO F 189 47.62 -44.15 17.75
C PRO F 189 46.30 -43.46 17.44
N SER F 190 46.26 -42.12 17.51
CA SER F 190 45.07 -41.33 17.19
C SER F 190 45.34 -40.62 15.86
N ILE F 191 45.04 -41.32 14.77
CA ILE F 191 45.43 -40.85 13.45
C ILE F 191 44.53 -39.69 13.03
N PRO F 192 43.20 -39.86 12.85
CA PRO F 192 42.40 -38.72 12.37
C PRO F 192 42.03 -37.73 13.46
N ALA F 193 41.80 -38.21 14.68
CA ALA F 193 41.17 -37.38 15.71
C ALA F 193 42.01 -36.16 16.08
N GLN F 194 43.28 -36.12 15.70
CA GLN F 194 44.03 -34.87 15.78
C GLN F 194 43.65 -33.92 14.64
N GLN F 195 43.36 -34.47 13.45
CA GLN F 195 42.81 -33.64 12.38
C GLN F 195 41.43 -33.13 12.75
N ARG F 196 40.67 -33.95 13.48
CA ARG F 196 39.39 -33.50 13.99
C ARG F 196 39.57 -32.34 14.95
N LYS F 197 40.63 -32.37 15.76
CA LYS F 197 40.85 -31.30 16.73
C LYS F 197 41.01 -29.95 16.03
N VAL F 198 41.72 -29.96 14.90
CA VAL F 198 41.71 -28.76 14.05
C VAL F 198 40.28 -28.43 13.66
N SER F 199 39.50 -29.45 13.30
CA SER F 199 38.12 -29.20 12.91
C SER F 199 37.18 -28.90 14.07
N ALA F 200 37.65 -29.01 15.32
CA ALA F 200 36.80 -28.80 16.48
C ALA F 200 36.87 -27.35 16.96
N TRP F 201 38.06 -26.74 16.87
CA TRP F 201 38.18 -25.32 17.25
C TRP F 201 38.85 -24.47 16.18
N GLY F 202 39.69 -25.05 15.34
CA GLY F 202 40.19 -24.33 14.19
C GLY F 202 39.19 -24.20 13.05
N MET F 203 38.03 -24.86 13.16
CA MET F 203 37.03 -24.79 12.10
C MET F 203 36.32 -23.45 12.02
N PRO F 204 35.61 -22.99 13.06
CA PRO F 204 34.72 -21.83 12.86
C PRO F 204 35.48 -20.54 12.61
N LEU F 205 36.66 -20.40 13.21
CA LEU F 205 37.48 -19.22 13.02
C LEU F 205 37.79 -19.00 11.54
N TYR F 206 37.93 -20.09 10.80
CA TYR F 206 38.11 -20.00 9.36
C TYR F 206 36.97 -19.23 8.70
N GLY F 207 35.75 -19.73 8.83
CA GLY F 207 34.61 -19.08 8.20
C GLY F 207 34.44 -17.64 8.63
N VAL F 208 34.84 -17.32 9.86
CA VAL F 208 34.83 -15.93 10.30
C VAL F 208 35.85 -15.13 9.50
N THR F 209 37.12 -15.55 9.54
CA THR F 209 38.18 -14.80 8.91
C THR F 209 38.02 -14.70 7.39
N VAL F 210 37.29 -15.64 6.79
CA VAL F 210 36.97 -15.48 5.37
C VAL F 210 35.98 -14.34 5.18
N ALA F 211 34.97 -14.26 6.05
CA ALA F 211 34.00 -13.19 5.94
C ALA F 211 34.65 -11.83 6.12
N PHE F 212 35.37 -11.64 7.22
CA PHE F 212 36.01 -10.36 7.47
C PHE F 212 37.10 -10.07 6.46
N ALA F 213 37.75 -11.10 5.91
CA ALA F 213 38.74 -10.86 4.87
C ALA F 213 38.08 -10.25 3.65
N SER F 214 37.01 -10.86 3.17
CA SER F 214 36.31 -10.30 2.03
C SER F 214 35.74 -8.92 2.35
N TYR F 215 35.31 -8.72 3.60
CA TYR F 215 34.85 -7.42 4.04
C TYR F 215 35.99 -6.42 4.20
N ASP F 216 37.24 -6.88 4.10
CA ASP F 216 38.40 -6.01 4.22
C ASP F 216 39.13 -5.80 2.91
N PHE F 217 39.11 -6.78 2.02
CA PHE F 217 39.76 -6.67 0.72
C PHE F 217 38.81 -6.14 -0.33
N LEU F 218 37.75 -6.89 -0.62
CA LEU F 218 37.01 -6.70 -1.86
C LEU F 218 35.70 -5.98 -1.64
N MET F 219 35.25 -5.89 -0.40
CA MET F 219 34.16 -4.98 -0.07
C MET F 219 34.59 -3.53 -0.22
N SER F 220 35.88 -3.25 -0.08
CA SER F 220 36.35 -1.90 0.17
C SER F 220 36.79 -1.14 -1.06
N LEU F 221 36.77 -1.76 -2.24
CA LEU F 221 37.17 -1.02 -3.43
C LEU F 221 36.17 0.07 -3.76
N ASP F 222 34.87 -0.23 -3.64
CA ASP F 222 33.79 0.73 -3.78
C ASP F 222 33.05 0.79 -2.45
N PRO F 223 33.65 1.41 -1.42
CA PRO F 223 33.07 1.34 -0.08
C PRO F 223 31.74 2.05 0.07
N HIS F 224 31.25 2.73 -0.97
CA HIS F 224 29.86 3.19 -1.02
C HIS F 224 28.98 2.00 -1.39
N TRP F 225 28.96 1.03 -0.49
CA TRP F 225 28.31 -0.25 -0.71
C TRP F 225 28.28 -0.98 0.63
N TYR F 226 27.14 -1.61 0.93
CA TYR F 226 26.99 -2.37 2.16
C TYR F 226 26.20 -3.62 1.83
N SER F 227 26.87 -4.76 1.94
CA SER F 227 26.30 -6.05 1.61
C SER F 227 26.81 -7.09 2.59
N THR F 228 25.89 -7.85 3.18
CA THR F 228 26.29 -8.86 4.15
C THR F 228 26.67 -10.17 3.49
N ILE F 229 26.08 -10.48 2.34
CA ILE F 229 26.31 -11.78 1.71
C ILE F 229 27.74 -11.92 1.22
N PHE F 230 28.39 -10.81 0.84
CA PHE F 230 29.58 -10.87 0.02
C PHE F 230 30.74 -11.59 0.71
N GLY F 231 30.69 -11.70 2.04
CA GLY F 231 31.64 -12.52 2.74
C GLY F 231 31.54 -13.98 2.38
N VAL F 232 30.41 -14.40 1.81
CA VAL F 232 30.21 -15.78 1.40
C VAL F 232 30.45 -15.91 -0.10
N TYR F 233 30.17 -14.86 -0.88
CA TYR F 233 30.45 -14.93 -2.30
C TYR F 233 31.94 -15.11 -2.54
N PHE F 234 32.77 -14.56 -1.68
CA PHE F 234 34.20 -14.83 -1.75
C PHE F 234 34.49 -16.26 -1.30
N PHE F 235 33.86 -16.69 -0.22
CA PHE F 235 34.04 -18.05 0.28
C PHE F 235 33.59 -19.07 -0.75
N ALA F 236 32.29 -19.09 -1.03
CA ALA F 236 31.71 -20.03 -1.97
C ALA F 236 32.36 -19.90 -3.33
N GLY F 237 32.59 -18.69 -3.82
CA GLY F 237 33.31 -18.52 -5.06
C GLY F 237 34.73 -19.02 -5.03
N SER F 238 35.26 -19.33 -3.85
CA SER F 238 36.54 -20.01 -3.72
C SER F 238 36.38 -21.53 -3.72
N PHE F 239 35.58 -22.02 -2.79
CA PHE F 239 35.32 -23.46 -2.65
C PHE F 239 34.54 -24.02 -3.82
N PHE F 240 33.84 -23.15 -4.55
CA PHE F 240 33.44 -23.43 -5.92
C PHE F 240 34.65 -23.86 -6.74
N VAL F 241 35.63 -22.97 -6.86
CA VAL F 241 36.71 -23.15 -7.84
C VAL F 241 37.61 -24.32 -7.46
N ALA F 242 38.18 -24.25 -6.26
CA ALA F 242 39.30 -25.11 -5.92
C ALA F 242 38.91 -26.58 -5.96
N LEU F 243 37.63 -26.89 -5.81
CA LEU F 243 37.13 -28.22 -6.11
C LEU F 243 37.54 -28.63 -7.52
N GLY F 244 37.45 -27.70 -8.46
CA GLY F 244 37.82 -28.00 -9.82
C GLY F 244 39.31 -28.21 -9.97
N PHE F 245 40.10 -27.35 -9.35
CA PHE F 245 41.56 -27.48 -9.53
C PHE F 245 42.09 -28.78 -8.93
N ILE F 246 41.61 -29.13 -7.74
CA ILE F 246 41.92 -30.43 -7.18
C ILE F 246 41.47 -31.54 -8.12
N THR F 247 40.33 -31.34 -8.78
CA THR F 247 39.76 -32.41 -9.59
C THR F 247 40.53 -32.56 -10.90
N THR F 248 40.79 -31.45 -11.57
CA THR F 248 41.47 -31.50 -12.84
C THR F 248 42.91 -31.93 -12.67
N CYS F 249 43.51 -31.71 -11.51
CA CYS F 249 44.89 -32.13 -11.30
C CYS F 249 45.03 -33.62 -11.49
N TYR F 250 44.22 -34.41 -10.79
CA TYR F 250 44.19 -35.85 -11.01
C TYR F 250 43.83 -36.15 -12.45
N ALA F 251 42.86 -35.43 -13.01
CA ALA F 251 42.49 -35.67 -14.41
C ALA F 251 43.65 -35.41 -15.35
N ILE F 252 44.57 -34.54 -14.96
CA ILE F 252 45.82 -34.36 -15.68
C ILE F 252 46.82 -35.42 -15.25
N LEU F 253 46.89 -35.69 -13.95
CA LEU F 253 47.83 -36.64 -13.40
C LEU F 253 47.33 -38.07 -13.45
N VAL F 254 46.17 -38.30 -14.06
CA VAL F 254 45.75 -39.65 -14.40
C VAL F 254 46.20 -40.02 -15.81
N ARG F 255 46.21 -39.06 -16.72
CA ARG F 255 46.55 -39.31 -18.11
C ARG F 255 48.01 -38.92 -18.32
N ARG F 256 48.85 -39.91 -18.59
CA ARG F 256 50.30 -39.74 -18.69
C ARG F 256 50.89 -39.21 -17.38
N GLY F 257 50.24 -39.49 -16.26
CA GLY F 257 50.76 -39.15 -14.95
C GLY F 257 51.53 -40.30 -14.34
N THR F 258 51.72 -40.21 -13.02
CA THR F 258 52.36 -41.30 -12.29
C THR F 258 51.41 -42.46 -12.07
N LEU F 259 50.11 -42.23 -12.16
CA LEU F 259 49.09 -43.26 -12.12
C LEU F 259 48.21 -43.13 -13.35
N GLN F 260 47.46 -44.19 -13.65
CA GLN F 260 46.44 -44.12 -14.70
C GLN F 260 45.11 -44.77 -14.34
N GLY F 261 45.05 -45.69 -13.39
CA GLY F 261 43.81 -46.37 -13.07
C GLY F 261 43.55 -46.58 -11.59
N ILE F 262 44.50 -46.16 -10.74
CA ILE F 262 44.34 -46.32 -9.31
C ILE F 262 43.09 -45.58 -8.83
N VAL F 263 43.06 -44.27 -9.04
CA VAL F 263 41.89 -43.48 -8.67
C VAL F 263 40.79 -43.75 -9.68
N ARG F 264 39.83 -44.57 -9.28
CA ARG F 264 38.79 -45.04 -10.18
C ARG F 264 37.88 -43.89 -10.61
N ALA F 265 37.00 -44.21 -11.56
CA ALA F 265 36.03 -43.22 -12.05
C ALA F 265 35.06 -42.72 -10.98
N PRO F 266 34.37 -43.59 -10.23
CA PRO F 266 33.35 -43.07 -9.30
C PRO F 266 33.90 -42.19 -8.18
N HIS F 267 35.21 -42.05 -8.04
CA HIS F 267 35.75 -40.97 -7.24
C HIS F 267 35.30 -39.61 -7.80
N PHE F 268 35.62 -39.38 -9.05
CA PHE F 268 35.21 -38.14 -9.68
C PHE F 268 33.70 -38.01 -9.74
N GLN F 269 32.97 -39.14 -9.73
CA GLN F 269 31.51 -39.05 -9.70
C GLN F 269 31.02 -38.25 -8.49
N ASP F 270 31.73 -38.35 -7.37
CA ASP F 270 31.42 -37.50 -6.24
C ASP F 270 31.83 -36.08 -6.50
N LEU F 271 32.99 -35.89 -7.14
CA LEU F 271 33.45 -34.51 -7.38
C LEU F 271 32.45 -33.75 -8.25
N GLY F 272 31.82 -34.43 -9.20
CA GLY F 272 30.70 -33.83 -9.90
C GLY F 272 29.57 -33.48 -8.95
N LYS F 273 29.16 -34.45 -8.12
CA LYS F 273 28.11 -34.18 -7.14
C LYS F 273 28.47 -33.01 -6.21
N LEU F 274 29.76 -32.74 -6.04
CA LEU F 274 30.21 -31.58 -5.30
C LEU F 274 30.18 -30.33 -6.17
N MET F 275 30.58 -30.44 -7.43
CA MET F 275 30.67 -29.28 -8.29
C MET F 275 29.28 -28.75 -8.61
N PHE F 276 28.28 -29.62 -8.62
CA PHE F 276 26.90 -29.16 -8.69
C PHE F 276 26.43 -28.61 -7.34
N GLY F 277 26.63 -29.37 -6.25
CA GLY F 277 26.17 -28.91 -4.95
C GLY F 277 26.81 -27.64 -4.46
N PHE F 278 27.88 -27.17 -5.12
CA PHE F 278 28.56 -25.94 -4.79
C PHE F 278 28.47 -24.91 -5.90
N THR F 279 28.20 -25.33 -7.14
CA THR F 279 27.74 -24.39 -8.14
C THR F 279 26.39 -23.82 -7.75
N ALA F 280 25.54 -24.63 -7.13
CA ALA F 280 24.32 -24.10 -6.54
C ALA F 280 24.66 -23.12 -5.44
N PHE F 281 25.56 -23.50 -4.55
CA PHE F 281 25.93 -22.62 -3.44
C PHE F 281 26.73 -21.42 -3.91
N TRP F 282 27.12 -21.37 -5.18
CA TRP F 282 27.61 -20.13 -5.78
C TRP F 282 26.47 -19.34 -6.37
N ALA F 283 25.78 -19.90 -7.36
CA ALA F 283 24.80 -19.15 -8.12
C ALA F 283 23.63 -18.74 -7.26
N TYR F 284 23.34 -19.51 -6.22
CA TYR F 284 22.41 -19.06 -5.20
C TYR F 284 22.89 -17.76 -4.58
N ILE F 285 24.20 -17.61 -4.44
CA ILE F 285 24.76 -16.45 -3.79
C ILE F 285 25.01 -15.32 -4.77
N ALA F 286 25.56 -15.63 -5.93
CA ALA F 286 25.77 -14.65 -6.97
C ALA F 286 24.47 -14.11 -7.52
N PHE F 287 23.38 -14.85 -7.36
CA PHE F 287 22.07 -14.37 -7.75
C PHE F 287 21.32 -13.74 -6.60
N SER F 288 21.53 -14.19 -5.38
CA SER F 288 20.96 -13.50 -4.24
C SER F 288 21.62 -12.16 -4.00
N GLN F 289 22.86 -12.00 -4.45
CA GLN F 289 23.47 -10.67 -4.53
C GLN F 289 22.82 -9.84 -5.61
N TYR F 290 22.10 -10.45 -6.55
CA TYR F 290 21.64 -9.75 -7.75
C TYR F 290 20.15 -9.42 -7.68
N MET F 291 19.29 -10.41 -7.47
CA MET F 291 17.87 -10.13 -7.45
C MET F 291 17.52 -9.20 -6.29
N LEU F 292 18.23 -9.32 -5.18
CA LEU F 292 17.97 -8.46 -4.04
C LEU F 292 18.37 -7.03 -4.33
N ILE F 293 19.44 -6.83 -5.10
CA ILE F 293 19.95 -5.51 -5.39
C ILE F 293 19.45 -5.00 -6.74
N TRP F 294 18.99 -5.89 -7.61
CA TRP F 294 18.28 -5.51 -8.81
C TRP F 294 16.94 -4.92 -8.47
N TYR F 295 16.39 -5.34 -7.32
CA TYR F 295 15.08 -4.87 -6.91
C TYR F 295 15.13 -3.48 -6.28
N GLY F 296 15.85 -3.35 -5.17
CA GLY F 296 15.69 -2.18 -4.32
C GLY F 296 16.19 -0.89 -4.96
N ASN F 297 17.26 -0.99 -5.74
CA ASN F 297 17.83 0.12 -6.50
C ASN F 297 18.51 1.15 -5.61
N LEU F 298 18.90 0.77 -4.40
CA LEU F 298 19.43 1.66 -3.37
C LEU F 298 20.75 2.33 -3.76
N PRO F 299 21.28 3.23 -2.94
CA PRO F 299 22.61 3.81 -3.23
C PRO F 299 23.72 2.80 -3.25
N GLU F 300 23.62 1.77 -2.41
CA GLU F 300 24.59 0.68 -2.44
C GLU F 300 24.66 -0.01 -3.79
N GLU F 301 23.63 0.15 -4.62
CA GLU F 301 23.63 -0.41 -5.95
C GLU F 301 24.80 0.06 -6.81
N THR F 302 25.40 1.22 -6.51
CA THR F 302 26.41 1.80 -7.37
C THR F 302 27.66 0.95 -7.59
N LEU F 303 27.74 -0.24 -6.99
CA LEU F 303 28.64 -1.24 -7.52
C LEU F 303 28.33 -1.47 -9.00
N TRP F 304 27.04 -1.54 -9.33
CA TRP F 304 26.61 -2.09 -10.60
C TRP F 304 26.01 -1.10 -11.59
N TYR F 305 25.69 0.12 -11.16
CA TYR F 305 25.43 1.14 -12.17
C TYR F 305 26.70 1.47 -12.93
N ARG F 306 27.87 1.13 -12.37
CA ARG F 306 29.16 1.32 -12.99
C ARG F 306 29.71 0.02 -13.55
N HIS F 307 29.46 -1.11 -12.88
CA HIS F 307 29.97 -2.39 -13.36
C HIS F 307 29.07 -2.98 -14.44
N ARG F 308 27.85 -3.36 -14.08
CA ARG F 308 27.08 -4.27 -14.91
C ARG F 308 26.72 -3.65 -16.25
N LEU F 309 25.92 -2.59 -16.23
CA LEU F 309 25.35 -2.06 -17.47
C LEU F 309 26.44 -1.40 -18.32
N GLU F 310 27.13 -0.42 -17.76
CA GLU F 310 27.93 0.48 -18.57
C GLU F 310 29.31 -0.10 -18.84
N HIS F 311 29.92 0.38 -19.92
CA HIS F 311 31.33 0.16 -20.23
C HIS F 311 31.66 -1.33 -20.39
N GLY F 312 31.09 -1.90 -21.46
CA GLY F 312 31.56 -3.18 -21.98
C GLY F 312 31.56 -4.30 -20.97
N TRP F 313 30.58 -4.31 -20.07
CA TRP F 313 30.51 -5.25 -18.96
C TRP F 313 29.15 -5.89 -18.78
N GLU F 314 28.09 -5.28 -19.31
CA GLU F 314 26.91 -6.06 -19.64
C GLU F 314 27.28 -7.21 -20.56
N VAL F 315 28.28 -6.98 -21.43
CA VAL F 315 28.89 -8.06 -22.19
C VAL F 315 29.45 -9.10 -21.25
N LEU F 316 30.17 -8.64 -20.22
CA LEU F 316 30.84 -9.55 -19.31
C LEU F 316 29.84 -10.37 -18.53
N SER F 317 28.89 -9.72 -17.86
CA SER F 317 27.97 -10.44 -16.97
C SER F 317 27.13 -11.44 -17.74
N GLN F 318 26.65 -11.07 -18.93
CA GLN F 318 25.86 -12.02 -19.70
C GLN F 318 26.70 -13.22 -20.12
N VAL F 319 27.81 -12.95 -20.83
CA VAL F 319 28.65 -14.05 -21.29
C VAL F 319 29.30 -14.78 -20.12
N LEU F 320 29.41 -14.13 -18.97
CA LEU F 320 29.77 -14.80 -17.74
C LEU F 320 28.72 -15.83 -17.37
N ILE F 321 27.51 -15.39 -17.05
CA ILE F 321 26.54 -16.27 -16.41
C ILE F 321 26.12 -17.40 -17.33
N TRP F 322 25.97 -17.10 -18.63
CA TRP F 322 25.78 -18.17 -19.59
C TRP F 322 26.97 -19.11 -19.58
N GLY F 323 28.19 -18.57 -19.42
CA GLY F 323 29.38 -19.38 -19.42
C GLY F 323 29.87 -19.86 -18.07
N HIS F 324 29.22 -19.49 -16.98
CA HIS F 324 29.69 -19.76 -15.64
C HIS F 324 28.78 -20.70 -14.88
N PHE F 325 27.47 -20.66 -15.13
CA PHE F 325 26.53 -21.52 -14.44
C PHE F 325 25.93 -22.58 -15.35
N VAL F 326 25.46 -22.20 -16.52
CA VAL F 326 24.55 -23.07 -17.26
C VAL F 326 25.32 -24.05 -18.13
N LEU F 327 26.42 -23.63 -18.75
CA LEU F 327 27.25 -24.58 -19.48
C LEU F 327 27.84 -25.65 -18.56
N PRO F 328 28.38 -25.33 -17.39
CA PRO F 328 28.70 -26.40 -16.44
C PRO F 328 27.48 -27.20 -16.00
N PHE F 329 26.44 -26.50 -15.51
CA PHE F 329 25.29 -27.18 -14.96
C PHE F 329 24.54 -28.00 -16.01
N LEU F 330 24.78 -27.74 -17.30
CA LEU F 330 24.16 -28.50 -18.36
C LEU F 330 25.04 -29.63 -18.85
N ILE F 331 26.33 -29.36 -19.05
CA ILE F 331 27.20 -30.34 -19.70
C ILE F 331 27.51 -31.48 -18.75
N LEU F 332 27.87 -31.15 -17.51
CA LEU F 332 28.26 -32.19 -16.56
C LEU F 332 27.08 -33.02 -16.08
N LEU F 333 25.84 -32.58 -16.32
CA LEU F 333 24.69 -33.14 -15.62
C LEU F 333 24.48 -34.62 -15.87
N PRO F 334 24.29 -35.09 -17.10
CA PRO F 334 23.86 -36.48 -17.28
C PRO F 334 24.95 -37.45 -16.86
N TRP F 335 24.57 -38.47 -16.10
CA TRP F 335 25.52 -39.50 -15.68
C TRP F 335 25.62 -40.56 -16.78
N ALA F 336 26.21 -40.15 -17.89
CA ALA F 336 26.81 -41.08 -18.83
C ALA F 336 28.20 -40.62 -19.27
N ALA F 337 28.55 -39.36 -19.02
CA ALA F 337 29.92 -38.88 -19.17
C ALA F 337 30.28 -37.92 -18.05
N LYS F 338 29.46 -37.81 -16.99
CA LYS F 338 29.75 -36.90 -15.89
C LYS F 338 31.03 -37.27 -15.16
N ARG F 339 31.31 -38.57 -15.03
CA ARG F 339 32.45 -39.03 -14.26
C ARG F 339 33.71 -39.23 -15.08
N THR F 340 33.68 -38.98 -16.37
CA THR F 340 34.85 -39.26 -17.19
C THR F 340 35.99 -38.31 -16.78
N PRO F 341 37.23 -38.79 -16.72
CA PRO F 341 38.30 -37.92 -16.20
C PRO F 341 38.56 -36.68 -17.07
N VAL F 342 38.78 -36.88 -18.38
CA VAL F 342 39.32 -35.81 -19.19
C VAL F 342 38.33 -34.68 -19.37
N LEU F 343 37.03 -34.95 -19.28
CA LEU F 343 36.06 -33.86 -19.33
C LEU F 343 36.17 -32.99 -18.10
N VAL F 344 36.04 -33.58 -16.91
CA VAL F 344 36.09 -32.79 -15.69
C VAL F 344 37.44 -32.10 -15.57
N GLY F 345 38.48 -32.72 -16.11
CA GLY F 345 39.74 -32.01 -16.26
C GLY F 345 39.64 -30.84 -17.22
N THR F 346 38.93 -31.04 -18.33
CA THR F 346 38.71 -29.95 -19.27
C THR F 346 37.83 -28.88 -18.63
N MET F 347 37.02 -29.26 -17.66
CA MET F 347 36.15 -28.30 -17.00
C MET F 347 36.96 -27.47 -16.03
N GLY F 348 37.86 -28.07 -15.28
CA GLY F 348 38.71 -27.32 -14.36
C GLY F 348 39.43 -26.14 -14.98
N ILE F 349 39.66 -26.22 -16.29
CA ILE F 349 40.12 -25.06 -17.04
C ILE F 349 38.97 -24.05 -17.16
N TRP F 350 37.87 -24.44 -17.78
CA TRP F 350 36.73 -23.54 -17.96
C TRP F 350 36.06 -23.17 -16.64
N PHE F 351 36.36 -23.88 -15.57
CA PHE F 351 35.76 -23.74 -14.26
C PHE F 351 36.60 -22.89 -13.34
N ALA F 352 37.89 -22.71 -13.64
CA ALA F 352 38.79 -21.87 -12.85
C ALA F 352 39.38 -20.72 -13.62
N ILE F 353 39.66 -20.86 -14.91
CA ILE F 353 40.01 -19.72 -15.75
C ILE F 353 38.91 -18.69 -15.71
N ILE F 354 37.66 -19.13 -15.53
CA ILE F 354 36.54 -18.23 -15.50
C ILE F 354 36.51 -17.37 -14.25
N HIS F 355 37.11 -17.81 -13.15
CA HIS F 355 37.12 -17.00 -11.94
C HIS F 355 37.83 -15.68 -12.18
N TRP F 356 38.79 -15.64 -13.09
CA TRP F 356 39.25 -14.38 -13.64
C TRP F 356 38.08 -13.55 -14.12
N ILE F 357 37.22 -14.14 -14.94
CA ILE F 357 36.07 -13.39 -15.47
C ILE F 357 35.07 -13.11 -14.36
N ASP F 358 35.02 -13.95 -13.33
CA ASP F 358 34.14 -13.70 -12.21
C ASP F 358 34.66 -12.58 -11.35
N LEU F 359 35.97 -12.52 -11.16
CA LEU F 359 36.58 -11.61 -10.21
C LEU F 359 37.04 -10.32 -10.87
N PHE F 360 37.34 -10.36 -12.16
CA PHE F 360 37.57 -9.17 -12.95
C PHE F 360 36.29 -8.35 -13.09
N TRP F 361 35.14 -8.92 -12.73
CA TRP F 361 33.90 -8.18 -12.59
C TRP F 361 33.81 -7.51 -11.22
N VAL F 362 34.82 -7.65 -10.36
CA VAL F 362 34.79 -7.06 -9.02
C VAL F 362 36.00 -6.17 -8.77
N ALA F 363 37.19 -6.65 -9.12
CA ALA F 363 38.42 -6.00 -8.66
C ALA F 363 38.79 -4.80 -9.53
N MET F 364 39.07 -5.05 -10.78
CA MET F 364 39.53 -4.03 -11.72
C MET F 364 38.49 -2.96 -12.12
N PRO F 365 37.19 -3.26 -12.27
CA PRO F 365 36.30 -2.31 -12.94
C PRO F 365 36.21 -0.94 -12.29
N VAL F 366 36.59 -0.80 -11.02
CA VAL F 366 36.57 0.51 -10.37
C VAL F 366 37.64 1.44 -10.92
N LEU F 367 38.52 0.96 -11.77
CA LEU F 367 39.49 1.78 -12.48
C LEU F 367 39.09 2.01 -13.93
N HIS F 368 38.84 0.92 -14.65
CA HIS F 368 38.38 0.99 -16.02
C HIS F 368 36.89 1.23 -16.13
N THR F 369 36.25 1.72 -15.05
CA THR F 369 34.92 2.29 -15.13
C THR F 369 34.79 3.31 -16.24
N GLU F 370 35.87 4.01 -16.58
CA GLU F 370 35.85 4.96 -17.68
C GLU F 370 36.01 4.25 -19.02
N HIS F 371 36.90 3.26 -19.09
CA HIS F 371 37.33 2.67 -20.36
C HIS F 371 37.52 1.17 -20.14
N MET F 372 36.55 0.37 -20.55
CA MET F 372 36.71 -1.08 -20.51
C MET F 372 37.69 -1.48 -21.60
N THR F 373 38.98 -1.40 -21.27
CA THR F 373 40.08 -1.80 -22.15
C THR F 373 41.02 -2.65 -21.30
N PHE F 374 40.72 -3.93 -21.16
CA PHE F 374 41.54 -4.79 -20.31
C PHE F 374 42.93 -4.93 -20.90
N HIS F 375 43.94 -4.68 -20.08
CA HIS F 375 45.30 -4.50 -20.55
C HIS F 375 46.02 -5.84 -20.54
N TRP F 376 47.20 -5.89 -21.17
CA TRP F 376 48.00 -7.11 -21.16
C TRP F 376 48.43 -7.45 -19.74
N LEU F 377 48.62 -6.44 -18.90
CA LEU F 377 49.00 -6.70 -17.52
C LEU F 377 47.90 -7.35 -16.72
N ASP F 378 46.65 -7.26 -17.18
CA ASP F 378 45.53 -7.90 -16.49
C ASP F 378 45.68 -9.43 -16.48
N VAL F 379 46.44 -10.00 -17.40
CA VAL F 379 46.46 -11.44 -17.63
C VAL F 379 47.81 -12.07 -17.28
N THR F 380 48.90 -11.30 -17.35
CA THR F 380 50.21 -11.85 -17.03
C THR F 380 50.26 -12.37 -15.61
N CYS F 381 49.54 -11.73 -14.71
CA CYS F 381 49.50 -12.16 -13.32
C CYS F 381 48.54 -13.32 -13.09
N TRP F 382 47.53 -13.47 -13.94
CA TRP F 382 46.67 -14.64 -13.87
C TRP F 382 47.46 -15.88 -14.22
N LEU F 383 48.00 -15.93 -15.43
CA LEU F 383 48.82 -17.06 -15.84
C LEU F 383 50.11 -17.13 -15.02
N GLY F 384 50.53 -16.03 -14.43
CA GLY F 384 51.67 -16.03 -13.55
C GLY F 384 51.38 -16.76 -12.26
N LEU F 385 50.53 -16.19 -11.41
CA LEU F 385 50.31 -16.77 -10.09
C LEU F 385 49.67 -18.14 -10.18
N PHE F 386 48.76 -18.35 -11.14
CA PHE F 386 48.26 -19.69 -11.38
C PHE F 386 49.36 -20.64 -11.81
N GLY F 387 50.50 -20.13 -12.32
CA GLY F 387 51.68 -20.97 -12.47
C GLY F 387 52.57 -21.04 -11.23
N VAL F 388 52.71 -19.92 -10.52
CA VAL F 388 53.65 -19.87 -9.39
C VAL F 388 53.13 -20.71 -8.24
N VAL F 389 51.83 -20.61 -7.96
CA VAL F 389 51.24 -21.44 -6.93
C VAL F 389 51.42 -22.91 -7.28
N VAL F 390 51.29 -23.23 -8.57
CA VAL F 390 51.38 -24.61 -8.99
C VAL F 390 52.83 -25.07 -9.03
N GLY F 391 53.77 -24.14 -9.15
CA GLY F 391 55.17 -24.44 -9.00
C GLY F 391 55.44 -25.01 -7.63
N LEU F 392 55.08 -24.24 -6.61
CA LEU F 392 55.22 -24.74 -5.24
C LEU F 392 54.41 -26.03 -5.04
N PHE F 393 53.27 -26.12 -5.72
CA PHE F 393 52.34 -27.21 -5.46
C PHE F 393 52.91 -28.54 -5.92
N PHE F 394 53.66 -28.54 -7.00
CA PHE F 394 54.32 -29.76 -7.43
C PHE F 394 55.63 -29.97 -6.74
N TYR F 395 56.34 -28.89 -6.37
CA TYR F 395 57.62 -29.06 -5.72
C TYR F 395 57.47 -29.70 -4.35
N ARG F 396 56.33 -29.49 -3.72
CA ARG F 396 56.06 -30.17 -2.45
C ARG F 396 55.62 -31.60 -2.70
N ILE F 397 54.90 -31.85 -3.79
CA ILE F 397 54.59 -33.22 -4.18
C ILE F 397 55.83 -33.90 -4.77
N SER F 398 56.83 -33.12 -5.15
CA SER F 398 58.14 -33.65 -5.43
C SER F 398 58.93 -33.84 -4.15
N ARG F 399 58.71 -32.97 -3.17
CA ARG F 399 59.41 -33.05 -1.89
C ARG F 399 59.06 -34.32 -1.16
N HIS F 400 57.83 -34.80 -1.30
CA HIS F 400 57.38 -36.00 -0.60
C HIS F 400 56.24 -36.62 -1.39
N SER F 401 55.52 -37.54 -0.75
CA SER F 401 54.67 -38.48 -1.45
C SER F 401 53.50 -37.77 -2.13
N LEU F 402 52.70 -38.57 -2.83
CA LEU F 402 51.52 -38.13 -3.56
C LEU F 402 50.24 -38.69 -2.96
N VAL F 403 50.16 -40.00 -2.82
CA VAL F 403 49.03 -40.70 -2.23
C VAL F 403 49.53 -41.22 -0.89
N PRO F 404 48.77 -41.13 0.20
CA PRO F 404 49.33 -41.50 1.51
C PRO F 404 49.68 -42.98 1.57
N GLN F 405 50.95 -43.28 1.86
CA GLN F 405 51.45 -44.64 1.75
C GLN F 405 50.73 -45.59 2.71
N ASN F 406 50.22 -45.08 3.82
CA ASN F 406 49.27 -45.83 4.62
C ASN F 406 48.30 -44.84 5.24
N ASP F 407 47.08 -45.30 5.44
CA ASP F 407 46.00 -44.40 5.81
C ASP F 407 44.76 -45.22 6.17
N PRO F 408 43.89 -44.75 7.06
CA PRO F 408 42.63 -45.46 7.28
C PRO F 408 41.71 -45.37 6.07
N TYR F 409 41.15 -46.51 5.69
CA TYR F 409 40.15 -46.62 4.63
C TYR F 409 40.69 -46.29 3.25
N LEU F 410 42.00 -46.42 3.06
CA LEU F 410 42.58 -46.15 1.74
C LEU F 410 42.14 -47.22 0.75
N ALA F 411 42.49 -48.48 1.01
CA ALA F 411 42.07 -49.56 0.13
C ALA F 411 40.56 -49.66 0.06
N ARG F 412 39.87 -49.21 1.09
CA ARG F 412 38.41 -49.14 1.02
C ARG F 412 37.95 -48.18 -0.06
N SER F 413 38.76 -47.15 -0.36
CA SER F 413 38.48 -46.23 -1.44
C SER F 413 39.21 -46.58 -2.73
N LEU F 414 40.29 -47.35 -2.65
CA LEU F 414 41.01 -47.77 -3.84
C LEU F 414 40.39 -49.01 -4.45
N ALA F 415 40.04 -49.99 -3.61
CA ALA F 415 39.35 -51.19 -4.07
C ALA F 415 37.90 -50.94 -4.42
N LEU F 416 37.38 -49.74 -4.17
CA LEU F 416 36.04 -49.37 -4.58
C LEU F 416 35.86 -49.56 -6.08
N TYR G 25 -9.38 -10.18 -32.67
CA TYR G 25 -8.07 -9.79 -33.19
C TYR G 25 -8.10 -9.92 -34.72
N PRO G 26 -8.53 -8.84 -35.44
CA PRO G 26 -9.15 -9.03 -36.76
C PRO G 26 -8.32 -9.75 -37.82
N GLY G 27 -7.18 -9.18 -38.19
CA GLY G 27 -6.41 -9.67 -39.31
C GLY G 27 -4.91 -9.50 -39.17
N GLY G 28 -4.42 -9.30 -37.95
CA GLY G 28 -3.01 -9.17 -37.69
C GLY G 28 -2.57 -7.72 -37.51
N VAL G 29 -1.26 -7.56 -37.48
CA VAL G 29 -0.66 -6.26 -37.16
C VAL G 29 -0.56 -5.37 -38.39
N ALA G 30 -0.40 -5.96 -39.58
CA ALA G 30 -0.09 -5.18 -40.78
C ALA G 30 -1.18 -4.18 -41.13
N LEU G 31 -2.39 -4.35 -40.60
CA LEU G 31 -3.44 -3.38 -40.86
C LEU G 31 -3.16 -2.04 -40.17
N THR G 32 -2.84 -2.08 -38.88
CA THR G 32 -2.61 -0.87 -38.11
C THR G 32 -1.34 -0.12 -38.53
N LEU G 33 -0.46 -0.79 -39.26
CA LEU G 33 0.83 -0.20 -39.59
C LEU G 33 0.70 0.97 -40.56
N ALA G 34 -0.45 1.14 -41.20
CA ALA G 34 -0.65 2.31 -42.06
C ALA G 34 -0.96 3.55 -41.23
N GLN G 35 -1.81 3.41 -40.21
CA GLN G 35 -2.19 4.56 -39.43
C GLN G 35 -1.09 5.00 -38.48
N ILE G 36 -0.32 4.06 -37.96
CA ILE G 36 0.81 4.47 -37.12
C ILE G 36 1.81 5.29 -37.92
N GLU G 37 1.97 4.96 -39.20
CA GLU G 37 2.78 5.80 -40.08
C GLU G 37 2.13 7.17 -40.25
N ALA G 38 0.80 7.20 -40.37
CA ALA G 38 0.09 8.45 -40.53
C ALA G 38 0.17 9.35 -39.30
N ALA G 39 0.51 8.79 -38.14
CA ALA G 39 0.77 9.61 -36.96
C ALA G 39 2.18 10.19 -36.97
N SER G 40 3.16 9.34 -37.27
CA SER G 40 4.55 9.80 -37.25
C SER G 40 4.78 10.91 -38.27
N GLU G 41 4.08 10.87 -39.40
CA GLU G 41 4.24 11.95 -40.37
C GLU G 41 3.71 13.27 -39.82
N GLN G 42 2.64 13.23 -39.03
CA GLN G 42 2.16 14.45 -38.37
C GLN G 42 3.22 15.00 -37.44
N VAL G 43 3.96 14.11 -36.78
CA VAL G 43 5.05 14.56 -35.93
C VAL G 43 6.15 15.20 -36.76
N ALA G 44 6.54 14.54 -37.85
CA ALA G 44 7.60 15.06 -38.69
C ALA G 44 7.26 16.43 -39.25
N GLN G 45 6.02 16.61 -39.70
CA GLN G 45 5.57 17.92 -40.16
C GLN G 45 5.54 18.94 -39.02
N ASP G 46 5.42 18.47 -37.78
CA ASP G 46 5.45 19.37 -36.64
C ASP G 46 6.85 19.69 -36.16
N LEU G 47 7.85 18.90 -36.55
CA LEU G 47 9.23 19.31 -36.32
C LEU G 47 9.49 20.66 -37.00
N GLU G 48 9.01 20.79 -38.24
CA GLU G 48 9.06 22.07 -38.92
C GLU G 48 8.29 23.11 -38.15
N GLN G 49 7.03 22.81 -37.82
CA GLN G 49 6.18 23.85 -37.24
C GLN G 49 6.67 24.30 -35.87
N ALA G 50 6.95 23.37 -34.96
CA ALA G 50 7.45 23.73 -33.64
C ALA G 50 8.75 24.50 -33.74
N LEU G 51 9.72 23.99 -34.51
CA LEU G 51 10.98 24.71 -34.65
C LEU G 51 10.79 26.02 -35.41
N ALA G 52 9.78 26.09 -36.29
CA ALA G 52 9.46 27.32 -36.97
C ALA G 52 8.89 28.34 -35.99
N GLU G 53 7.94 27.90 -35.17
CA GLU G 53 7.40 28.76 -34.13
C GLU G 53 8.50 29.17 -33.16
N LEU G 54 9.46 28.29 -32.89
CA LEU G 54 10.53 28.63 -31.97
C LEU G 54 11.39 29.73 -32.54
N GLU G 55 11.44 29.85 -33.86
CA GLU G 55 12.02 31.06 -34.46
C GLU G 55 11.06 32.24 -34.30
N ALA G 56 9.79 32.02 -34.60
CA ALA G 56 8.83 33.12 -34.62
C ALA G 56 8.63 33.71 -33.24
N LEU G 57 8.64 32.89 -32.19
CA LEU G 57 8.45 33.39 -30.84
C LEU G 57 9.61 34.28 -30.44
N ARG G 58 10.83 33.90 -30.82
CA ARG G 58 11.97 34.76 -30.61
C ARG G 58 11.85 36.06 -31.41
N LEU G 59 11.11 36.01 -32.52
CA LEU G 59 10.89 37.21 -33.33
C LEU G 59 9.73 38.06 -32.81
N LEU G 60 8.63 37.43 -32.42
CA LEU G 60 7.42 38.14 -32.01
C LEU G 60 7.64 38.83 -30.68
N ALA G 61 7.89 38.06 -29.64
CA ALA G 61 8.17 38.59 -28.30
C ALA G 61 9.68 38.64 -28.08
N ARG G 62 10.31 39.62 -28.74
CA ARG G 62 11.71 39.88 -28.48
C ARG G 62 11.93 40.30 -27.04
N ARG G 63 11.20 41.35 -26.62
CA ARG G 63 11.40 41.96 -25.31
C ARG G 63 10.08 42.36 -24.64
N ASP G 64 8.95 41.82 -25.10
CA ASP G 64 7.64 42.21 -24.61
C ASP G 64 7.20 41.43 -23.37
N GLU G 65 8.13 40.76 -22.69
CA GLU G 65 7.80 39.88 -21.58
C GLU G 65 9.10 39.49 -20.91
N THR G 66 8.99 38.83 -19.76
CA THR G 66 10.16 38.27 -19.06
C THR G 66 11.04 37.48 -20.02
N LEU G 67 10.50 36.39 -20.58
CA LEU G 67 11.10 35.64 -21.68
C LEU G 67 12.33 34.84 -21.28
N ALA G 68 12.84 35.00 -20.05
CA ALA G 68 14.08 34.32 -19.69
C ALA G 68 13.79 32.87 -19.31
N PRO G 69 12.86 32.59 -18.36
CA PRO G 69 12.33 31.23 -18.28
C PRO G 69 11.31 30.94 -19.35
N TYR G 70 10.53 31.95 -19.75
CA TYR G 70 9.32 31.72 -20.53
C TYR G 70 9.61 31.30 -21.97
N VAL G 71 10.75 31.70 -22.52
CA VAL G 71 11.15 31.20 -23.83
C VAL G 71 11.69 29.77 -23.72
N ALA G 72 12.56 29.55 -22.74
CA ALA G 72 13.04 28.19 -22.50
C ALA G 72 11.92 27.28 -22.02
N GLN G 73 10.87 27.85 -21.45
CA GLN G 73 9.66 27.11 -21.12
C GLN G 73 9.07 26.47 -22.37
N TYR G 74 9.26 27.08 -23.52
CA TYR G 74 8.84 26.52 -24.80
C TYR G 74 9.89 25.60 -25.40
N GLU G 75 11.17 25.85 -25.11
CA GLU G 75 12.22 24.99 -25.65
C GLU G 75 12.29 23.62 -24.96
N ALA G 76 11.96 23.60 -23.66
CA ALA G 76 12.10 22.38 -22.88
C ALA G 76 11.24 21.27 -23.44
N ILE G 77 10.10 21.61 -24.04
CA ILE G 77 9.30 20.61 -24.72
C ILE G 77 10.02 20.14 -25.97
N LEU G 78 10.78 21.02 -26.61
CA LEU G 78 11.25 20.76 -27.96
C LEU G 78 12.28 19.64 -27.98
N GLU G 79 13.14 19.62 -26.96
CA GLU G 79 14.10 18.50 -26.90
C GLU G 79 13.41 17.17 -26.65
N ALA G 80 12.23 17.18 -26.03
CA ALA G 80 11.48 15.95 -25.86
C ALA G 80 10.78 15.53 -27.14
N HIS G 81 10.21 16.48 -27.86
CA HIS G 81 9.51 16.19 -29.11
C HIS G 81 10.46 15.56 -30.12
N GLN G 82 11.63 16.16 -30.28
CA GLN G 82 12.61 15.59 -31.19
C GLN G 82 13.09 14.24 -30.70
N GLN G 83 13.21 14.06 -29.38
CA GLN G 83 13.66 12.78 -28.86
C GLN G 83 12.67 11.66 -29.18
N ALA G 84 11.39 12.00 -29.21
CA ALA G 84 10.39 10.98 -29.49
C ALA G 84 10.40 10.58 -30.95
N VAL G 85 10.89 11.45 -31.85
CA VAL G 85 10.95 11.06 -33.26
C VAL G 85 11.82 9.82 -33.48
N LEU G 86 13.06 9.87 -32.98
CA LEU G 86 13.93 8.69 -33.02
C LEU G 86 13.27 7.51 -32.32
N GLU G 87 12.51 7.80 -31.26
CA GLU G 87 11.79 6.71 -30.62
C GLU G 87 10.67 6.17 -31.52
N PHE G 88 9.86 7.06 -32.08
CA PHE G 88 8.71 6.65 -32.92
C PHE G 88 9.17 5.76 -34.05
N GLU G 89 10.39 5.94 -34.52
CA GLU G 89 11.00 4.92 -35.35
C GLU G 89 11.19 3.63 -34.57
N HIS G 90 11.78 3.73 -33.37
CA HIS G 90 12.08 2.51 -32.61
C HIS G 90 10.81 1.79 -32.14
N TRP G 91 9.85 2.55 -31.62
CA TRP G 91 8.50 2.04 -31.36
C TRP G 91 7.97 1.30 -32.58
N LYS G 92 7.98 1.97 -33.73
CA LYS G 92 7.35 1.42 -34.91
C LYS G 92 8.12 0.21 -35.45
N GLU G 93 9.43 0.31 -35.51
CA GLU G 93 10.24 -0.75 -36.09
C GLU G 93 10.15 -2.01 -35.26
N GLN G 94 9.92 -1.87 -33.94
CA GLN G 94 9.67 -3.04 -33.14
C GLN G 94 8.33 -3.69 -33.47
N VAL G 95 7.44 -3.00 -34.18
CA VAL G 95 6.16 -3.55 -34.58
C VAL G 95 6.30 -4.17 -35.97
N ALA G 96 6.74 -3.35 -36.93
CA ALA G 96 6.87 -3.83 -38.30
C ALA G 96 7.93 -4.92 -38.44
N ALA G 97 8.82 -5.06 -37.47
CA ALA G 97 9.80 -6.15 -37.52
C ALA G 97 9.11 -7.50 -37.48
N HIS G 98 8.17 -7.68 -36.54
CA HIS G 98 7.36 -8.90 -36.45
C HIS G 98 5.88 -8.52 -36.43
N PRO G 99 5.16 -8.68 -37.55
CA PRO G 99 3.69 -8.53 -37.52
C PRO G 99 2.99 -9.85 -37.19
N GLY G 100 3.07 -10.24 -35.93
CA GLY G 100 2.35 -11.41 -35.43
C GLY G 100 1.85 -11.25 -34.01
N ASP G 101 1.80 -10.01 -33.50
CA ASP G 101 1.39 -9.73 -32.13
C ASP G 101 0.51 -8.48 -32.17
N TYR G 102 -0.80 -8.67 -32.10
CA TYR G 102 -1.70 -7.52 -32.14
C TYR G 102 -1.55 -6.65 -30.90
N ARG G 103 -1.12 -7.20 -29.77
CA ARG G 103 -1.02 -6.42 -28.55
C ARG G 103 0.30 -5.66 -28.48
N ARG G 104 0.69 -5.03 -29.58
CA ARG G 104 1.71 -3.99 -29.58
C ARG G 104 1.35 -2.80 -30.45
N ALA G 105 0.51 -2.98 -31.46
CA ALA G 105 0.19 -1.87 -32.36
C ALA G 105 -0.79 -0.91 -31.70
N ASN G 106 -1.87 -1.44 -31.15
CA ASN G 106 -2.82 -0.61 -30.42
C ASN G 106 -2.13 0.15 -29.29
N ARG G 107 -1.13 -0.46 -28.68
CA ARG G 107 -0.42 0.19 -27.58
C ARG G 107 0.57 1.22 -28.10
N THR G 108 1.37 0.85 -29.10
CA THR G 108 2.30 1.82 -29.68
C THR G 108 1.55 2.99 -30.31
N LEU G 109 0.35 2.74 -30.80
CA LEU G 109 -0.47 3.81 -31.37
C LEU G 109 -1.12 4.63 -30.27
N GLY G 110 -1.54 3.98 -29.20
CA GLY G 110 -2.05 4.70 -28.06
C GLY G 110 -0.99 5.49 -27.34
N ALA G 111 0.26 5.08 -27.47
CA ALA G 111 1.37 5.82 -26.90
C ALA G 111 1.74 7.00 -27.76
N ILE G 112 1.84 6.79 -29.07
CA ILE G 112 2.17 7.86 -29.99
C ILE G 112 1.16 8.99 -29.90
N THR G 113 -0.12 8.68 -30.11
CA THR G 113 -1.13 9.73 -30.06
C THR G 113 -1.14 10.47 -28.72
N ALA G 114 -0.83 9.79 -27.62
CA ALA G 114 -0.76 10.49 -26.34
C ALA G 114 0.52 11.29 -26.22
N ARG G 115 1.65 10.69 -26.53
CA ARG G 115 2.92 11.39 -26.61
C ARG G 115 2.92 12.44 -27.72
N HIS G 116 1.94 12.42 -28.61
CA HIS G 116 1.77 13.43 -29.65
C HIS G 116 0.84 14.53 -29.19
N GLU G 117 -0.38 14.16 -28.77
CA GLU G 117 -1.36 15.15 -28.35
C GLU G 117 -0.92 15.87 -27.09
N ALA G 118 -0.16 15.21 -26.23
CA ALA G 118 0.45 15.88 -25.10
C ALA G 118 1.31 17.04 -25.59
N LEU G 119 2.30 16.74 -26.41
CA LEU G 119 3.22 17.76 -26.88
C LEU G 119 2.51 18.84 -27.68
N LEU G 120 1.43 18.48 -28.37
CA LEU G 120 0.58 19.51 -28.95
C LEU G 120 -0.06 20.35 -27.86
N GLN G 121 -0.50 19.69 -26.80
CA GLN G 121 -1.20 20.37 -25.71
C GLN G 121 -0.23 21.17 -24.85
N GLN G 122 1.02 20.73 -24.77
CA GLN G 122 2.02 21.43 -23.98
C GLN G 122 2.54 22.65 -24.72
N TYR G 123 2.70 22.53 -26.05
CA TYR G 123 2.96 23.70 -26.85
C TYR G 123 1.90 24.76 -26.63
N ALA G 124 0.64 24.33 -26.62
CA ALA G 124 -0.44 25.31 -26.50
C ALA G 124 -0.41 26.01 -25.16
N ASP G 125 -0.29 25.25 -24.06
CA ASP G 125 -0.32 25.88 -22.73
C ASP G 125 0.81 26.88 -22.57
N VAL G 126 1.94 26.65 -23.21
CA VAL G 126 3.00 27.66 -23.17
C VAL G 126 2.72 28.78 -24.17
N ALA G 127 1.98 28.50 -25.23
CA ALA G 127 1.73 29.49 -26.26
C ALA G 127 0.54 30.39 -25.95
N TRP G 128 -0.41 29.93 -25.15
CA TRP G 128 -1.53 30.78 -24.78
C TRP G 128 -1.07 31.88 -23.82
N ALA G 129 -0.06 31.61 -23.00
CA ALA G 129 0.48 32.64 -22.15
C ALA G 129 1.12 33.77 -22.97
N VAL G 130 1.59 33.46 -24.18
CA VAL G 130 2.15 34.49 -25.04
C VAL G 130 1.10 35.56 -25.30
N ALA G 131 -0.07 35.13 -25.76
CA ALA G 131 -1.18 36.07 -25.94
C ALA G 131 -1.59 36.66 -24.61
N GLN G 132 -1.44 35.91 -23.52
CA GLN G 132 -1.90 36.39 -22.22
C GLN G 132 -1.14 37.64 -21.76
N HIS G 133 0.08 37.83 -22.22
CA HIS G 133 0.85 39.04 -21.91
C HIS G 133 0.82 40.07 -23.02
N VAL G 134 0.95 39.65 -24.28
CA VAL G 134 0.89 40.60 -25.39
C VAL G 134 -0.51 41.24 -25.45
N ASN G 135 -1.52 40.41 -25.60
CA ASN G 135 -2.89 40.84 -25.32
C ASN G 135 -3.08 40.82 -23.79
N PRO G 136 -3.75 41.82 -23.20
CA PRO G 136 -4.16 41.66 -21.80
C PRO G 136 -5.17 40.56 -21.56
N ALA G 137 -5.78 40.00 -22.61
CA ALA G 137 -6.75 38.92 -22.51
C ALA G 137 -6.18 37.68 -23.16
N LEU G 138 -5.99 36.63 -22.38
CA LEU G 138 -5.96 35.29 -22.98
C LEU G 138 -7.33 35.05 -23.61
N LEU G 139 -7.34 34.85 -24.92
CA LEU G 139 -8.52 35.13 -25.70
C LEU G 139 -9.65 34.15 -25.38
N ALA G 140 -10.87 34.53 -25.77
CA ALA G 140 -12.02 33.64 -25.67
C ALA G 140 -11.97 32.52 -26.69
N ARG G 141 -11.01 32.54 -27.61
CA ARG G 141 -10.68 31.40 -28.46
C ARG G 141 -9.61 30.53 -27.82
N ALA G 142 -9.51 30.54 -26.49
CA ALA G 142 -8.42 29.83 -25.81
C ALA G 142 -8.67 28.33 -25.79
N TYR G 143 -9.75 27.91 -25.14
CA TYR G 143 -10.05 26.49 -24.96
C TYR G 143 -11.54 26.29 -25.16
N THR G 144 -11.96 25.04 -24.96
CA THR G 144 -13.39 24.73 -24.94
C THR G 144 -14.12 25.61 -23.93
N SER G 145 -13.50 25.86 -22.78
CA SER G 145 -14.00 26.79 -21.78
C SER G 145 -15.44 26.46 -21.36
N SER G 146 -15.78 25.18 -21.35
CA SER G 146 -17.14 24.75 -21.11
C SER G 146 -17.65 25.11 -19.73
N GLY G 147 -17.05 24.51 -18.71
CA GLY G 147 -17.45 24.74 -17.34
C GLY G 147 -17.45 23.47 -16.53
N PRO G 148 -17.89 23.56 -15.28
CA PRO G 148 -17.97 22.37 -14.43
C PRO G 148 -19.04 21.39 -14.87
N ARG G 149 -19.17 20.27 -14.16
CA ARG G 149 -20.10 19.23 -14.58
C ARG G 149 -21.54 19.62 -14.30
N PHE G 150 -21.79 20.36 -13.22
CA PHE G 150 -23.14 20.83 -12.97
C PHE G 150 -23.58 21.91 -13.96
N PHE G 151 -22.66 22.45 -14.73
CA PHE G 151 -22.97 23.30 -15.86
C PHE G 151 -23.10 22.47 -17.14
N PHE G 152 -23.87 21.39 -17.03
CA PHE G 152 -24.30 20.59 -18.16
C PHE G 152 -25.79 20.67 -18.36
N TYR G 153 -26.56 20.95 -17.30
CA TYR G 153 -27.97 21.26 -17.46
C TYR G 153 -28.18 22.46 -18.36
N VAL G 154 -27.18 23.33 -18.49
CA VAL G 154 -27.26 24.48 -19.37
C VAL G 154 -26.45 24.23 -20.64
N VAL G 155 -25.27 23.65 -20.51
CA VAL G 155 -24.31 23.58 -21.60
C VAL G 155 -23.71 22.18 -21.62
N PRO G 156 -24.29 21.24 -22.35
CA PRO G 156 -23.64 19.97 -22.58
C PRO G 156 -22.28 20.19 -23.20
N PRO G 157 -21.30 19.33 -22.90
CA PRO G 157 -19.99 19.48 -23.52
C PRO G 157 -19.98 19.19 -24.99
N GLN G 158 -20.98 18.45 -25.49
CA GLN G 158 -21.12 18.23 -26.93
C GLN G 158 -21.02 19.53 -27.72
N TYR G 159 -21.74 20.56 -27.25
CA TYR G 159 -21.62 21.88 -27.85
C TYR G 159 -20.18 22.35 -27.77
N ALA G 160 -19.53 22.10 -26.66
CA ALA G 160 -18.22 22.66 -26.43
C ALA G 160 -17.18 22.04 -27.34
N ARG G 161 -17.23 20.72 -27.53
CA ARG G 161 -16.25 20.06 -28.38
C ARG G 161 -16.43 20.47 -29.84
N GLN G 162 -17.64 20.88 -30.22
CA GLN G 162 -17.79 21.51 -31.54
C GLN G 162 -17.41 22.99 -31.55
N VAL G 163 -17.24 23.61 -30.39
CA VAL G 163 -16.61 24.93 -30.34
C VAL G 163 -15.09 24.79 -30.37
N ASN G 164 -14.55 23.95 -29.51
CA ASN G 164 -13.10 23.80 -29.38
C ASN G 164 -12.48 23.29 -30.67
N GLU G 165 -13.02 22.19 -31.22
CA GLU G 165 -12.45 21.63 -32.42
C GLU G 165 -12.48 22.62 -33.59
N GLN G 166 -13.63 23.24 -33.81
CA GLN G 166 -13.84 24.10 -34.97
C GLN G 166 -13.43 25.54 -34.74
N ALA G 167 -12.78 25.85 -33.60
CA ALA G 167 -12.26 27.19 -33.36
C ALA G 167 -10.80 27.22 -32.94
N VAL G 168 -10.36 26.27 -32.14
CA VAL G 168 -9.06 26.37 -31.49
C VAL G 168 -7.98 25.77 -32.40
N PRO G 169 -6.82 26.41 -32.57
CA PRO G 169 -5.76 25.82 -33.39
C PRO G 169 -4.88 24.90 -32.57
N PRO G 170 -4.41 23.77 -33.13
CA PRO G 170 -3.45 22.95 -32.38
C PRO G 170 -2.08 23.60 -32.29
N LEU G 171 -1.54 24.01 -33.45
CA LEU G 171 -0.24 24.64 -33.53
C LEU G 171 -0.25 25.79 -34.54
N GLN G 172 -1.42 26.35 -34.82
CA GLN G 172 -1.55 27.66 -35.46
C GLN G 172 -1.84 28.72 -34.41
N VAL G 173 -1.21 28.56 -33.25
CA VAL G 173 -1.53 29.37 -32.07
C VAL G 173 -0.74 30.67 -32.06
N VAL G 174 0.52 30.63 -32.50
CA VAL G 174 1.38 31.81 -32.47
C VAL G 174 1.42 32.47 -33.86
N ARG G 175 1.26 31.66 -34.91
CA ARG G 175 1.01 32.26 -36.21
C ARG G 175 -0.28 33.07 -36.20
N TYR G 176 -1.25 32.63 -35.40
CA TYR G 176 -2.42 33.45 -35.12
C TYR G 176 -2.02 34.79 -34.52
N LEU G 177 -0.98 34.80 -33.68
CA LEU G 177 -0.49 36.03 -33.07
C LEU G 177 0.35 36.87 -34.03
N ALA G 178 0.59 36.37 -35.24
CA ALA G 178 1.10 37.26 -36.29
C ALA G 178 0.03 38.22 -36.80
N ALA G 179 -1.25 37.86 -36.63
CA ALA G 179 -2.34 38.77 -36.98
C ALA G 179 -2.47 39.91 -35.98
N GLN G 180 -2.00 39.72 -34.76
CA GLN G 180 -2.06 40.77 -33.73
C GLN G 180 -0.93 41.76 -33.93
#